data_9J84
#
_entry.id   9J84
#
loop_
_entity.id
_entity.type
_entity.pdbx_description
1 polymer 'Maltose/maltodextrin-binding periplasmic protein,Transient receptor potential cation channel subfamily M member 3'
2 non-polymer ~{N}-[(3~{S})-3-(hydroxymethyl)piperidin-3-yl]-6-[(4-methyl-1,3-thiazol-5-yl)methoxy]-2,3-dihydro-1,4-benzoxazine-4-carboxamide
#
_entity_poly.entity_id   1
_entity_poly.type   'polypeptide(L)'
_entity_poly.pdbx_seq_one_letter_code
;ATMGMGSSHHHHHHGSSMKIEEGKLVIWINGDKGYNGLAEVGKKFEKDTGIKVTVEHPDKLEEKFPQVAATGDGPDIIFW
AHDRFGGYAQSGLLAEITPDKAFQDKLYPFTWDAVRYNGKLIAYPIAVEALSLIYNKDLLPNPPKTWEEIPALDKELKAK
GKSALMFNLQEPYFTWPLIAADGGYAFKYENGKYDIKDVGVDNAGAKAGLTFLVDLIKNKHMNADTDYSIAEAAFNKGET
AMTINGPWAWSNIDTSKVNYGVTVLPTFKGQPSKPFVGVLSAGINAASPNKELAKEFLENYLLTDEGLEAVNKDKPLGAV
ALKSYEEELAKDPRIAATMENAQKGEIMPNIPQMSAFWYAVRTAVINAASGRQTVDEALKDAQTNSSSNNNNNNNNNNLG
IELEVLFQGPQSEKWSISKHTQLSPTDAFGTIEFQGGGHSNKAMYVRVSFDTKPDLLLHLMTKEWQLELPKLLISVHGGL
QNFELQPKLKQVFGKGLIKAAMTTGAWIFTGGVNTGVIRHVGDALKDHASKSRGKICTIGIAPWGIVENQEDLIGRDVVR
PYQTMSNPMSKLTVLNSMHSHFILADNGTTGKYGAEVKLRRQLEKHISLQKINTRCLPFFSLDSRLFYSFWGSCQLDSVG
IGQGVPVVALIVEGGPNVISIVLEYLRDTPPVPVVVCDGSGRASDILAFGHKYSEEGGLINESLRDQLLVTIQKTFTYTR
TQAQHLFIILMECMKKKELITVFRMGSEGHQDIDLAILTALLKGANASAPDQLSLALAWNRVDIARSQIFIYGQQWPVGS
LEQAMLDALVLDRVDFVKLLIENGVSMHRFLTISRLEELYNTRHGPSNTLYHLVRDVKKGNLPPDYRISLIDIGLVIEYL
MGGAYRCNYTRKRFRTLYHNLFGPKRPKALKLLGMEDDIPLRRGRKTTKKREEEVDIDLDDPEINHFPFPFHELMVWAVL
MKRQKMALFFWQHGEEAMAKALVACKLCKAMAHEASENDMVDDISQELNHNSRDFGQLAVELLDQSYKQDEQLAMKLLTY
ELKNWSNATCLQLAVAAKHRDFIAHTCSQMLLTDMWMGRLRMRKNSGLKVILGILLPPSILSLEFKNKDDMPYMSQAQEI
HLQEKEAEEPEKPTKEKEEEDMELTAMLGRNNGESSRKKDEEEVQSKHRLIPLGRKIYEFYNAPIVKFWFYTLAYIGYLM
LFNYIVLVKMERWPSTQEWIVISYIFTLGIEKMREILMSEPGKLLQKVKVWLQEYWNVTDLIAILLFSVGMILRLQDQPF
RSDGRVIYCVNIIYWYIRLLDIFGVNKYLGPYVMMIGKMMIDMMYFVIIMLVVLMSFGVARQAILFPNEEPSWKLAKNIF
YMPYWMIYGEVFADQIDPPCGQNETREDGKIIQLPPCKTGAWIVPAIMACYLLVANILLVNLLIAVFNNTFFEVKSISNQ
VWKFQRYQLIMTFHERPVLPPPLIIFSHMTMIFQHLCCRWRKHESDPDERDYGLKLFITDDELKKVHDFEEQCIEEYFRE
KDDRFNSSNDERIRVTSERVENMSMRLEEVNEREHSMKASLQTVDIRLAQLEDLIGRMATALERLTGLERAESNKIRSRT
SSDCTDAAYI
;
_entity_poly.pdbx_strand_id   A,B,C,D
#
# COMPACT_ATOMS: atom_id res chain seq x y z
N ASP A 754 1.38 -24.20 -46.28
CA ASP A 754 2.09 -24.70 -47.45
C ASP A 754 2.14 -23.62 -48.53
N LEU A 755 2.57 -22.42 -48.14
CA LEU A 755 2.56 -21.28 -49.05
C LEU A 755 3.91 -21.07 -49.70
N ALA A 756 4.98 -21.63 -49.13
CA ALA A 756 6.33 -21.37 -49.63
C ALA A 756 6.58 -22.02 -50.98
N ILE A 757 6.17 -23.28 -51.14
CA ILE A 757 6.31 -23.93 -52.45
C ILE A 757 5.31 -23.35 -53.45
N LEU A 758 4.18 -22.81 -52.95
CA LEU A 758 3.24 -22.12 -53.81
C LEU A 758 3.84 -20.87 -54.43
N THR A 759 4.60 -20.11 -53.63
CA THR A 759 5.34 -18.99 -54.22
C THR A 759 6.54 -19.45 -55.03
N ALA A 760 7.14 -20.59 -54.66
CA ALA A 760 8.29 -21.10 -55.40
C ALA A 760 7.90 -21.59 -56.79
N LEU A 761 6.62 -21.95 -56.98
CA LEU A 761 6.10 -22.18 -58.32
C LEU A 761 6.22 -20.94 -59.19
N LEU A 762 5.85 -19.79 -58.64
CA LEU A 762 5.97 -18.54 -59.39
C LEU A 762 7.42 -18.12 -59.54
N LYS A 763 8.26 -18.45 -58.55
CA LYS A 763 9.68 -18.18 -58.69
C LYS A 763 10.33 -19.10 -59.70
N GLY A 764 9.83 -20.32 -59.83
CA GLY A 764 10.31 -21.24 -60.86
C GLY A 764 9.69 -21.04 -62.23
N ALA A 765 8.81 -20.05 -62.38
CA ALA A 765 8.14 -19.82 -63.66
C ALA A 765 9.08 -19.22 -64.69
N ASN A 766 10.12 -18.52 -64.25
CA ASN A 766 11.05 -17.87 -65.17
C ASN A 766 12.45 -17.77 -64.57
N ALA A 767 13.31 -16.94 -65.17
CA ALA A 767 14.71 -16.90 -64.77
C ALA A 767 15.29 -15.49 -64.64
N SER A 768 14.51 -14.43 -64.82
CA SER A 768 15.04 -13.08 -64.67
C SER A 768 15.22 -12.77 -63.19
N ALA A 769 16.43 -13.04 -62.68
CA ALA A 769 16.76 -12.93 -61.26
C ALA A 769 16.63 -11.53 -60.65
N PRO A 770 16.99 -10.41 -61.33
CA PRO A 770 16.63 -9.12 -60.73
C PRO A 770 15.13 -8.86 -60.71
N ASP A 771 14.41 -9.25 -61.76
CA ASP A 771 12.96 -9.16 -61.73
C ASP A 771 12.37 -10.14 -60.73
N GLN A 772 13.04 -11.27 -60.52
CA GLN A 772 12.61 -12.22 -59.48
C GLN A 772 12.77 -11.61 -58.09
N LEU A 773 13.88 -10.91 -57.85
CA LEU A 773 14.08 -10.26 -56.57
C LEU A 773 13.10 -9.09 -56.39
N SER A 774 12.77 -8.41 -57.49
CA SER A 774 11.76 -7.36 -57.46
C SER A 774 10.39 -7.91 -57.11
N LEU A 775 10.02 -9.05 -57.69
CA LEU A 775 8.74 -9.68 -57.39
C LEU A 775 8.70 -10.19 -55.95
N ALA A 776 9.84 -10.71 -55.47
CA ALA A 776 9.93 -11.16 -54.09
C ALA A 776 9.82 -10.00 -53.11
N LEU A 777 10.34 -8.83 -53.49
CA LEU A 777 10.11 -7.62 -52.71
C LEU A 777 8.65 -7.18 -52.80
N ALA A 778 7.99 -7.46 -53.93
CA ALA A 778 6.61 -7.03 -54.12
C ALA A 778 5.64 -7.83 -53.26
N TRP A 779 5.80 -9.15 -53.22
CA TRP A 779 4.87 -9.96 -52.41
C TRP A 779 5.18 -9.91 -50.93
N ASN A 780 6.34 -9.37 -50.54
CA ASN A 780 6.72 -9.08 -49.16
C ASN A 780 6.76 -10.36 -48.31
N ARG A 781 7.64 -11.27 -48.72
CA ARG A 781 7.90 -12.52 -48.00
C ARG A 781 9.41 -12.75 -48.07
N VAL A 782 10.11 -12.32 -47.02
CA VAL A 782 11.57 -12.30 -47.05
C VAL A 782 12.17 -13.70 -46.92
N ASP A 783 11.40 -14.67 -46.39
CA ASP A 783 11.92 -16.03 -46.23
C ASP A 783 12.12 -16.69 -47.58
N ILE A 784 11.29 -16.34 -48.57
CA ILE A 784 11.41 -16.94 -49.89
C ILE A 784 12.69 -16.48 -50.58
N ALA A 785 13.00 -15.19 -50.50
CA ALA A 785 14.23 -14.67 -51.08
C ALA A 785 15.44 -15.13 -50.29
N ARG A 786 15.28 -15.32 -48.98
CA ARG A 786 16.39 -15.82 -48.18
C ARG A 786 16.66 -17.29 -48.45
N SER A 787 15.64 -18.04 -48.89
CA SER A 787 15.81 -19.46 -49.14
C SER A 787 16.24 -19.76 -50.57
N GLN A 788 15.69 -19.07 -51.56
CA GLN A 788 15.85 -19.47 -52.95
C GLN A 788 16.76 -18.54 -53.75
N ILE A 789 16.64 -17.22 -53.55
CA ILE A 789 17.33 -16.29 -54.45
C ILE A 789 18.79 -16.15 -54.10
N PHE A 790 19.08 -15.70 -52.87
CA PHE A 790 20.45 -15.42 -52.46
C PHE A 790 21.17 -16.72 -52.14
N ILE A 791 21.63 -17.38 -53.20
CA ILE A 791 22.35 -18.64 -53.10
C ILE A 791 23.69 -18.49 -53.80
N TYR A 792 24.48 -19.57 -53.76
CA TYR A 792 25.80 -19.55 -54.37
C TYR A 792 25.69 -19.66 -55.88
N GLY A 793 26.45 -18.80 -56.57
CA GLY A 793 26.53 -18.85 -58.02
C GLY A 793 25.52 -17.99 -58.76
N GLN A 794 24.79 -17.13 -58.06
CA GLN A 794 23.79 -16.28 -58.70
C GLN A 794 24.49 -15.16 -59.48
N GLN A 795 23.99 -14.88 -60.68
CA GLN A 795 24.54 -13.82 -61.51
C GLN A 795 23.83 -12.50 -61.20
N TRP A 796 24.61 -11.42 -61.17
CA TRP A 796 24.07 -10.10 -60.87
C TRP A 796 24.67 -9.07 -61.81
N PRO A 797 23.84 -8.30 -62.52
CA PRO A 797 24.37 -7.16 -63.28
C PRO A 797 24.68 -6.00 -62.36
N VAL A 798 25.40 -5.01 -62.92
CA VAL A 798 25.74 -3.83 -62.15
C VAL A 798 24.54 -2.91 -62.06
N GLY A 799 24.40 -2.24 -60.91
CA GLY A 799 23.28 -1.34 -60.68
C GLY A 799 22.00 -2.02 -60.24
N SER A 800 21.91 -3.35 -60.31
CA SER A 800 20.70 -4.04 -59.88
C SER A 800 20.56 -4.04 -58.36
N LEU A 801 21.68 -4.23 -57.66
CA LEU A 801 21.65 -4.22 -56.19
C LEU A 801 21.34 -2.82 -55.67
N GLU A 802 21.82 -1.79 -56.34
CA GLU A 802 21.56 -0.42 -55.91
C GLU A 802 20.10 -0.06 -56.10
N GLN A 803 19.53 -0.41 -57.25
CA GLN A 803 18.12 -0.15 -57.51
C GLN A 803 17.22 -0.97 -56.60
N ALA A 804 17.66 -2.20 -56.28
CA ALA A 804 16.93 -3.03 -55.34
C ALA A 804 16.95 -2.44 -53.93
N MET A 805 18.11 -1.92 -53.50
CA MET A 805 18.21 -1.25 -52.21
C MET A 805 17.33 0.00 -52.17
N LEU A 806 17.28 0.75 -53.27
CA LEU A 806 16.43 1.94 -53.33
C LEU A 806 14.96 1.57 -53.23
N ASP A 807 14.53 0.58 -54.01
CA ASP A 807 13.13 0.15 -53.97
C ASP A 807 12.76 -0.49 -52.64
N ALA A 808 13.74 -1.08 -51.95
CA ALA A 808 13.47 -1.61 -50.62
C ALA A 808 13.39 -0.52 -49.56
N LEU A 809 14.20 0.53 -49.70
CA LEU A 809 14.18 1.60 -48.71
C LEU A 809 12.93 2.45 -48.84
N VAL A 810 12.43 2.65 -50.06
CA VAL A 810 11.31 3.58 -50.22
C VAL A 810 9.98 2.98 -49.75
N LEU A 811 9.91 1.69 -49.47
CA LEU A 811 8.63 1.04 -49.21
C LEU A 811 8.54 0.37 -47.84
N ASP A 812 9.37 0.81 -46.88
CA ASP A 812 9.34 0.35 -45.47
C ASP A 812 9.56 -1.16 -45.37
N ARG A 813 10.73 -1.60 -45.81
CA ARG A 813 11.08 -3.02 -45.75
C ARG A 813 12.27 -3.17 -44.80
N VAL A 814 12.04 -3.84 -43.68
CA VAL A 814 13.09 -4.01 -42.69
C VAL A 814 14.05 -5.12 -43.09
N ASP A 815 13.51 -6.34 -43.25
CA ASP A 815 14.35 -7.51 -43.38
C ASP A 815 15.03 -7.57 -44.75
N PHE A 816 14.40 -7.00 -45.78
CA PHE A 816 15.02 -6.94 -47.10
C PHE A 816 16.25 -6.05 -47.10
N VAL A 817 16.17 -4.88 -46.48
CA VAL A 817 17.33 -4.02 -46.36
C VAL A 817 18.39 -4.66 -45.48
N LYS A 818 17.95 -5.38 -44.43
CA LYS A 818 18.90 -6.12 -43.59
C LYS A 818 19.65 -7.17 -44.39
N LEU A 819 18.96 -7.90 -45.26
CA LEU A 819 19.59 -8.99 -45.98
C LEU A 819 20.44 -8.48 -47.13
N LEU A 820 20.04 -7.36 -47.76
CA LEU A 820 20.85 -6.76 -48.80
C LEU A 820 22.12 -6.13 -48.25
N ILE A 821 22.05 -5.51 -47.06
CA ILE A 821 23.27 -5.06 -46.40
C ILE A 821 24.12 -6.25 -46.00
N GLU A 822 23.49 -7.36 -45.62
CA GLU A 822 24.23 -8.57 -45.28
C GLU A 822 24.78 -9.29 -46.51
N ASN A 823 24.52 -8.80 -47.72
CA ASN A 823 24.94 -9.48 -48.94
C ASN A 823 25.58 -8.52 -49.94
N GLY A 824 26.53 -7.71 -49.49
CA GLY A 824 27.39 -7.00 -50.43
C GLY A 824 27.17 -5.52 -50.57
N VAL A 825 25.97 -5.04 -50.24
CA VAL A 825 25.66 -3.63 -50.40
C VAL A 825 26.34 -2.83 -49.31
N SER A 826 27.21 -1.91 -49.71
CA SER A 826 27.91 -1.03 -48.79
C SER A 826 27.37 0.39 -48.93
N MET A 827 26.87 0.95 -47.82
CA MET A 827 26.24 2.25 -47.87
C MET A 827 27.22 3.40 -48.06
N HIS A 828 28.51 3.16 -47.78
CA HIS A 828 29.51 4.21 -48.00
C HIS A 828 29.78 4.43 -49.48
N ARG A 829 29.43 3.46 -50.33
CA ARG A 829 29.55 3.62 -51.77
C ARG A 829 28.21 3.84 -52.46
N PHE A 830 27.10 3.61 -51.78
CA PHE A 830 25.79 3.73 -52.40
C PHE A 830 25.30 5.18 -52.42
N LEU A 831 25.12 5.77 -51.25
CA LEU A 831 24.26 6.93 -51.12
C LEU A 831 24.95 8.19 -51.61
N THR A 832 24.33 8.86 -52.59
CA THR A 832 24.75 10.16 -53.07
C THR A 832 23.73 11.21 -52.65
N ILE A 833 24.04 12.46 -52.97
CA ILE A 833 23.16 13.57 -52.61
C ILE A 833 21.88 13.51 -53.42
N SER A 834 21.98 13.10 -54.68
CA SER A 834 20.81 13.08 -55.57
C SER A 834 19.82 12.00 -55.18
N ARG A 835 20.32 10.82 -54.80
CA ARG A 835 19.42 9.75 -54.42
C ARG A 835 18.80 10.01 -53.06
N LEU A 836 19.51 10.71 -52.18
CA LEU A 836 18.91 11.13 -50.92
C LEU A 836 17.84 12.18 -51.16
N GLU A 837 18.05 13.06 -52.13
CA GLU A 837 17.01 14.01 -52.53
C GLU A 837 15.80 13.28 -53.08
N GLU A 838 16.03 12.21 -53.83
CA GLU A 838 14.94 11.37 -54.32
C GLU A 838 14.21 10.69 -53.16
N LEU A 839 14.94 10.28 -52.11
CA LEU A 839 14.31 9.72 -50.92
C LEU A 839 13.45 10.74 -50.19
N TYR A 840 13.90 11.98 -50.13
CA TYR A 840 13.08 13.01 -49.52
C TYR A 840 11.94 13.47 -50.43
N ASN A 841 11.99 13.15 -51.72
CA ASN A 841 10.90 13.50 -52.61
C ASN A 841 10.15 12.30 -53.17
N THR A 842 9.84 11.30 -52.35
CA THR A 842 9.05 10.16 -52.79
C THR A 842 7.56 10.47 -52.69
N ARG A 843 6.75 9.45 -52.98
CA ARG A 843 5.31 9.57 -52.84
C ARG A 843 4.65 8.33 -52.24
N HIS A 844 5.40 7.48 -51.55
CA HIS A 844 4.88 6.24 -51.00
C HIS A 844 4.77 6.23 -49.49
N GLY A 845 4.78 7.39 -48.84
CA GLY A 845 4.85 7.45 -47.40
C GLY A 845 3.56 7.01 -46.73
N PRO A 846 3.72 6.38 -45.55
CA PRO A 846 2.53 6.00 -44.75
C PRO A 846 1.76 7.20 -44.24
N SER A 847 2.44 8.06 -43.49
CA SER A 847 1.83 9.24 -42.89
C SER A 847 2.94 10.19 -42.47
N ASN A 848 2.90 11.43 -42.95
CA ASN A 848 3.98 12.36 -42.69
C ASN A 848 3.43 13.75 -42.39
N THR A 849 4.19 14.52 -41.63
CA THR A 849 3.91 15.94 -41.40
C THR A 849 5.00 16.83 -41.97
N LEU A 850 5.64 16.41 -43.07
CA LEU A 850 6.79 17.12 -43.59
C LEU A 850 6.41 18.41 -44.32
N TYR A 851 5.37 18.35 -45.16
CA TYR A 851 5.00 19.50 -45.98
C TYR A 851 4.45 20.64 -45.13
N HIS A 852 3.84 20.30 -43.99
CA HIS A 852 3.41 21.32 -43.05
C HIS A 852 4.60 22.08 -42.47
N LEU A 853 5.68 21.37 -42.19
CA LEU A 853 6.88 22.04 -41.69
C LEU A 853 7.57 22.83 -42.79
N VAL A 854 7.49 22.36 -44.03
CA VAL A 854 8.01 23.12 -45.17
C VAL A 854 7.26 24.45 -45.32
N ARG A 855 5.93 24.40 -45.26
CA ARG A 855 5.12 25.61 -45.38
C ARG A 855 5.22 26.48 -44.13
N ASP A 856 5.63 25.88 -42.99
CA ASP A 856 5.79 26.68 -41.78
C ASP A 856 7.17 27.34 -41.71
N VAL A 857 8.17 26.77 -42.38
CA VAL A 857 9.48 27.41 -42.39
C VAL A 857 9.60 28.42 -43.52
N ILE A 868 11.45 19.50 -53.03
CA ILE A 868 11.92 20.19 -51.84
C ILE A 868 13.42 20.09 -51.63
N SER A 869 14.08 21.24 -51.57
CA SER A 869 15.54 21.35 -51.50
C SER A 869 16.04 20.98 -50.10
N LEU A 870 17.28 20.48 -50.07
CA LEU A 870 17.85 20.00 -48.82
C LEU A 870 18.22 21.16 -47.89
N ILE A 871 18.50 22.34 -48.44
CA ILE A 871 18.76 23.51 -47.62
C ILE A 871 17.50 23.89 -46.86
N ASP A 872 16.34 23.78 -47.51
CA ASP A 872 15.07 23.95 -46.82
C ASP A 872 14.86 22.90 -45.75
N ILE A 873 15.34 21.68 -45.98
CA ILE A 873 15.24 20.62 -44.98
C ILE A 873 16.09 20.96 -43.76
N GLY A 874 17.28 21.51 -43.98
CA GLY A 874 18.11 21.94 -42.87
C GLY A 874 17.50 23.10 -42.11
N LEU A 875 16.79 23.99 -42.83
CA LEU A 875 16.08 25.07 -42.15
C LEU A 875 14.93 24.52 -41.32
N VAL A 876 14.27 23.45 -41.80
CA VAL A 876 13.23 22.79 -41.02
C VAL A 876 13.81 22.17 -39.75
N ILE A 877 14.99 21.55 -39.86
CA ILE A 877 15.61 20.93 -38.70
C ILE A 877 16.04 21.98 -37.67
N GLU A 878 16.59 23.10 -38.14
CA GLU A 878 16.95 24.19 -37.24
C GLU A 878 15.73 24.83 -36.60
N TYR A 879 14.60 24.87 -37.32
CA TYR A 879 13.38 25.39 -36.72
C TYR A 879 12.82 24.42 -35.70
N LEU A 880 13.03 23.12 -35.89
CA LEU A 880 12.50 22.14 -34.95
C LEU A 880 13.31 22.10 -33.67
N MET A 881 14.65 22.09 -33.78
CA MET A 881 15.44 22.07 -32.56
C MET A 881 15.46 23.40 -31.85
N GLY A 882 15.66 24.49 -32.59
CA GLY A 882 15.68 25.79 -31.96
C GLY A 882 17.03 26.07 -31.30
N GLY A 883 17.05 27.17 -30.55
CA GLY A 883 18.30 27.63 -29.98
C GLY A 883 19.19 28.18 -31.08
N ALA A 884 20.50 28.15 -30.82
CA ALA A 884 21.49 28.58 -31.80
C ALA A 884 22.06 27.41 -32.57
N TYR A 885 21.23 26.38 -32.79
CA TYR A 885 21.68 25.17 -33.47
C TYR A 885 21.91 25.46 -34.94
N ARG A 886 23.15 25.31 -35.39
CA ARG A 886 23.54 25.63 -36.76
C ARG A 886 23.89 24.33 -37.48
N CYS A 887 22.91 23.75 -38.16
CA CYS A 887 23.06 22.43 -38.76
C CYS A 887 24.04 22.47 -39.94
N ASN A 888 24.57 21.29 -40.28
CA ASN A 888 25.64 21.19 -41.26
C ASN A 888 25.16 21.47 -42.67
N TYR A 889 23.84 21.40 -42.92
CA TYR A 889 23.33 21.78 -44.22
C TYR A 889 23.44 23.28 -44.44
N THR A 890 23.33 24.07 -43.38
CA THR A 890 23.39 25.52 -43.51
C THR A 890 24.80 26.08 -43.36
N ARG A 891 25.83 25.24 -43.47
CA ARG A 891 27.19 25.74 -43.43
C ARG A 891 27.56 26.33 -44.79
N LYS A 892 28.74 26.96 -44.84
CA LYS A 892 29.23 27.48 -46.11
C LYS A 892 29.97 26.44 -46.92
N ARG A 893 30.26 25.27 -46.33
CA ARG A 893 30.96 24.23 -47.06
C ARG A 893 30.01 23.34 -47.85
N PHE A 894 28.75 23.23 -47.41
CA PHE A 894 27.75 22.44 -48.11
C PHE A 894 26.93 23.26 -49.09
N ARG A 895 26.80 24.57 -48.84
CA ARG A 895 25.92 25.40 -49.65
C ARG A 895 26.48 25.66 -51.03
N THR A 896 27.79 25.93 -51.13
CA THR A 896 28.39 26.19 -52.42
C THR A 896 28.50 24.91 -53.25
N LEU A 897 28.55 23.75 -52.60
CA LEU A 897 28.57 22.48 -53.33
C LEU A 897 27.19 22.09 -53.85
N TYR A 898 26.14 22.80 -53.47
CA TYR A 898 24.81 22.52 -53.94
C TYR A 898 24.47 23.29 -55.22
N HIS A 899 25.46 24.00 -55.78
CA HIS A 899 25.20 24.84 -56.95
C HIS A 899 25.00 24.03 -58.23
N ASN A 900 25.54 22.81 -58.31
CA ASN A 900 25.48 22.04 -59.54
C ASN A 900 24.07 21.53 -59.80
N LEU A 901 23.55 20.70 -58.91
CA LEU A 901 22.20 20.17 -59.10
C LEU A 901 21.16 21.11 -58.50
N ASP A 941 36.51 15.84 -57.03
CA ASP A 941 36.79 14.46 -56.67
C ASP A 941 35.53 13.62 -56.82
N PRO A 942 35.66 12.30 -56.98
CA PRO A 942 34.46 11.45 -56.97
C PRO A 942 33.81 11.31 -55.60
N GLU A 943 34.49 11.69 -54.53
CA GLU A 943 33.97 11.56 -53.16
C GLU A 943 33.39 12.88 -52.66
N ILE A 944 32.83 13.69 -53.57
CA ILE A 944 32.24 14.96 -53.15
C ILE A 944 30.73 14.88 -53.05
N ASN A 945 30.10 13.78 -53.46
CA ASN A 945 28.70 13.55 -53.18
C ASN A 945 28.45 12.44 -52.17
N HIS A 946 29.50 11.97 -51.51
CA HIS A 946 29.36 10.92 -50.51
C HIS A 946 29.44 11.50 -49.10
N PHE A 947 28.47 11.14 -48.27
CA PHE A 947 28.65 11.54 -46.88
C PHE A 947 29.67 10.63 -46.21
N PRO A 948 30.64 11.19 -45.50
CA PRO A 948 31.56 10.35 -44.72
C PRO A 948 30.88 9.69 -43.54
N PHE A 949 29.84 10.30 -42.99
CA PHE A 949 29.04 9.73 -41.90
C PHE A 949 27.60 9.61 -42.35
N PRO A 950 27.30 8.68 -43.27
CA PRO A 950 25.97 8.66 -43.88
C PRO A 950 24.87 8.16 -42.97
N PHE A 951 25.22 7.39 -41.93
CA PHE A 951 24.25 6.89 -40.98
C PHE A 951 23.56 8.00 -40.19
N HIS A 952 24.20 9.16 -40.03
CA HIS A 952 23.52 10.29 -39.42
C HIS A 952 22.39 10.80 -40.31
N GLU A 953 22.65 10.93 -41.61
CA GLU A 953 21.59 11.31 -42.53
C GLU A 953 20.50 10.26 -42.63
N LEU A 954 20.85 8.98 -42.56
CA LEU A 954 19.80 7.97 -42.57
C LEU A 954 19.00 7.98 -41.27
N MET A 955 19.64 8.32 -40.15
CA MET A 955 18.93 8.49 -38.89
C MET A 955 17.94 9.65 -38.96
N VAL A 956 18.39 10.79 -39.50
CA VAL A 956 17.54 11.96 -39.62
C VAL A 956 16.37 11.71 -40.56
N TRP A 957 16.64 11.04 -41.69
CA TRP A 957 15.59 10.72 -42.63
C TRP A 957 14.61 9.70 -42.06
N ALA A 958 15.08 8.80 -41.21
CA ALA A 958 14.17 7.88 -40.54
C ALA A 958 13.28 8.59 -39.54
N VAL A 959 13.82 9.54 -38.78
CA VAL A 959 13.01 10.18 -37.74
C VAL A 959 12.01 11.15 -38.34
N LEU A 960 12.41 11.94 -39.35
CA LEU A 960 11.56 13.02 -39.84
C LEU A 960 10.32 12.51 -40.58
N MET A 961 10.40 11.33 -41.20
CA MET A 961 9.27 10.81 -41.94
C MET A 961 8.48 9.77 -41.17
N LYS A 962 8.86 9.52 -39.91
CA LYS A 962 8.16 8.64 -38.97
C LYS A 962 8.03 7.20 -39.50
N ARG A 963 9.18 6.55 -39.61
CA ARG A 963 9.24 5.11 -39.84
C ARG A 963 10.05 4.52 -38.71
N GLN A 964 9.35 4.07 -37.66
CA GLN A 964 9.94 3.82 -36.36
C GLN A 964 10.85 2.61 -36.30
N LYS A 965 10.43 1.49 -36.90
CA LYS A 965 11.27 0.28 -36.90
C LYS A 965 12.53 0.49 -37.72
N MET A 966 12.42 1.26 -38.81
CA MET A 966 13.61 1.66 -39.53
C MET A 966 14.52 2.56 -38.70
N ALA A 967 13.94 3.41 -37.86
CA ALA A 967 14.77 4.25 -36.99
C ALA A 967 15.52 3.41 -35.96
N LEU A 968 14.84 2.42 -35.37
CA LEU A 968 15.50 1.55 -34.40
C LEU A 968 16.53 0.65 -35.06
N PHE A 969 16.35 0.33 -36.35
CA PHE A 969 17.39 -0.41 -37.04
C PHE A 969 18.59 0.47 -37.35
N PHE A 970 18.36 1.67 -37.88
CA PHE A 970 19.47 2.53 -38.24
C PHE A 970 20.23 3.08 -37.04
N TRP A 971 19.63 3.06 -35.85
CA TRP A 971 20.35 3.59 -34.69
C TRP A 971 21.50 2.69 -34.28
N GLN A 972 21.35 1.37 -34.40
CA GLN A 972 22.31 0.45 -33.80
C GLN A 972 23.52 0.16 -34.68
N HIS A 973 23.85 1.01 -35.65
CA HIS A 973 25.05 0.82 -36.44
C HIS A 973 25.73 2.16 -36.69
N GLY A 974 27.06 2.12 -36.75
CA GLY A 974 27.84 3.29 -37.03
C GLY A 974 28.55 3.84 -35.81
N GLU A 975 28.68 5.16 -35.78
CA GLU A 975 29.30 5.87 -34.69
C GLU A 975 28.30 6.80 -34.02
N GLU A 976 28.64 7.20 -32.78
CA GLU A 976 27.99 8.29 -32.05
C GLU A 976 26.50 8.01 -31.84
N ALA A 977 26.22 6.94 -31.09
CA ALA A 977 24.84 6.51 -30.90
C ALA A 977 24.07 7.45 -29.99
N MET A 978 24.73 8.00 -28.96
CA MET A 978 24.01 8.82 -27.99
C MET A 978 23.61 10.16 -28.56
N ALA A 979 24.44 10.71 -29.46
CA ALA A 979 24.07 11.94 -30.15
C ALA A 979 22.84 11.70 -31.02
N LYS A 980 22.80 10.57 -31.71
CA LYS A 980 21.64 10.26 -32.53
C LYS A 980 20.40 9.99 -31.68
N ALA A 981 20.59 9.38 -30.51
CA ALA A 981 19.46 9.11 -29.63
C ALA A 981 18.88 10.40 -29.04
N LEU A 982 19.74 11.33 -28.61
CA LEU A 982 19.23 12.56 -28.03
C LEU A 982 18.66 13.49 -29.09
N VAL A 983 19.26 13.52 -30.28
CA VAL A 983 18.69 14.30 -31.38
C VAL A 983 17.33 13.73 -31.79
N ALA A 984 17.20 12.40 -31.77
CA ALA A 984 15.91 11.77 -32.06
C ALA A 984 14.88 12.11 -31.01
N CYS A 985 15.27 12.12 -29.73
CA CYS A 985 14.33 12.46 -28.66
C CYS A 985 13.87 13.90 -28.76
N LYS A 986 14.80 14.80 -29.06
CA LYS A 986 14.47 16.21 -29.26
C LYS A 986 13.52 16.42 -30.44
N LEU A 987 13.79 15.76 -31.57
CA LEU A 987 12.93 15.94 -32.73
C LEU A 987 11.57 15.30 -32.54
N CYS A 988 11.50 14.18 -31.82
CA CYS A 988 10.20 13.56 -31.55
C CYS A 988 9.35 14.43 -30.63
N LYS A 989 9.97 15.01 -29.59
CA LYS A 989 9.19 15.87 -28.70
C LYS A 989 8.77 17.16 -29.41
N ALA A 990 9.64 17.69 -30.27
CA ALA A 990 9.31 18.91 -31.01
C ALA A 990 8.17 18.67 -32.00
N MET A 991 8.21 17.55 -32.72
CA MET A 991 7.12 17.26 -33.66
C MET A 991 5.83 16.92 -32.93
N ALA A 992 5.92 16.32 -31.75
CA ALA A 992 4.71 16.05 -30.96
C ALA A 992 4.04 17.34 -30.52
N HIS A 993 4.83 18.29 -30.00
CA HIS A 993 4.27 19.56 -29.58
C HIS A 993 3.78 20.38 -30.78
N GLU A 994 4.45 20.25 -31.93
CA GLU A 994 4.06 21.01 -33.11
C GLU A 994 2.77 20.46 -33.71
N ALA A 995 2.62 19.14 -33.74
CA ALA A 995 1.37 18.55 -34.22
C ALA A 995 0.22 18.76 -33.24
N SER A 996 0.51 18.89 -31.94
CA SER A 996 -0.54 19.29 -31.02
C SER A 996 -0.89 20.76 -31.16
N GLU A 997 0.04 21.58 -31.65
CA GLU A 997 -0.18 23.01 -31.75
C GLU A 997 -1.06 23.42 -32.92
N ILE A 1004 -1.45 11.28 -34.05
CA ILE A 1004 -0.02 11.39 -34.37
C ILE A 1004 0.77 11.82 -33.15
N SER A 1005 0.18 12.71 -32.32
CA SER A 1005 0.89 13.29 -31.20
C SER A 1005 1.17 12.25 -30.11
N GLN A 1006 0.22 11.35 -29.87
CA GLN A 1006 0.44 10.28 -28.91
C GLN A 1006 1.52 9.31 -29.38
N GLU A 1007 1.55 9.02 -30.69
CA GLU A 1007 2.60 8.18 -31.26
C GLU A 1007 3.97 8.83 -31.12
N LEU A 1008 4.05 10.13 -31.35
CA LEU A 1008 5.35 10.81 -31.26
C LEU A 1008 5.80 10.94 -29.81
N ASN A 1009 4.86 11.09 -28.88
CA ASN A 1009 5.20 11.06 -27.46
C ASN A 1009 5.73 9.69 -27.05
N HIS A 1010 5.10 8.62 -27.55
CA HIS A 1010 5.60 7.27 -27.29
C HIS A 1010 6.99 7.05 -27.88
N ASN A 1011 7.26 7.60 -29.06
CA ASN A 1011 8.56 7.42 -29.68
C ASN A 1011 9.65 8.21 -28.94
N SER A 1012 9.30 9.40 -28.47
CA SER A 1012 10.23 10.18 -27.66
C SER A 1012 10.55 9.45 -26.35
N ARG A 1013 9.53 8.83 -25.74
CA ARG A 1013 9.76 8.04 -24.54
C ARG A 1013 10.65 6.83 -24.81
N ASP A 1014 10.51 6.27 -26.02
CA ASP A 1014 11.31 5.07 -26.40
C ASP A 1014 12.78 5.46 -26.57
N PHE A 1015 13.09 6.39 -27.47
CA PHE A 1015 14.51 6.70 -27.67
C PHE A 1015 15.04 7.18 -26.32
N GLY A 1016 14.23 7.94 -25.60
CA GLY A 1016 14.68 8.49 -24.30
C GLY A 1016 15.00 7.38 -23.34
N GLN A 1017 14.17 6.35 -23.24
CA GLN A 1017 14.54 5.22 -22.37
C GLN A 1017 15.83 4.58 -22.90
N LEU A 1018 15.94 4.40 -24.23
CA LEU A 1018 17.12 3.67 -24.77
C LEU A 1018 18.41 4.46 -24.47
N ALA A 1019 18.40 5.77 -24.65
CA ALA A 1019 19.67 6.50 -24.44
C ALA A 1019 20.09 6.32 -23.00
N VAL A 1020 19.15 6.38 -22.07
CA VAL A 1020 19.57 6.29 -20.64
C VAL A 1020 20.22 4.94 -20.39
N GLU A 1021 19.69 3.87 -20.97
CA GLU A 1021 20.23 2.51 -20.68
C GLU A 1021 21.68 2.40 -21.17
N LEU A 1022 22.01 2.97 -22.33
CA LEU A 1022 23.38 2.82 -22.86
C LEU A 1022 24.30 3.45 -21.83
N LEU A 1023 23.90 4.59 -21.27
CA LEU A 1023 24.73 5.24 -20.23
C LEU A 1023 24.80 4.27 -19.05
N ASP A 1024 23.71 3.59 -18.74
CA ASP A 1024 23.77 2.72 -17.53
C ASP A 1024 24.84 1.68 -17.76
N GLN A 1025 24.86 1.09 -18.95
CA GLN A 1025 25.90 0.08 -19.26
C GLN A 1025 27.23 0.81 -19.33
N SER A 1026 27.28 1.95 -20.01
CA SER A 1026 28.61 2.57 -20.12
C SER A 1026 29.13 3.04 -18.77
N TYR A 1027 28.25 3.24 -17.79
CA TYR A 1027 28.74 3.50 -16.45
C TYR A 1027 29.01 2.21 -15.70
N LYS A 1028 28.25 1.14 -16.00
CA LYS A 1028 28.49 -0.14 -15.37
C LYS A 1028 29.82 -0.76 -15.79
N GLN A 1029 30.33 -0.41 -16.97
CA GLN A 1029 31.63 -0.93 -17.35
C GLN A 1029 32.79 -0.11 -16.78
N ASP A 1030 32.79 1.21 -16.98
CA ASP A 1030 33.92 2.05 -16.60
C ASP A 1030 33.38 3.42 -16.22
N GLU A 1031 34.28 4.26 -15.71
CA GLU A 1031 33.88 5.61 -15.26
C GLU A 1031 34.77 6.66 -15.92
N GLN A 1032 36.09 6.48 -15.85
CA GLN A 1032 36.97 7.56 -16.35
C GLN A 1032 36.68 7.79 -17.84
N LEU A 1033 36.64 6.72 -18.64
CA LEU A 1033 36.28 6.92 -20.06
C LEU A 1033 34.81 7.31 -20.15
N ALA A 1034 33.99 6.86 -19.20
CA ALA A 1034 32.54 7.13 -19.31
C ALA A 1034 32.33 8.64 -19.26
N MET A 1035 33.07 9.28 -18.38
CA MET A 1035 32.94 10.74 -18.27
C MET A 1035 33.35 11.34 -19.62
N LYS A 1036 34.34 10.78 -20.28
CA LYS A 1036 34.82 11.40 -21.54
C LYS A 1036 33.66 11.43 -22.53
N LEU A 1037 32.88 10.36 -22.59
CA LEU A 1037 31.83 10.32 -23.64
C LEU A 1037 30.90 11.51 -23.43
N LEU A 1038 30.47 11.78 -22.20
CA LEU A 1038 29.51 12.88 -22.08
C LEU A 1038 30.18 14.20 -22.45
N THR A 1039 31.41 14.41 -22.02
CA THR A 1039 32.05 15.73 -22.24
C THR A 1039 32.47 16.07 -23.67
N TYR A 1040 32.95 15.12 -24.47
CA TYR A 1040 33.58 15.50 -25.78
C TYR A 1040 32.65 16.31 -26.66
N GLU A 1041 33.23 17.29 -27.35
CA GLU A 1041 32.40 18.15 -28.23
C GLU A 1041 32.20 17.43 -29.55
N LEU A 1042 30.96 17.21 -29.94
CA LEU A 1042 30.75 16.59 -31.25
C LEU A 1042 31.27 17.60 -32.27
N LYS A 1043 31.92 17.14 -33.33
CA LYS A 1043 32.31 18.11 -34.38
C LYS A 1043 31.30 17.99 -35.53
N ASN A 1044 30.28 17.16 -35.35
CA ASN A 1044 29.32 16.94 -36.46
C ASN A 1044 27.97 17.58 -36.12
N TRP A 1045 27.42 17.25 -34.95
CA TRP A 1045 26.06 17.74 -34.64
C TRP A 1045 26.10 19.16 -34.10
N SER A 1046 26.50 20.13 -34.90
CA SER A 1046 26.42 21.57 -34.50
C SER A 1046 27.12 21.93 -33.20
N ASN A 1047 28.33 21.45 -32.98
CA ASN A 1047 29.11 21.93 -31.80
C ASN A 1047 28.29 21.87 -30.50
N ALA A 1048 27.79 20.70 -30.11
CA ALA A 1048 27.06 20.58 -28.83
C ALA A 1048 27.68 19.48 -27.97
N THR A 1049 27.56 19.33 -26.77
CA THR A 1049 28.06 18.19 -25.97
C THR A 1049 26.87 17.45 -25.49
N CYS A 1050 26.88 16.27 -25.22
CA CYS A 1050 25.73 15.39 -25.01
C CYS A 1050 24.90 15.84 -23.83
N LEU A 1051 25.53 16.50 -22.86
CA LEU A 1051 24.81 16.93 -21.67
C LEU A 1051 23.91 18.11 -21.98
N GLN A 1052 24.38 19.03 -22.83
CA GLN A 1052 23.56 20.16 -23.26
C GLN A 1052 22.37 19.72 -24.09
N LEU A 1053 22.57 18.70 -24.94
CA LEU A 1053 21.44 18.14 -25.67
C LEU A 1053 20.50 17.37 -24.75
N ALA A 1054 21.02 16.83 -23.65
CA ALA A 1054 20.17 16.19 -22.67
C ALA A 1054 19.29 17.18 -21.93
N VAL A 1055 19.84 18.32 -21.53
CA VAL A 1055 19.04 19.31 -20.81
C VAL A 1055 18.10 20.04 -21.77
N ALA A 1056 18.56 20.33 -22.99
CA ALA A 1056 17.75 21.08 -23.94
C ALA A 1056 16.58 20.27 -24.50
N ALA A 1057 16.54 18.97 -24.26
CA ALA A 1057 15.37 18.17 -24.54
C ALA A 1057 14.51 17.94 -23.31
N LYS A 1058 14.88 18.53 -22.17
CA LYS A 1058 14.13 18.52 -20.92
C LYS A 1058 13.88 17.10 -20.41
N HIS A 1059 14.88 16.24 -20.55
CA HIS A 1059 14.79 14.84 -20.17
C HIS A 1059 15.26 14.72 -18.72
N ARG A 1060 14.31 14.49 -17.82
CA ARG A 1060 14.62 14.51 -16.40
C ARG A 1060 15.30 13.24 -15.90
N ASP A 1061 15.36 12.18 -16.71
CA ASP A 1061 15.94 10.94 -16.25
C ASP A 1061 17.44 10.84 -16.48
N PHE A 1062 17.94 11.41 -17.58
CA PHE A 1062 19.36 11.32 -17.91
C PHE A 1062 20.21 12.07 -16.91
N ILE A 1063 19.76 13.25 -16.50
CA ILE A 1063 20.48 14.02 -15.50
C ILE A 1063 20.39 13.34 -14.15
N ALA A 1064 19.29 12.62 -13.90
CA ALA A 1064 19.07 11.90 -12.65
C ALA A 1064 20.01 10.73 -12.46
N HIS A 1065 20.74 10.32 -13.49
CA HIS A 1065 21.71 9.25 -13.36
C HIS A 1065 22.89 9.73 -12.53
N THR A 1066 23.56 8.77 -11.89
CA THR A 1066 24.61 9.06 -10.90
C THR A 1066 25.83 9.68 -11.56
N CYS A 1067 26.17 9.24 -12.77
CA CYS A 1067 27.36 9.74 -13.46
C CYS A 1067 27.22 11.22 -13.81
N SER A 1068 26.02 11.64 -14.18
CA SER A 1068 25.79 13.05 -14.48
C SER A 1068 25.91 13.91 -13.23
N GLN A 1069 25.41 13.40 -12.10
CA GLN A 1069 25.56 14.16 -10.85
C GLN A 1069 27.00 14.22 -10.39
N MET A 1070 27.79 13.16 -10.61
CA MET A 1070 29.20 13.20 -10.25
C MET A 1070 29.96 14.18 -11.14
N LEU A 1071 29.61 14.23 -12.43
CA LEU A 1071 30.25 15.19 -13.33
C LEU A 1071 29.87 16.62 -12.98
N LEU A 1072 28.62 16.85 -12.57
CA LEU A 1072 28.22 18.18 -12.13
C LEU A 1072 28.89 18.58 -10.82
N THR A 1073 29.14 17.62 -9.93
CA THR A 1073 29.83 17.96 -8.69
C THR A 1073 31.29 18.29 -8.95
N ASP A 1074 31.94 17.55 -9.86
CA ASP A 1074 33.30 17.90 -10.25
C ASP A 1074 33.36 19.22 -11.03
N MET A 1075 32.31 19.61 -11.72
CA MET A 1075 32.26 20.97 -12.25
C MET A 1075 32.09 22.00 -11.14
N TRP A 1076 31.25 21.68 -10.15
CA TRP A 1076 30.92 22.61 -9.08
C TRP A 1076 32.11 22.94 -8.20
N MET A 1077 32.90 21.94 -7.84
CA MET A 1077 34.09 22.23 -7.05
C MET A 1077 35.16 22.94 -7.86
N GLY A 1078 35.18 22.75 -9.16
CA GLY A 1078 36.12 23.48 -10.00
C GLY A 1078 37.54 22.99 -9.79
N ARG A 1079 38.43 23.93 -9.47
CA ARG A 1079 39.85 23.65 -9.32
C ARG A 1079 40.21 23.51 -7.84
N LEU A 1080 39.61 22.51 -7.20
CA LEU A 1080 39.92 22.17 -5.82
C LEU A 1080 39.90 20.65 -5.67
N ARG A 1081 40.31 20.18 -4.49
CA ARG A 1081 40.23 18.76 -4.18
C ARG A 1081 39.75 18.50 -2.76
N MET A 1082 39.33 19.54 -2.03
CA MET A 1082 38.95 19.41 -0.63
C MET A 1082 37.49 18.94 -0.53
N ARG A 1083 37.33 17.62 -0.45
CA ARG A 1083 36.01 17.02 -0.50
C ARG A 1083 35.45 16.69 0.88
N SER A 1086 33.54 21.36 3.43
CA SER A 1086 33.83 22.34 2.40
C SER A 1086 33.49 23.76 2.84
N GLY A 1087 32.40 23.92 3.59
CA GLY A 1087 31.81 25.24 3.80
C GLY A 1087 32.64 26.13 4.69
N LEU A 1088 33.12 25.59 5.82
CA LEU A 1088 33.96 26.36 6.73
C LEU A 1088 35.29 26.74 6.08
N LYS A 1089 35.84 25.82 5.28
CA LYS A 1089 37.10 26.10 4.58
C LYS A 1089 36.91 27.19 3.52
N VAL A 1090 35.83 27.12 2.74
CA VAL A 1090 35.63 28.12 1.69
C VAL A 1090 35.20 29.46 2.24
N ILE A 1091 34.55 29.52 3.40
CA ILE A 1091 34.24 30.82 3.97
C ILE A 1091 35.46 31.40 4.70
N LEU A 1092 36.32 30.55 5.26
CA LEU A 1092 37.55 31.03 5.87
C LEU A 1092 38.52 31.50 4.81
N GLY A 1093 38.44 30.93 3.61
CA GLY A 1093 39.26 31.41 2.51
C GLY A 1093 38.95 32.83 2.10
N ILE A 1094 37.66 33.18 2.07
CA ILE A 1094 37.30 34.57 1.79
C ILE A 1094 37.65 35.46 2.96
N LEU A 1095 37.26 35.04 4.19
CA LEU A 1095 37.47 35.91 5.33
C LEU A 1095 38.94 36.00 5.75
N LEU A 1096 39.77 35.03 5.35
CA LEU A 1096 41.21 35.11 5.55
C LEU A 1096 41.88 34.88 4.20
N PRO A 1097 42.19 35.95 3.46
CA PRO A 1097 42.76 35.80 2.10
C PRO A 1097 44.18 35.22 2.06
N PRO A 1098 45.08 35.46 3.04
CA PRO A 1098 46.35 34.71 2.98
C PRO A 1098 46.22 33.23 3.36
N SER A 1099 45.11 32.81 3.94
CA SER A 1099 44.96 31.44 4.42
C SER A 1099 44.47 30.47 3.34
N ILE A 1100 44.37 30.92 2.09
CA ILE A 1100 43.87 30.06 1.03
C ILE A 1100 44.92 29.05 0.61
N LEU A 1101 46.20 29.35 0.86
CA LEU A 1101 47.31 28.55 0.41
C LEU A 1101 47.39 27.18 1.09
N SER A 1102 46.72 26.99 2.22
CA SER A 1102 46.75 25.71 2.93
C SER A 1102 45.88 24.65 2.28
N LEU A 1103 44.99 25.01 1.36
CA LEU A 1103 44.11 24.04 0.72
C LEU A 1103 44.83 23.28 -0.39
N GLU A 1104 44.16 22.23 -0.89
CA GLU A 1104 44.74 21.34 -1.88
C GLU A 1104 44.11 21.61 -3.24
N PHE A 1105 44.94 21.94 -4.23
CA PHE A 1105 44.47 22.21 -5.58
C PHE A 1105 44.41 20.91 -6.38
N LYS A 1106 44.14 21.03 -7.68
CA LYS A 1106 44.29 19.95 -8.63
C LYS A 1106 45.58 20.13 -9.42
N ASN A 1107 45.83 19.16 -10.31
CA ASN A 1107 46.93 19.21 -11.25
C ASN A 1107 46.49 18.56 -12.55
N LYS A 1108 46.88 19.17 -13.66
CA LYS A 1108 46.55 18.63 -14.98
C LYS A 1108 47.31 17.35 -15.26
N LEU A 1173 53.48 30.24 -6.75
CA LEU A 1173 52.24 30.91 -6.45
C LEU A 1173 52.08 32.12 -7.36
N GLY A 1174 51.50 33.17 -6.82
CA GLY A 1174 51.30 34.37 -7.61
C GLY A 1174 50.10 34.20 -8.52
N ARG A 1175 49.72 32.96 -8.77
CA ARG A 1175 48.56 32.70 -9.59
C ARG A 1175 47.77 31.60 -8.97
N LYS A 1176 48.37 30.91 -8.03
CA LYS A 1176 47.68 29.80 -7.44
C LYS A 1176 46.35 30.29 -6.96
N ILE A 1177 46.19 31.59 -6.79
CA ILE A 1177 44.94 32.12 -6.24
C ILE A 1177 43.86 32.41 -7.32
N TYR A 1178 44.20 33.12 -8.37
CA TYR A 1178 43.16 33.48 -9.36
C TYR A 1178 42.27 32.33 -9.73
N GLU A 1179 42.82 31.12 -9.76
CA GLU A 1179 41.94 29.95 -9.98
C GLU A 1179 40.93 29.86 -8.85
N PHE A 1180 41.34 30.14 -7.61
CA PHE A 1180 40.41 29.95 -6.47
C PHE A 1180 39.19 30.81 -6.70
N TYR A 1181 39.39 32.04 -7.16
CA TYR A 1181 38.25 32.96 -7.34
C TYR A 1181 37.30 32.43 -8.41
N ASN A 1182 37.75 31.59 -9.35
CA ASN A 1182 36.82 31.17 -10.42
C ASN A 1182 36.08 29.88 -10.08
N ALA A 1183 36.40 29.24 -8.95
CA ALA A 1183 35.62 28.06 -8.53
C ALA A 1183 34.18 28.50 -8.25
N PRO A 1184 33.11 27.99 -8.90
CA PRO A 1184 31.78 28.57 -8.73
C PRO A 1184 31.23 28.48 -7.31
N ILE A 1185 31.79 27.61 -6.48
CA ILE A 1185 31.36 27.58 -5.09
C ILE A 1185 31.87 28.83 -4.35
N VAL A 1186 32.99 29.39 -4.81
CA VAL A 1186 33.48 30.63 -4.23
C VAL A 1186 32.58 31.80 -4.60
N LYS A 1187 32.36 31.91 -5.90
CA LYS A 1187 31.44 32.97 -6.30
C LYS A 1187 30.21 32.82 -5.41
N PHE A 1188 29.74 31.60 -5.13
CA PHE A 1188 28.46 31.48 -4.36
C PHE A 1188 28.62 32.08 -2.98
N TRP A 1189 29.71 31.74 -2.31
CA TRP A 1189 29.80 32.22 -0.91
C TRP A 1189 30.24 33.69 -0.88
N PHE A 1190 30.66 34.27 -2.01
CA PHE A 1190 30.94 35.73 -2.02
C PHE A 1190 29.81 36.41 -2.78
N TYR A 1191 28.79 35.66 -3.17
CA TYR A 1191 27.60 36.29 -3.80
C TYR A 1191 26.38 36.03 -2.92
N THR A 1192 26.51 35.59 -1.73
CA THR A 1192 25.40 35.46 -0.82
C THR A 1192 25.82 36.23 0.43
N LEU A 1193 27.16 36.45 0.61
CA LEU A 1193 27.53 37.40 1.70
C LEU A 1193 27.15 38.81 1.23
N ALA A 1194 27.22 39.12 -0.07
CA ALA A 1194 26.74 40.44 -0.50
C ALA A 1194 25.24 40.57 -0.26
N TYR A 1195 24.44 39.54 -0.55
CA TYR A 1195 23.00 39.63 -0.21
C TYR A 1195 22.81 39.77 1.30
N ILE A 1196 23.55 39.04 2.15
CA ILE A 1196 23.25 39.15 3.60
C ILE A 1196 23.47 40.62 3.97
N GLY A 1197 24.49 41.23 3.40
CA GLY A 1197 24.67 42.67 3.69
C GLY A 1197 23.45 43.43 3.26
N TYR A 1198 22.92 43.17 2.08
CA TYR A 1198 21.78 43.98 1.56
C TYR A 1198 20.53 43.80 2.42
N LEU A 1199 20.21 42.70 2.95
CA LEU A 1199 19.03 42.58 3.75
C LEU A 1199 19.25 43.09 5.17
N MET A 1200 20.51 43.22 5.68
CA MET A 1200 20.69 43.93 6.98
C MET A 1200 20.64 45.45 6.82
N LEU A 1201 21.36 46.03 5.86
CA LEU A 1201 21.23 47.50 5.75
C LEU A 1201 19.79 47.91 5.39
N PHE A 1202 19.09 47.23 4.48
CA PHE A 1202 17.73 47.69 4.10
C PHE A 1202 16.83 47.67 5.33
N ASN A 1203 16.97 46.68 6.19
CA ASN A 1203 16.16 46.70 7.43
C ASN A 1203 16.52 47.94 8.27
N TYR A 1204 17.80 48.31 8.38
CA TYR A 1204 18.16 49.46 9.23
C TYR A 1204 17.76 50.76 8.56
N ILE A 1205 17.41 50.77 7.26
CA ILE A 1205 16.96 52.06 6.70
C ILE A 1205 15.45 52.14 6.75
N VAL A 1206 14.77 51.18 7.37
CA VAL A 1206 13.29 51.31 7.54
C VAL A 1206 12.88 51.47 9.02
N LEU A 1207 13.54 50.79 9.97
CA LEU A 1207 13.06 50.83 11.39
C LEU A 1207 13.64 52.06 12.07
N VAL A 1208 14.18 53.02 11.31
CA VAL A 1208 14.84 54.20 11.93
C VAL A 1208 14.31 55.48 11.31
N LYS A 1209 14.65 56.62 11.91
CA LYS A 1209 14.08 57.92 11.46
C LYS A 1209 14.55 58.21 10.06
N MET A 1210 13.74 58.95 9.31
CA MET A 1210 14.21 59.37 7.97
C MET A 1210 14.35 60.89 7.94
N GLU A 1211 15.58 61.38 7.74
CA GLU A 1211 15.85 62.83 7.66
C GLU A 1211 15.48 63.32 6.26
N ARG A 1212 15.47 64.64 6.03
CA ARG A 1212 15.00 65.18 4.73
C ARG A 1212 15.84 64.62 3.61
N TRP A 1213 16.98 64.31 3.63
CA TRP A 1213 17.66 63.66 2.53
C TRP A 1213 18.02 62.27 2.96
N PRO A 1214 18.42 61.46 2.15
CA PRO A 1214 18.74 60.06 2.44
C PRO A 1214 20.07 59.95 3.15
N SER A 1215 20.19 58.93 4.01
CA SER A 1215 21.42 58.72 4.77
C SER A 1215 22.36 57.81 3.97
N THR A 1216 23.50 57.47 4.57
CA THR A 1216 24.57 56.74 3.87
C THR A 1216 24.14 55.33 3.48
N GLN A 1217 23.54 54.62 4.44
CA GLN A 1217 23.07 53.27 4.20
C GLN A 1217 21.94 53.22 3.19
N GLU A 1218 21.19 54.31 3.03
CA GLU A 1218 20.21 54.37 1.97
C GLU A 1218 20.83 54.57 0.60
N TRP A 1219 21.88 55.39 0.54
CA TRP A 1219 22.60 55.54 -0.74
C TRP A 1219 23.23 54.21 -1.12
N ILE A 1220 23.82 53.47 -0.17
CA ILE A 1220 24.35 52.11 -0.48
C ILE A 1220 23.26 51.10 -0.87
N VAL A 1221 22.14 51.04 -0.14
CA VAL A 1221 21.02 50.13 -0.51
C VAL A 1221 20.38 50.57 -1.82
N ILE A 1222 20.20 51.87 -2.04
CA ILE A 1222 19.68 52.30 -3.38
C ILE A 1222 20.71 51.84 -4.42
N SER A 1223 22.00 52.01 -4.15
CA SER A 1223 23.00 51.65 -5.19
C SER A 1223 22.98 50.16 -5.51
N TYR A 1224 22.83 49.28 -4.51
CA TYR A 1224 22.92 47.83 -4.84
C TYR A 1224 21.77 47.52 -5.78
N ILE A 1225 20.60 48.05 -5.51
CA ILE A 1225 19.51 47.82 -6.48
C ILE A 1225 20.00 48.42 -7.79
N PHE A 1226 20.76 49.52 -7.75
CA PHE A 1226 21.13 50.12 -9.07
C PHE A 1226 22.00 49.17 -9.89
N THR A 1227 23.04 48.60 -9.28
CA THR A 1227 23.94 47.72 -10.05
C THR A 1227 23.21 46.44 -10.45
N LEU A 1228 22.34 45.93 -9.60
CA LEU A 1228 21.69 44.65 -9.91
C LEU A 1228 20.98 44.86 -11.22
N GLY A 1229 20.41 46.04 -11.42
CA GLY A 1229 19.64 46.27 -12.65
C GLY A 1229 20.49 46.14 -13.90
N ILE A 1230 21.69 46.73 -13.91
CA ILE A 1230 22.54 46.69 -15.13
C ILE A 1230 23.00 45.26 -15.42
N GLU A 1231 23.41 44.49 -14.43
CA GLU A 1231 23.76 43.07 -14.72
C GLU A 1231 22.52 42.33 -15.24
N LYS A 1232 21.34 42.53 -14.65
CA LYS A 1232 20.17 41.73 -15.08
C LYS A 1232 19.87 42.03 -16.55
N MET A 1233 19.90 43.30 -16.96
CA MET A 1233 19.69 43.56 -18.41
C MET A 1233 20.83 42.97 -19.23
N ARG A 1234 22.08 43.07 -18.76
CA ARG A 1234 23.21 42.60 -19.60
C ARG A 1234 23.05 41.11 -19.81
N GLU A 1235 22.58 40.39 -18.80
CA GLU A 1235 22.34 38.94 -18.99
C GLU A 1235 21.31 38.77 -20.12
N ILE A 1236 20.27 39.60 -20.17
CA ILE A 1236 19.31 39.38 -21.28
C ILE A 1236 20.03 39.63 -22.61
N LEU A 1237 20.85 40.68 -22.69
CA LEU A 1237 21.49 41.03 -23.98
C LEU A 1237 22.28 39.82 -24.46
N MET A 1238 22.81 39.03 -23.54
CA MET A 1238 23.67 37.93 -23.95
C MET A 1238 23.01 36.57 -23.75
N LEU A 1244 15.08 40.33 -30.77
CA LEU A 1244 15.06 40.87 -29.41
C LEU A 1244 13.88 40.36 -28.61
N LEU A 1245 12.71 40.26 -29.26
CA LEU A 1245 11.51 39.79 -28.56
C LEU A 1245 11.62 38.32 -28.21
N GLN A 1246 12.33 37.53 -29.02
CA GLN A 1246 12.59 36.14 -28.68
C GLN A 1246 13.48 36.03 -27.45
N LYS A 1247 14.50 36.90 -27.35
CA LYS A 1247 15.38 36.90 -26.19
C LYS A 1247 14.64 37.32 -24.93
N VAL A 1248 13.76 38.32 -25.04
CA VAL A 1248 12.97 38.75 -23.90
C VAL A 1248 11.98 37.67 -23.50
N LYS A 1249 11.44 36.92 -24.47
CA LYS A 1249 10.51 35.85 -24.13
C LYS A 1249 11.22 34.68 -23.44
N VAL A 1250 12.42 34.33 -23.90
CA VAL A 1250 13.20 33.28 -23.25
C VAL A 1250 13.60 33.71 -21.84
N TRP A 1251 13.93 34.99 -21.67
CA TRP A 1251 14.26 35.49 -20.33
C TRP A 1251 13.03 35.51 -19.43
N LEU A 1252 11.86 35.82 -19.98
CA LEU A 1252 10.62 35.84 -19.22
C LEU A 1252 9.90 34.51 -19.22
N GLN A 1253 10.58 33.43 -19.62
CA GLN A 1253 9.97 32.10 -19.56
C GLN A 1253 9.69 31.67 -18.13
N GLU A 1254 10.55 32.06 -17.18
CA GLU A 1254 10.35 31.67 -15.79
C GLU A 1254 9.97 32.87 -14.93
N TYR A 1255 9.66 32.59 -13.67
CA TYR A 1255 8.93 33.55 -12.83
C TYR A 1255 9.82 34.50 -12.04
N TRP A 1256 11.03 34.06 -11.65
CA TRP A 1256 11.84 34.85 -10.75
C TRP A 1256 12.37 36.12 -11.42
N ASN A 1257 12.61 36.06 -12.73
CA ASN A 1257 12.98 37.28 -13.44
C ASN A 1257 11.83 38.27 -13.49
N VAL A 1258 10.62 37.73 -13.62
CA VAL A 1258 9.42 38.60 -13.64
C VAL A 1258 9.31 39.23 -12.25
N THR A 1259 9.37 38.42 -11.20
CA THR A 1259 9.19 39.00 -9.85
C THR A 1259 10.31 40.00 -9.63
N ASP A 1260 11.50 39.67 -10.09
CA ASP A 1260 12.63 40.61 -9.96
C ASP A 1260 12.29 41.88 -10.73
N LEU A 1261 11.72 41.78 -11.92
CA LEU A 1261 11.48 43.02 -12.71
C LEU A 1261 10.50 43.92 -11.95
N ILE A 1262 9.46 43.33 -11.35
CA ILE A 1262 8.50 44.15 -10.56
C ILE A 1262 9.22 44.76 -9.37
N ALA A 1263 10.05 43.98 -8.66
CA ALA A 1263 10.68 44.50 -7.43
C ALA A 1263 11.59 45.67 -7.74
N ILE A 1264 12.44 45.55 -8.75
CA ILE A 1264 13.32 46.73 -8.95
C ILE A 1264 12.40 47.89 -9.29
N LEU A 1265 11.33 47.64 -10.06
CA LEU A 1265 10.49 48.78 -10.49
C LEU A 1265 9.83 49.46 -9.27
N LEU A 1266 9.31 48.72 -8.31
CA LEU A 1266 8.72 49.42 -7.18
C LEU A 1266 9.74 49.93 -6.16
N PHE A 1267 11.00 49.52 -6.17
CA PHE A 1267 11.97 50.12 -5.24
C PHE A 1267 12.47 51.26 -6.01
N SER A 1268 11.90 51.43 -7.18
CA SER A 1268 12.25 52.58 -7.97
C SER A 1268 11.18 53.66 -7.84
N VAL A 1269 9.92 53.35 -8.09
CA VAL A 1269 8.95 54.41 -7.91
C VAL A 1269 9.20 55.02 -6.55
N GLY A 1270 9.45 54.19 -5.56
CA GLY A 1270 9.74 54.72 -4.23
C GLY A 1270 11.01 55.54 -4.17
N MET A 1271 11.99 55.21 -5.02
CA MET A 1271 13.24 55.96 -5.12
C MET A 1271 13.00 57.40 -5.56
N ILE A 1272 12.21 57.58 -6.61
CA ILE A 1272 11.95 58.94 -7.08
C ILE A 1272 10.82 59.62 -6.32
N LEU A 1273 10.06 58.89 -5.50
CA LEU A 1273 9.15 59.54 -4.57
C LEU A 1273 9.78 59.89 -3.24
N ARG A 1274 10.99 59.38 -2.97
CA ARG A 1274 11.74 59.75 -1.76
C ARG A 1274 12.09 61.23 -1.72
N LEU A 1275 12.27 61.84 -2.89
CA LEU A 1275 12.91 63.14 -3.01
C LEU A 1275 11.91 64.29 -3.12
N GLN A 1276 10.80 64.21 -2.39
CA GLN A 1276 9.82 65.28 -2.35
C GLN A 1276 9.58 65.72 -0.91
N ASP A 1277 8.53 66.49 -0.67
CA ASP A 1277 8.22 66.96 0.67
C ASP A 1277 7.53 65.87 1.50
N GLN A 1278 7.03 66.26 2.67
CA GLN A 1278 6.41 65.40 3.68
C GLN A 1278 5.21 64.56 3.20
N PRO A 1279 4.14 65.16 2.59
CA PRO A 1279 2.97 64.39 2.20
C PRO A 1279 3.51 63.22 1.38
N PHE A 1280 4.34 63.55 0.39
CA PHE A 1280 4.94 62.48 -0.44
C PHE A 1280 5.92 61.63 0.39
N ARG A 1281 6.70 62.23 1.28
CA ARG A 1281 7.74 61.44 1.98
C ARG A 1281 7.04 60.33 2.76
N SER A 1282 5.93 60.67 3.40
CA SER A 1282 5.26 59.65 4.23
C SER A 1282 4.84 58.53 3.27
N ASP A 1283 4.39 58.90 2.07
CA ASP A 1283 4.03 57.88 1.04
C ASP A 1283 5.28 57.07 0.68
N GLY A 1284 6.43 57.73 0.63
CA GLY A 1284 7.66 57.03 0.25
C GLY A 1284 7.89 55.91 1.23
N ARG A 1285 7.61 56.17 2.49
CA ARG A 1285 7.89 55.13 3.48
C ARG A 1285 7.01 53.95 3.08
N VAL A 1286 5.86 54.31 2.50
CA VAL A 1286 4.99 53.24 2.20
C VAL A 1286 5.64 52.23 1.30
N ILE A 1287 6.08 52.61 0.17
CA ILE A 1287 6.56 51.61 -0.83
C ILE A 1287 7.66 50.78 -0.18
N TYR A 1288 8.68 51.40 0.39
CA TYR A 1288 9.74 50.66 1.06
C TYR A 1288 9.15 49.72 2.11
N CYS A 1289 8.18 50.20 2.87
CA CYS A 1289 7.55 49.36 3.84
C CYS A 1289 6.99 48.11 3.20
N VAL A 1290 6.34 48.19 2.13
CA VAL A 1290 5.65 47.08 1.43
C VAL A 1290 6.68 46.35 0.59
N ASN A 1291 7.72 47.06 0.16
CA ASN A 1291 8.70 46.44 -0.73
C ASN A 1291 9.66 45.51 -0.01
N ILE A 1292 9.82 45.64 1.31
CA ILE A 1292 10.79 44.79 2.00
C ILE A 1292 10.38 43.31 2.06
N ILE A 1293 9.10 43.03 1.88
CA ILE A 1293 8.63 41.62 2.01
C ILE A 1293 9.29 40.75 0.92
N TYR A 1294 9.33 41.21 -0.32
CA TYR A 1294 9.85 40.34 -1.41
C TYR A 1294 11.32 39.98 -1.20
N TRP A 1295 12.18 40.93 -0.83
CA TRP A 1295 13.62 40.57 -0.73
C TRP A 1295 13.75 39.48 0.32
N TYR A 1296 13.03 39.63 1.42
CA TYR A 1296 13.08 38.56 2.44
C TYR A 1296 12.57 37.27 1.83
N ILE A 1297 11.50 37.28 1.11
CA ILE A 1297 10.94 36.02 0.63
C ILE A 1297 11.77 35.42 -0.51
N ARG A 1298 12.89 36.03 -0.86
CA ARG A 1298 13.73 35.44 -1.88
C ARG A 1298 14.71 34.58 -1.22
N LEU A 1299 15.02 34.90 0.01
CA LEU A 1299 16.06 34.15 0.66
C LEU A 1299 15.77 32.74 0.28
N LEU A 1300 14.50 32.36 0.29
CA LEU A 1300 14.16 30.98 0.02
C LEU A 1300 15.08 30.42 -1.04
N ASP A 1301 15.16 31.08 -2.19
CA ASP A 1301 15.95 30.49 -3.31
C ASP A 1301 17.34 30.13 -2.79
N ILE A 1302 18.01 31.04 -2.09
CA ILE A 1302 19.40 30.74 -1.66
C ILE A 1302 19.34 29.45 -0.86
N PHE A 1303 18.26 29.27 -0.11
CA PHE A 1303 18.14 28.07 0.74
C PHE A 1303 17.90 26.86 -0.15
N GLY A 1304 17.52 27.10 -1.40
CA GLY A 1304 17.18 25.99 -2.31
C GLY A 1304 18.38 25.09 -2.56
N VAL A 1305 19.60 25.63 -2.49
CA VAL A 1305 20.80 24.83 -2.86
C VAL A 1305 20.95 23.60 -1.95
N ASN A 1306 20.71 23.73 -0.65
CA ASN A 1306 20.95 22.60 0.28
C ASN A 1306 20.24 21.36 -0.20
N LYS A 1307 20.84 20.20 0.03
CA LYS A 1307 20.28 18.95 -0.47
C LYS A 1307 19.08 18.45 0.31
N TYR A 1308 18.52 19.23 1.23
CA TYR A 1308 17.28 18.85 1.89
C TYR A 1308 16.19 19.91 1.82
N LEU A 1309 16.56 21.19 1.91
CA LEU A 1309 15.55 22.25 1.90
C LEU A 1309 14.97 22.52 0.52
N GLY A 1310 15.74 22.17 -0.52
CA GLY A 1310 15.29 22.42 -1.90
C GLY A 1310 14.11 21.56 -2.26
N PRO A 1311 14.13 20.24 -2.04
CA PRO A 1311 12.96 19.45 -2.32
C PRO A 1311 11.80 20.03 -1.49
N TYR A 1312 12.03 20.36 -0.23
CA TYR A 1312 10.88 20.83 0.59
C TYR A 1312 10.34 22.13 -0.02
N VAL A 1313 11.20 23.05 -0.46
CA VAL A 1313 10.69 24.35 -0.97
C VAL A 1313 9.82 24.06 -2.20
N MET A 1314 10.25 23.12 -3.03
CA MET A 1314 9.50 22.80 -4.28
C MET A 1314 8.13 22.29 -3.88
N MET A 1315 8.08 21.49 -2.83
CA MET A 1315 6.78 20.94 -2.38
C MET A 1315 5.89 22.11 -1.97
N ILE A 1316 6.44 23.11 -1.28
CA ILE A 1316 5.56 24.21 -0.80
C ILE A 1316 4.97 24.83 -2.05
N GLY A 1317 5.79 24.97 -3.09
CA GLY A 1317 5.29 25.60 -4.31
C GLY A 1317 4.15 24.81 -4.90
N LYS A 1318 4.28 23.48 -4.96
CA LYS A 1318 3.22 22.65 -5.62
C LYS A 1318 1.93 22.67 -4.81
N MET A 1319 2.02 22.64 -3.48
CA MET A 1319 0.79 22.55 -2.65
C MET A 1319 -0.09 23.79 -2.82
N MET A 1320 0.48 24.92 -3.22
CA MET A 1320 -0.30 26.18 -3.22
C MET A 1320 -1.57 26.12 -4.07
N ILE A 1321 -1.55 25.42 -5.23
CA ILE A 1321 -2.77 25.45 -6.02
C ILE A 1321 -3.96 25.09 -5.14
N ASP A 1322 -3.91 24.00 -4.46
CA ASP A 1322 -4.96 23.44 -3.61
C ASP A 1322 -5.35 24.42 -2.51
N MET A 1323 -4.34 25.15 -1.99
CA MET A 1323 -4.62 26.25 -1.08
C MET A 1323 -5.54 27.29 -1.71
N MET A 1324 -5.33 27.62 -2.99
CA MET A 1324 -6.16 28.62 -3.67
C MET A 1324 -7.61 28.15 -3.83
N TYR A 1325 -7.80 26.89 -4.24
CA TYR A 1325 -9.16 26.38 -4.41
C TYR A 1325 -9.93 26.33 -3.09
N PHE A 1326 -9.27 25.90 -2.01
CA PHE A 1326 -10.01 25.86 -0.76
C PHE A 1326 -10.15 27.25 -0.14
N VAL A 1327 -9.28 28.20 -0.49
CA VAL A 1327 -9.52 29.61 -0.18
C VAL A 1327 -10.79 30.12 -0.87
N ILE A 1328 -11.04 29.70 -2.11
CA ILE A 1328 -12.27 30.10 -2.80
C ILE A 1328 -13.51 29.56 -2.08
N ILE A 1329 -13.47 28.28 -1.69
CA ILE A 1329 -14.64 27.69 -1.02
C ILE A 1329 -14.87 28.33 0.37
N MET A 1330 -13.80 28.53 1.14
CA MET A 1330 -13.94 29.17 2.44
C MET A 1330 -14.38 30.62 2.32
N LEU A 1331 -13.99 31.30 1.22
CA LEU A 1331 -14.44 32.68 1.01
C LEU A 1331 -15.93 32.74 0.74
N VAL A 1332 -16.45 31.81 -0.06
CA VAL A 1332 -17.89 31.75 -0.33
C VAL A 1332 -18.69 31.57 0.97
N VAL A 1333 -18.29 30.58 1.78
CA VAL A 1333 -19.07 30.30 2.99
C VAL A 1333 -18.93 31.42 4.02
N LEU A 1334 -17.72 31.96 4.16
CA LEU A 1334 -17.46 33.05 5.11
C LEU A 1334 -18.24 34.30 4.74
N MET A 1335 -18.24 34.68 3.46
CA MET A 1335 -18.98 35.85 3.04
C MET A 1335 -20.49 35.66 3.23
N SER A 1336 -20.99 34.44 3.04
CA SER A 1336 -22.43 34.21 3.24
C SER A 1336 -22.84 34.41 4.69
N PHE A 1337 -22.15 33.72 5.61
CA PHE A 1337 -22.51 33.84 7.03
C PHE A 1337 -22.23 35.25 7.56
N GLY A 1338 -21.22 35.94 7.03
CA GLY A 1338 -20.95 37.29 7.46
C GLY A 1338 -21.99 38.29 6.98
N VAL A 1339 -22.48 38.13 5.74
CA VAL A 1339 -23.54 38.99 5.24
C VAL A 1339 -24.82 38.79 6.02
N ALA A 1340 -25.16 37.54 6.37
CA ALA A 1340 -26.36 37.29 7.17
C ALA A 1340 -26.27 37.91 8.56
N ARG A 1341 -25.14 37.67 9.26
CA ARG A 1341 -24.98 38.20 10.62
C ARG A 1341 -24.97 39.72 10.63
N GLN A 1342 -24.29 40.34 9.67
CA GLN A 1342 -24.23 41.80 9.69
C GLN A 1342 -25.53 42.40 9.17
N ALA A 1343 -26.32 41.64 8.41
CA ALA A 1343 -27.56 42.21 7.90
C ALA A 1343 -28.68 42.18 8.92
N ILE A 1344 -28.67 41.23 9.85
CA ILE A 1344 -29.74 41.23 10.86
C ILE A 1344 -29.50 42.32 11.91
N LEU A 1345 -28.26 42.44 12.40
CA LEU A 1345 -27.99 43.23 13.59
C LEU A 1345 -27.85 44.73 13.36
N PHE A 1346 -28.06 45.25 12.15
CA PHE A 1346 -27.96 46.69 11.89
C PHE A 1346 -29.02 47.10 10.87
N PRO A 1347 -30.26 47.29 11.32
CA PRO A 1347 -31.35 47.55 10.37
C PRO A 1347 -31.33 48.92 9.73
N ASN A 1348 -31.20 50.00 10.49
CA ASN A 1348 -31.25 51.36 9.94
C ASN A 1348 -29.82 51.85 9.76
N GLU A 1349 -29.31 51.70 8.54
CA GLU A 1349 -27.96 52.20 8.21
C GLU A 1349 -28.04 52.74 6.80
N GLU A 1350 -28.15 54.05 6.64
CA GLU A 1350 -28.38 54.61 5.30
C GLU A 1350 -27.18 54.28 4.42
N PRO A 1351 -27.32 54.25 3.08
CA PRO A 1351 -26.22 53.82 2.23
C PRO A 1351 -25.01 54.66 2.60
N SER A 1352 -23.89 53.99 2.85
CA SER A 1352 -22.69 54.74 3.30
C SER A 1352 -21.40 54.09 2.82
N TRP A 1353 -20.37 54.89 2.59
CA TRP A 1353 -19.05 54.33 2.25
C TRP A 1353 -18.59 53.59 3.50
N LYS A 1354 -19.15 53.97 4.65
CA LYS A 1354 -18.83 53.29 5.93
C LYS A 1354 -19.28 51.83 5.85
N LEU A 1355 -20.41 51.54 5.26
CA LEU A 1355 -20.82 50.16 5.13
C LEU A 1355 -19.74 49.48 4.34
N ALA A 1356 -19.31 50.13 3.25
CA ALA A 1356 -18.27 49.53 2.38
C ALA A 1356 -17.00 49.26 3.19
N LYS A 1357 -16.64 50.17 4.09
CA LYS A 1357 -15.45 49.94 4.93
C LYS A 1357 -15.68 48.70 5.78
N ASN A 1358 -16.89 48.56 6.34
CA ASN A 1358 -17.21 47.34 7.12
C ASN A 1358 -17.09 46.16 6.15
N ILE A 1359 -17.54 46.34 4.91
CA ILE A 1359 -17.51 45.24 3.90
C ILE A 1359 -16.06 44.82 3.66
N THR A 1399 -34.17 43.62 16.29
CA THR A 1399 -35.27 42.97 15.58
C THR A 1399 -35.02 41.46 15.52
N GLY A 1400 -35.35 40.79 16.62
CA GLY A 1400 -35.26 39.33 16.67
C GLY A 1400 -33.88 38.75 16.52
N ALA A 1401 -32.92 39.19 17.34
CA ALA A 1401 -31.53 38.83 17.13
C ALA A 1401 -31.19 37.40 17.53
N TRP A 1402 -32.15 36.62 18.02
CA TRP A 1402 -31.83 35.31 18.57
C TRP A 1402 -31.53 34.26 17.51
N ILE A 1403 -31.79 34.55 16.24
CA ILE A 1403 -31.29 33.70 15.15
C ILE A 1403 -29.79 33.87 14.98
N VAL A 1404 -29.26 35.03 15.38
CA VAL A 1404 -27.83 35.32 15.20
C VAL A 1404 -26.88 34.39 15.95
N PRO A 1405 -27.14 33.97 17.21
CA PRO A 1405 -26.21 32.99 17.82
C PRO A 1405 -26.16 31.64 17.12
N ALA A 1406 -27.32 31.02 16.84
CA ALA A 1406 -27.36 29.66 16.30
C ALA A 1406 -26.66 29.56 14.95
N ILE A 1407 -27.02 30.44 14.01
CA ILE A 1407 -26.36 30.38 12.71
C ILE A 1407 -24.96 30.98 12.74
N MET A 1408 -24.49 31.47 13.88
CA MET A 1408 -23.05 31.69 13.97
C MET A 1408 -22.33 30.37 14.20
N ALA A 1409 -22.85 29.55 15.12
CA ALA A 1409 -22.12 28.36 15.58
C ALA A 1409 -21.96 27.33 14.49
N CYS A 1410 -23.02 27.13 13.68
CA CYS A 1410 -22.97 26.21 12.56
C CYS A 1410 -21.92 26.63 11.54
N TYR A 1411 -21.67 27.95 11.41
CA TYR A 1411 -20.57 28.42 10.58
C TYR A 1411 -19.24 27.84 11.02
N LEU A 1412 -18.96 27.87 12.33
CA LEU A 1412 -17.75 27.26 12.84
C LEU A 1412 -17.76 25.76 12.61
N LEU A 1413 -18.96 25.15 12.65
CA LEU A 1413 -19.10 23.73 12.40
C LEU A 1413 -18.82 23.38 10.95
N VAL A 1414 -18.90 24.34 10.03
CA VAL A 1414 -18.48 24.07 8.67
C VAL A 1414 -17.24 24.87 8.29
N ALA A 1415 -16.59 25.51 9.27
CA ALA A 1415 -15.32 26.15 8.95
C ALA A 1415 -14.15 25.42 9.57
N ASN A 1416 -14.18 25.24 10.89
CA ASN A 1416 -13.05 24.64 11.59
C ASN A 1416 -13.19 23.15 11.79
N ILE A 1417 -14.18 22.51 11.17
CA ILE A 1417 -14.37 21.08 11.35
C ILE A 1417 -14.30 20.34 10.02
N LEU A 1418 -15.08 20.77 9.04
CA LEU A 1418 -15.23 20.03 7.80
C LEU A 1418 -14.16 20.38 6.76
N LEU A 1419 -13.87 21.47 6.37
CA LEU A 1419 -12.90 21.73 5.30
C LEU A 1419 -11.46 21.65 5.80
N VAL A 1420 -11.26 22.14 7.15
CA VAL A 1420 -9.89 21.99 7.63
C VAL A 1420 -9.48 20.53 7.61
N ASN A 1421 -10.38 19.64 8.04
CA ASN A 1421 -10.06 18.21 8.00
C ASN A 1421 -10.11 17.65 6.59
N LEU A 1422 -10.78 18.33 5.65
CA LEU A 1422 -10.64 17.97 4.25
C LEU A 1422 -9.29 18.41 3.71
N LEU A 1423 -8.80 19.57 4.15
CA LEU A 1423 -7.49 20.05 3.73
C LEU A 1423 -6.37 19.16 4.25
N ILE A 1424 -6.50 18.68 5.49
CA ILE A 1424 -5.51 17.77 6.05
C ILE A 1424 -5.52 16.45 5.31
N ALA A 1425 -6.71 15.98 4.88
CA ALA A 1425 -6.79 14.74 4.15
C ALA A 1425 -6.23 14.87 2.74
N VAL A 1426 -6.34 16.05 2.14
CA VAL A 1426 -5.83 16.23 0.78
C VAL A 1426 -4.42 16.79 0.73
N PHE A 1427 -3.75 16.88 1.87
CA PHE A 1427 -2.36 17.31 1.89
C PHE A 1427 -1.59 16.19 2.55
N ASN A 1428 -2.34 15.02 2.68
CA ASN A 1428 -1.68 13.87 3.25
C ASN A 1428 -1.65 12.80 2.19
N ASN A 1429 -2.58 12.65 1.36
CA ASN A 1429 -2.57 11.65 0.30
C ASN A 1429 -2.17 12.26 -1.02
N THR A 1430 -1.45 13.36 -0.99
CA THR A 1430 -0.80 13.90 -2.17
C THR A 1430 0.71 13.94 -2.03
N PHE A 1431 1.23 13.54 -0.87
CA PHE A 1431 2.66 13.64 -0.60
C PHE A 1431 3.45 12.61 -1.36
N PHE A 1432 2.87 11.41 -1.55
CA PHE A 1432 3.61 10.26 -2.08
C PHE A 1432 3.95 10.41 -3.56
N GLU A 1433 3.35 11.36 -4.26
CA GLU A 1433 3.72 11.66 -5.63
C GLU A 1433 4.61 12.88 -5.75
N VAL A 1434 4.33 13.93 -4.98
CA VAL A 1434 5.10 15.16 -5.09
C VAL A 1434 6.50 14.98 -4.48
N LYS A 1435 6.65 14.05 -3.53
CA LYS A 1435 7.97 13.74 -3.02
C LYS A 1435 8.83 13.05 -4.07
N SER A 1436 8.22 12.21 -4.91
CA SER A 1436 8.96 11.60 -6.00
C SER A 1436 9.23 12.58 -7.14
N ILE A 1437 8.35 13.56 -7.34
CA ILE A 1437 8.55 14.52 -8.42
C ILE A 1437 9.67 15.51 -8.08
N SER A 1438 9.64 16.06 -6.86
CA SER A 1438 10.60 17.12 -6.50
C SER A 1438 12.03 16.60 -6.43
N ASN A 1439 12.22 15.32 -6.08
CA ASN A 1439 13.53 14.70 -6.09
C ASN A 1439 14.14 14.66 -7.48
N GLN A 1440 13.31 14.49 -8.51
CA GLN A 1440 13.77 14.61 -9.89
C GLN A 1440 14.01 16.06 -10.29
N VAL A 1441 13.11 16.96 -9.90
CA VAL A 1441 13.17 18.33 -10.38
C VAL A 1441 14.38 19.08 -9.82
N TRP A 1442 14.76 18.77 -8.57
CA TRP A 1442 15.94 19.41 -7.99
C TRP A 1442 17.22 18.95 -8.65
N LYS A 1443 17.35 17.63 -8.87
CA LYS A 1443 18.54 17.07 -9.52
C LYS A 1443 18.63 17.50 -10.98
N PHE A 1444 17.49 17.85 -11.59
CA PHE A 1444 17.56 18.47 -12.90
C PHE A 1444 18.02 19.92 -12.80
N GLN A 1445 17.42 20.72 -11.92
CA GLN A 1445 17.66 22.15 -11.94
C GLN A 1445 18.96 22.55 -11.29
N ARG A 1446 19.78 21.61 -10.80
CA ARG A 1446 21.14 21.99 -10.41
C ARG A 1446 21.98 22.47 -11.60
N TYR A 1447 21.69 21.96 -12.80
CA TYR A 1447 22.49 22.28 -13.98
C TYR A 1447 22.37 23.74 -14.36
N GLN A 1448 21.18 24.31 -14.24
CA GLN A 1448 20.97 25.72 -14.55
C GLN A 1448 21.78 26.61 -13.63
N LEU A 1449 21.88 26.24 -12.36
CA LEU A 1449 22.68 26.98 -11.39
C LEU A 1449 24.17 26.91 -11.73
N ILE A 1450 24.66 25.71 -12.05
CA ILE A 1450 26.09 25.53 -12.28
C ILE A 1450 26.52 26.21 -13.58
N MET A 1451 25.66 26.20 -14.60
CA MET A 1451 26.02 26.94 -15.81
C MET A 1451 25.67 28.42 -15.70
N THR A 1452 24.95 28.81 -14.64
CA THR A 1452 24.75 30.23 -14.41
C THR A 1452 26.00 30.87 -13.82
N PHE A 1453 26.61 30.71 -12.99
CA PHE A 1453 27.69 31.52 -12.39
C PHE A 1453 29.03 31.56 -13.05
N HIS A 1454 29.24 30.48 -14.05
CA HIS A 1454 30.49 30.79 -14.79
C HIS A 1454 30.42 32.20 -15.38
N GLU A 1455 29.02 32.55 -15.71
CA GLU A 1455 28.81 33.83 -16.45
C GLU A 1455 28.78 35.16 -15.68
N ARG A 1456 28.76 35.14 -14.39
CA ARG A 1456 28.60 36.38 -13.60
C ARG A 1456 29.98 36.73 -13.12
N PRO A 1457 30.36 37.98 -13.17
CA PRO A 1457 31.72 38.32 -12.78
C PRO A 1457 32.15 37.91 -11.36
N VAL A 1458 33.44 38.05 -11.04
CA VAL A 1458 34.01 37.66 -9.74
C VAL A 1458 33.67 38.69 -8.68
N LEU A 1459 33.66 39.96 -9.07
CA LEU A 1459 33.46 41.07 -8.16
C LEU A 1459 32.02 41.09 -7.63
N PRO A 1460 31.79 41.66 -6.44
CA PRO A 1460 30.43 41.74 -5.90
C PRO A 1460 29.57 42.71 -6.70
N PRO A 1461 28.25 42.63 -6.58
CA PRO A 1461 27.37 43.54 -7.34
C PRO A 1461 27.49 45.02 -6.95
N PRO A 1462 27.77 45.40 -5.69
CA PRO A 1462 28.12 46.82 -5.48
C PRO A 1462 29.50 47.21 -5.97
N LEU A 1463 30.28 46.29 -6.50
CA LEU A 1463 31.58 46.61 -7.10
C LEU A 1463 31.68 46.13 -8.54
N ILE A 1464 30.57 45.68 -9.14
CA ILE A 1464 30.61 45.09 -10.47
C ILE A 1464 30.81 46.12 -11.57
N ILE A 1465 30.77 47.41 -11.23
CA ILE A 1465 30.93 48.49 -12.21
C ILE A 1465 32.30 48.46 -12.87
N PHE A 1466 33.32 47.96 -12.17
CA PHE A 1466 34.64 47.81 -12.76
C PHE A 1466 34.64 46.77 -13.88
N SER A 1467 34.01 45.61 -13.64
CA SER A 1467 33.96 44.57 -14.65
C SER A 1467 33.08 44.97 -15.83
N HIS A 1468 31.96 45.64 -15.56
CA HIS A 1468 31.10 46.12 -16.63
C HIS A 1468 31.80 47.19 -17.46
N MET A 1469 32.58 48.07 -16.83
CA MET A 1469 33.25 49.09 -17.65
C MET A 1469 34.45 48.52 -18.38
N THR A 1470 35.05 47.42 -17.90
CA THR A 1470 36.04 46.74 -18.73
C THR A 1470 35.38 46.01 -19.89
N MET A 1471 34.22 45.59 -19.89
CA MET A 1471 33.65 45.01 -21.09
C MET A 1471 33.35 46.15 -22.01
N ILE A 1472 32.60 47.19 -21.42
CA ILE A 1472 32.32 48.31 -22.31
C ILE A 1472 33.60 48.85 -22.95
N PHE A 1473 34.74 48.70 -22.27
CA PHE A 1473 36.02 49.12 -22.82
C PHE A 1473 36.37 48.37 -24.11
N GLN A 1474 36.07 47.08 -24.15
CA GLN A 1474 36.23 46.30 -25.37
C GLN A 1474 35.26 45.14 -25.40
N LEU A 1496 34.97 20.07 -23.87
CA LEU A 1496 36.31 19.52 -23.70
C LEU A 1496 36.86 19.16 -25.08
N PHE A 1497 37.87 19.91 -25.52
CA PHE A 1497 38.47 19.67 -26.82
C PHE A 1497 39.40 18.46 -26.72
N ILE A 1498 39.27 17.52 -27.65
CA ILE A 1498 40.04 16.29 -27.63
C ILE A 1498 40.72 16.08 -28.98
N THR A 1499 41.70 15.18 -28.98
CA THR A 1499 42.46 14.87 -30.18
C THR A 1499 41.81 13.71 -30.93
N ASP A 1500 42.50 13.15 -31.91
CA ASP A 1500 41.93 12.18 -32.82
C ASP A 1500 42.08 10.74 -32.36
N ASP A 1501 43.12 10.41 -31.60
CA ASP A 1501 43.31 9.03 -31.17
C ASP A 1501 42.41 8.66 -30.00
N GLU A 1502 42.29 9.56 -29.02
CA GLU A 1502 41.32 9.38 -27.94
C GLU A 1502 39.90 9.38 -28.47
N LEU A 1503 39.64 10.12 -29.54
CA LEU A 1503 38.35 10.05 -30.23
C LEU A 1503 38.08 8.65 -30.75
N LYS A 1504 39.10 8.00 -31.33
CA LYS A 1504 38.94 6.63 -31.81
C LYS A 1504 38.73 5.66 -30.66
N LYS A 1505 39.39 5.93 -29.52
CA LYS A 1505 39.13 5.16 -28.30
C LYS A 1505 37.68 5.31 -27.85
N VAL A 1506 37.14 6.53 -27.95
CA VAL A 1506 35.75 6.78 -27.57
C VAL A 1506 34.80 6.03 -28.50
N HIS A 1507 35.06 6.06 -29.81
CA HIS A 1507 34.21 5.35 -30.77
C HIS A 1507 34.24 3.83 -30.54
N ASP A 1508 35.38 3.36 -30.06
CA ASP A 1508 35.44 1.92 -29.72
C ASP A 1508 34.73 1.70 -28.38
N PHE A 1509 34.87 2.63 -27.44
CA PHE A 1509 34.25 2.34 -26.12
C PHE A 1509 32.74 2.22 -26.36
N GLU A 1510 32.21 3.10 -27.20
CA GLU A 1510 30.76 3.05 -27.49
C GLU A 1510 30.44 1.72 -28.18
N GLU A 1511 31.29 1.28 -29.12
CA GLU A 1511 30.96 0.06 -29.89
C GLU A 1511 30.88 -1.11 -28.93
N GLN A 1512 31.80 -1.19 -27.99
CA GLN A 1512 31.68 -2.36 -27.10
C GLN A 1512 30.35 -2.25 -26.40
N CYS A 1513 30.01 -1.05 -25.91
CA CYS A 1513 28.77 -0.98 -25.12
C CYS A 1513 27.51 -1.29 -25.95
N ILE A 1514 27.39 -0.79 -27.18
CA ILE A 1514 26.11 -0.99 -27.91
C ILE A 1514 25.91 -2.49 -28.11
N GLU A 1515 26.95 -3.18 -28.57
CA GLU A 1515 26.77 -4.62 -28.88
C GLU A 1515 26.45 -5.33 -27.57
N GLU A 1516 27.15 -4.94 -26.50
CA GLU A 1516 26.93 -5.65 -25.23
C GLU A 1516 25.48 -5.44 -24.83
N TYR A 1517 24.94 -4.23 -25.01
CA TYR A 1517 23.56 -4.03 -24.51
C TYR A 1517 22.67 -5.02 -25.25
N PHE A 1518 22.83 -5.11 -26.57
CA PHE A 1518 21.91 -5.99 -27.32
C PHE A 1518 22.13 -7.41 -26.85
N ARG A 1519 23.39 -7.81 -26.70
CA ARG A 1519 23.63 -9.22 -26.34
C ARG A 1519 22.99 -9.43 -24.98
N GLU A 1520 23.30 -8.55 -24.04
CA GLU A 1520 22.78 -8.76 -22.69
C GLU A 1520 21.26 -8.76 -22.66
N LYS A 1521 20.63 -7.98 -23.54
CA LYS A 1521 19.18 -7.99 -23.62
C LYS A 1521 18.67 -9.33 -24.13
N ASP A 1522 19.38 -9.91 -25.09
CA ASP A 1522 18.97 -11.20 -25.66
C ASP A 1522 19.19 -12.33 -24.65
N ASP A 1523 20.30 -12.27 -23.91
CA ASP A 1523 20.54 -13.31 -22.89
C ASP A 1523 19.59 -13.18 -21.72
N ARG A 1524 19.17 -11.95 -21.39
CA ARG A 1524 18.16 -11.80 -20.35
C ARG A 1524 16.78 -12.24 -20.86
N PHE A 1525 16.55 -12.14 -22.17
CA PHE A 1525 15.28 -12.59 -22.72
C PHE A 1525 15.18 -14.11 -22.76
N ASN A 1526 16.15 -14.77 -23.39
CA ASN A 1526 16.00 -16.20 -23.67
C ASN A 1526 16.30 -17.11 -22.47
N SER A 1527 16.46 -16.56 -21.27
CA SER A 1527 16.68 -17.36 -20.08
C SER A 1527 15.43 -17.35 -19.18
N SER A 1528 14.47 -16.50 -19.52
CA SER A 1528 13.23 -16.38 -18.77
C SER A 1528 12.34 -17.58 -19.02
N ASN A 1529 11.37 -17.76 -18.12
CA ASN A 1529 10.48 -18.92 -18.21
C ASN A 1529 9.52 -18.81 -19.38
N ASP A 1530 9.20 -17.58 -19.78
CA ASP A 1530 8.14 -17.32 -20.74
C ASP A 1530 8.52 -17.70 -22.17
N GLU A 1531 9.78 -18.07 -22.41
CA GLU A 1531 10.17 -18.68 -23.67
C GLU A 1531 10.51 -20.15 -23.52
N ARG A 1532 11.05 -20.53 -22.36
CA ARG A 1532 11.37 -21.91 -22.06
C ARG A 1532 10.15 -22.81 -21.99
N ILE A 1533 8.97 -22.26 -21.72
CA ILE A 1533 7.74 -23.04 -21.81
C ILE A 1533 7.23 -23.12 -23.25
N ARG A 1534 7.24 -21.98 -23.94
CA ARG A 1534 6.55 -21.89 -25.23
C ARG A 1534 7.30 -22.64 -26.31
N VAL A 1535 8.62 -22.75 -26.20
CA VAL A 1535 9.30 -23.56 -27.20
C VAL A 1535 9.13 -25.06 -26.90
N THR A 1536 9.10 -25.44 -25.62
CA THR A 1536 9.09 -26.86 -25.30
C THR A 1536 7.71 -27.46 -25.53
N SER A 1537 6.65 -26.63 -25.56
CA SER A 1537 5.34 -27.14 -25.90
C SER A 1537 5.28 -27.67 -27.33
N GLU A 1538 5.74 -26.87 -28.29
CA GLU A 1538 5.70 -27.32 -29.67
C GLU A 1538 6.75 -28.39 -29.95
N ARG A 1539 7.87 -28.38 -29.21
CA ARG A 1539 8.80 -29.51 -29.27
C ARG A 1539 8.12 -30.82 -28.85
N VAL A 1540 7.29 -30.76 -27.79
CA VAL A 1540 6.57 -31.94 -27.32
C VAL A 1540 5.60 -32.45 -28.38
N GLU A 1541 4.82 -31.55 -29.00
CA GLU A 1541 3.85 -32.06 -29.98
C GLU A 1541 4.52 -32.59 -31.25
N ASN A 1542 5.67 -32.01 -31.63
CA ASN A 1542 6.40 -32.51 -32.78
C ASN A 1542 6.97 -33.90 -32.51
N MET A 1543 7.52 -34.11 -31.31
CA MET A 1543 8.01 -35.45 -30.97
C MET A 1543 6.88 -36.46 -30.87
N SER A 1544 5.68 -36.05 -30.46
CA SER A 1544 4.58 -37.01 -30.38
C SER A 1544 4.13 -37.47 -31.76
N MET A 1545 4.05 -36.55 -32.72
CA MET A 1545 3.66 -36.94 -34.08
C MET A 1545 4.72 -37.82 -34.73
N ARG A 1546 6.01 -37.49 -34.51
CA ARG A 1546 7.08 -38.35 -35.02
C ARG A 1546 7.08 -39.71 -34.34
N LEU A 1547 6.67 -39.77 -33.07
CA LEU A 1547 6.61 -41.05 -32.37
C LEU A 1547 5.54 -41.95 -32.96
N GLU A 1548 4.38 -41.38 -33.33
CA GLU A 1548 3.34 -42.24 -33.90
C GLU A 1548 3.69 -42.67 -35.33
N GLU A 1549 4.42 -41.84 -36.08
CA GLU A 1549 4.90 -42.30 -37.39
C GLU A 1549 5.92 -43.42 -37.25
N VAL A 1550 6.81 -43.32 -36.25
CA VAL A 1550 7.74 -44.41 -35.95
C VAL A 1550 6.99 -45.67 -35.50
N ASN A 1551 5.85 -45.49 -34.82
CA ASN A 1551 5.05 -46.63 -34.39
C ASN A 1551 4.46 -47.39 -35.57
N GLU A 1552 3.87 -46.68 -36.55
CA GLU A 1552 3.30 -47.39 -37.69
C GLU A 1552 4.40 -48.01 -38.57
N ARG A 1553 5.58 -47.37 -38.65
CA ARG A 1553 6.68 -47.98 -39.38
C ARG A 1553 7.17 -49.25 -38.69
N GLU A 1554 7.22 -49.26 -37.36
CA GLU A 1554 7.67 -50.44 -36.64
C GLU A 1554 6.68 -51.59 -36.77
N HIS A 1555 5.38 -51.31 -36.77
CA HIS A 1555 4.42 -52.39 -36.96
C HIS A 1555 4.45 -52.95 -38.38
N SER A 1556 4.70 -52.09 -39.39
CA SER A 1556 4.86 -52.61 -40.75
C SER A 1556 6.11 -53.47 -40.88
N MET A 1557 7.21 -53.09 -40.21
CA MET A 1557 8.42 -53.90 -40.27
C MET A 1557 8.24 -55.21 -39.50
N LYS A 1558 7.44 -55.20 -38.44
CA LYS A 1558 7.12 -56.44 -37.73
C LYS A 1558 6.28 -57.37 -38.62
N ASP B 754 -15.14 -45.29 -21.17
CA ASP B 754 -15.58 -46.09 -22.31
C ASP B 754 -17.10 -46.07 -22.42
N LEU B 755 -17.66 -44.86 -22.40
CA LEU B 755 -19.11 -44.71 -22.38
C LEU B 755 -19.68 -44.46 -23.78
N ALA B 756 -18.82 -44.05 -24.73
CA ALA B 756 -19.30 -43.67 -26.06
C ALA B 756 -19.78 -44.88 -26.85
N ILE B 757 -19.01 -45.98 -26.84
CA ILE B 757 -19.46 -47.19 -27.51
C ILE B 757 -20.61 -47.84 -26.75
N LEU B 758 -20.69 -47.61 -25.43
CA LEU B 758 -21.82 -48.07 -24.65
C LEU B 758 -23.12 -47.42 -25.09
N THR B 759 -23.08 -46.11 -25.37
CA THR B 759 -24.25 -45.46 -25.95
C THR B 759 -24.44 -45.83 -27.41
N ALA B 760 -23.35 -46.11 -28.13
CA ALA B 760 -23.46 -46.48 -29.54
C ALA B 760 -24.11 -47.85 -29.72
N LEU B 761 -24.04 -48.69 -28.69
CA LEU B 761 -24.82 -49.92 -28.67
C LEU B 761 -26.31 -49.62 -28.74
N LEU B 762 -26.77 -48.65 -27.95
CA LEU B 762 -28.17 -48.27 -27.97
C LEU B 762 -28.52 -47.52 -29.25
N LYS B 763 -27.56 -46.78 -29.81
CA LYS B 763 -27.79 -46.13 -31.09
C LYS B 763 -27.82 -47.15 -32.23
N GLY B 764 -27.06 -48.23 -32.11
CA GLY B 764 -27.11 -49.30 -33.08
C GLY B 764 -28.23 -50.30 -32.87
N ALA B 765 -29.08 -50.09 -31.86
CA ALA B 765 -30.16 -51.03 -31.59
C ALA B 765 -31.28 -50.94 -32.61
N ASN B 766 -31.43 -49.79 -33.26
CA ASN B 766 -32.50 -49.60 -34.24
C ASN B 766 -32.10 -48.60 -35.32
N ALA B 767 -33.06 -48.12 -36.09
CA ALA B 767 -32.76 -47.28 -37.24
C ALA B 767 -33.65 -46.04 -37.41
N SER B 768 -34.57 -45.77 -36.48
CA SER B 768 -35.40 -44.57 -36.59
C SER B 768 -34.57 -43.34 -36.23
N ALA B 769 -33.98 -42.72 -37.25
CA ALA B 769 -33.05 -41.62 -37.11
C ALA B 769 -33.63 -40.34 -36.47
N PRO B 770 -34.88 -39.90 -36.72
CA PRO B 770 -35.40 -38.81 -35.89
C PRO B 770 -35.63 -39.21 -34.45
N ASP B 771 -36.11 -40.43 -34.20
CA ASP B 771 -36.21 -40.91 -32.83
C ASP B 771 -34.84 -41.13 -32.22
N GLN B 772 -33.85 -41.48 -33.06
CA GLN B 772 -32.47 -41.59 -32.58
C GLN B 772 -31.92 -40.25 -32.15
N LEU B 773 -32.21 -39.20 -32.93
CA LEU B 773 -31.77 -37.86 -32.57
C LEU B 773 -32.51 -37.36 -31.33
N SER B 774 -33.78 -37.75 -31.19
CA SER B 774 -34.55 -37.41 -29.99
C SER B 774 -33.97 -38.10 -28.76
N LEU B 775 -33.58 -39.36 -28.87
CA LEU B 775 -32.98 -40.07 -27.75
C LEU B 775 -31.61 -39.48 -27.41
N ALA B 776 -30.85 -39.08 -28.44
CA ALA B 776 -29.56 -38.45 -28.21
C ALA B 776 -29.70 -37.10 -27.53
N LEU B 777 -30.78 -36.38 -27.84
CA LEU B 777 -31.10 -35.17 -27.10
C LEU B 777 -31.54 -35.50 -25.67
N ALA B 778 -32.16 -36.67 -25.48
CA ALA B 778 -32.66 -37.03 -24.15
C ALA B 778 -31.51 -37.39 -23.20
N TRP B 779 -30.54 -38.18 -23.66
CA TRP B 779 -29.45 -38.53 -22.75
C TRP B 779 -28.42 -37.43 -22.58
N ASN B 780 -28.50 -36.38 -23.40
CA ASN B 780 -27.71 -35.14 -23.26
C ASN B 780 -26.20 -35.42 -23.36
N ARG B 781 -25.80 -35.94 -24.52
CA ARG B 781 -24.41 -36.20 -24.84
C ARG B 781 -24.22 -35.81 -26.30
N VAL B 782 -23.77 -34.58 -26.53
CA VAL B 782 -23.75 -34.03 -27.89
C VAL B 782 -22.63 -34.63 -28.74
N ASP B 783 -21.61 -35.21 -28.11
CA ASP B 783 -20.51 -35.80 -28.87
C ASP B 783 -20.97 -37.04 -29.63
N ILE B 784 -21.94 -37.76 -29.08
CA ILE B 784 -22.45 -38.96 -29.73
C ILE B 784 -23.20 -38.62 -31.01
N ALA B 785 -24.05 -37.59 -30.94
CA ALA B 785 -24.78 -37.16 -32.13
C ALA B 785 -23.85 -36.47 -33.12
N ARG B 786 -22.80 -35.82 -32.63
CA ARG B 786 -21.83 -35.20 -33.52
C ARG B 786 -20.97 -36.25 -34.22
N SER B 787 -20.78 -37.40 -33.59
CA SER B 787 -19.94 -38.44 -34.17
C SER B 787 -20.71 -39.40 -35.08
N GLN B 788 -21.92 -39.80 -34.70
CA GLN B 788 -22.60 -40.89 -35.37
C GLN B 788 -23.79 -40.44 -36.21
N ILE B 789 -24.59 -39.50 -35.73
CA ILE B 789 -25.86 -39.20 -36.39
C ILE B 789 -25.65 -38.31 -37.61
N PHE B 790 -25.10 -37.12 -37.39
CA PHE B 790 -24.97 -36.12 -38.47
C PHE B 790 -23.78 -36.50 -39.34
N ILE B 791 -24.04 -37.45 -40.26
CA ILE B 791 -23.04 -37.94 -41.20
C ILE B 791 -23.58 -37.76 -42.61
N TYR B 792 -22.76 -38.14 -43.58
CA TYR B 792 -23.14 -38.01 -44.98
C TYR B 792 -24.14 -39.10 -45.37
N GLY B 793 -25.19 -38.70 -46.06
CA GLY B 793 -26.17 -39.64 -46.58
C GLY B 793 -27.34 -39.93 -45.66
N GLN B 794 -27.49 -39.19 -44.57
CA GLN B 794 -28.58 -39.44 -43.64
C GLN B 794 -29.90 -38.93 -44.23
N GLN B 795 -30.96 -39.72 -44.07
CA GLN B 795 -32.28 -39.35 -44.56
C GLN B 795 -33.03 -38.56 -43.51
N TRP B 796 -33.74 -37.52 -43.94
CA TRP B 796 -34.49 -36.67 -43.03
C TRP B 796 -35.87 -36.37 -43.61
N PRO B 797 -36.94 -36.63 -42.87
CA PRO B 797 -38.27 -36.18 -43.31
C PRO B 797 -38.44 -34.69 -43.04
N VAL B 798 -39.50 -34.14 -43.63
CA VAL B 798 -39.80 -32.72 -43.42
C VAL B 798 -40.43 -32.52 -42.05
N GLY B 799 -40.11 -31.40 -41.42
CA GLY B 799 -40.63 -31.09 -40.11
C GLY B 799 -39.90 -31.75 -38.95
N SER B 800 -39.00 -32.70 -39.22
CA SER B 800 -38.26 -33.34 -38.14
C SER B 800 -37.19 -32.42 -37.56
N LEU B 801 -36.52 -31.66 -38.42
CA LEU B 801 -35.51 -30.72 -37.95
C LEU B 801 -36.14 -29.58 -37.17
N GLU B 802 -37.34 -29.14 -37.56
CA GLU B 802 -38.01 -28.06 -36.85
C GLU B 802 -38.47 -28.51 -35.47
N GLN B 803 -39.05 -29.72 -35.39
CA GLN B 803 -39.47 -30.25 -34.10
C GLN B 803 -38.27 -30.55 -33.20
N ALA B 804 -37.17 -30.99 -33.81
CA ALA B 804 -35.94 -31.21 -33.05
C ALA B 804 -35.38 -29.90 -32.51
N MET B 805 -35.40 -28.83 -33.31
CA MET B 805 -34.98 -27.52 -32.86
C MET B 805 -35.87 -27.01 -31.72
N LEU B 806 -37.17 -27.25 -31.83
CA LEU B 806 -38.09 -26.83 -30.77
C LEU B 806 -37.82 -27.57 -29.46
N ASP B 807 -37.68 -28.90 -29.55
CA ASP B 807 -37.40 -29.70 -28.35
C ASP B 807 -36.03 -29.41 -27.78
N ALA B 808 -35.08 -28.97 -28.61
CA ALA B 808 -33.79 -28.57 -28.09
C ALA B 808 -33.82 -27.19 -27.43
N LEU B 809 -34.63 -26.27 -27.96
CA LEU B 809 -34.70 -24.95 -27.38
C LEU B 809 -35.45 -24.95 -26.06
N VAL B 810 -36.47 -25.79 -25.92
CA VAL B 810 -37.29 -25.73 -24.71
C VAL B 810 -36.59 -26.33 -23.49
N LEU B 811 -35.47 -27.03 -23.66
CA LEU B 811 -34.88 -27.78 -22.55
C LEU B 811 -33.45 -27.36 -22.23
N ASP B 812 -33.05 -26.13 -22.59
CA ASP B 812 -31.74 -25.54 -22.25
C ASP B 812 -30.58 -26.38 -22.79
N ARG B 813 -30.53 -26.51 -24.11
CA ARG B 813 -29.47 -27.26 -24.77
C ARG B 813 -28.65 -26.28 -25.61
N VAL B 814 -27.39 -26.10 -25.23
CA VAL B 814 -26.53 -25.16 -25.93
C VAL B 814 -25.99 -25.79 -27.21
N ASP B 815 -25.25 -26.89 -27.06
CA ASP B 815 -24.47 -27.43 -28.17
C ASP B 815 -25.36 -28.09 -29.21
N PHE B 816 -26.52 -28.62 -28.81
CA PHE B 816 -27.46 -29.20 -29.76
C PHE B 816 -28.05 -28.13 -30.67
N VAL B 817 -28.44 -26.99 -30.12
CA VAL B 817 -28.94 -25.90 -30.95
C VAL B 817 -27.81 -25.34 -31.81
N LYS B 818 -26.58 -25.30 -31.28
CA LYS B 818 -25.43 -24.88 -32.07
C LYS B 818 -25.21 -25.81 -33.27
N LEU B 819 -25.33 -27.11 -33.07
CA LEU B 819 -25.03 -28.05 -34.14
C LEU B 819 -26.17 -28.12 -35.14
N LEU B 820 -27.42 -27.96 -34.69
CA LEU B 820 -28.55 -27.92 -35.61
C LEU B 820 -28.56 -26.65 -36.45
N ILE B 821 -28.17 -25.50 -35.87
CA ILE B 821 -27.98 -24.30 -36.69
C ILE B 821 -26.82 -24.51 -37.65
N GLU B 822 -25.78 -25.24 -37.22
CA GLU B 822 -24.65 -25.53 -38.10
C GLU B 822 -24.98 -26.58 -39.16
N ASN B 823 -26.18 -27.15 -39.16
CA ASN B 823 -26.55 -28.22 -40.08
C ASN B 823 -27.90 -27.99 -40.73
N GLY B 824 -28.12 -26.80 -41.28
CA GLY B 824 -29.25 -26.60 -42.18
C GLY B 824 -30.41 -25.79 -41.65
N VAL B 825 -30.57 -25.73 -40.34
CA VAL B 825 -31.71 -25.03 -39.75
C VAL B 825 -31.47 -23.53 -39.85
N SER B 826 -32.37 -22.85 -40.54
CA SER B 826 -32.33 -21.40 -40.70
C SER B 826 -33.47 -20.78 -39.89
N MET B 827 -33.11 -19.89 -38.98
CA MET B 827 -34.10 -19.30 -38.07
C MET B 827 -35.00 -18.29 -38.76
N HIS B 828 -34.60 -17.77 -39.93
CA HIS B 828 -35.45 -16.84 -40.65
C HIS B 828 -36.63 -17.55 -41.30
N ARG B 829 -36.55 -18.86 -41.46
CA ARG B 829 -37.66 -19.65 -41.98
C ARG B 829 -38.36 -20.47 -40.89
N PHE B 830 -37.76 -20.60 -39.72
CA PHE B 830 -38.34 -21.43 -38.66
C PHE B 830 -39.41 -20.69 -37.87
N LEU B 831 -39.01 -19.61 -37.21
CA LEU B 831 -39.79 -19.08 -36.09
C LEU B 831 -41.01 -18.31 -36.58
N THR B 832 -42.18 -18.74 -36.12
CA THR B 832 -43.44 -18.04 -36.34
C THR B 832 -43.93 -17.48 -35.02
N ILE B 833 -45.03 -16.74 -35.09
CA ILE B 833 -45.60 -16.11 -33.90
C ILE B 833 -46.18 -17.17 -32.97
N SER B 834 -46.77 -18.22 -33.55
CA SER B 834 -47.42 -19.25 -32.76
C SER B 834 -46.41 -20.09 -31.99
N ARG B 835 -45.30 -20.44 -32.62
CA ARG B 835 -44.30 -21.25 -31.94
C ARG B 835 -43.55 -20.44 -30.90
N LEU B 836 -43.41 -19.13 -31.12
CA LEU B 836 -42.85 -18.28 -30.07
C LEU B 836 -43.81 -18.15 -28.90
N GLU B 837 -45.11 -18.11 -29.18
CA GLU B 837 -46.10 -18.15 -28.10
C GLU B 837 -46.02 -19.46 -27.33
N GLU B 838 -45.78 -20.56 -28.03
CA GLU B 838 -45.56 -21.84 -27.38
C GLU B 838 -44.30 -21.82 -26.52
N LEU B 839 -43.24 -21.14 -26.98
CA LEU B 839 -42.03 -20.99 -26.18
C LEU B 839 -42.29 -20.18 -24.92
N TYR B 840 -43.11 -19.15 -25.02
CA TYR B 840 -43.44 -18.39 -23.81
C TYR B 840 -44.46 -19.11 -22.93
N ASN B 841 -45.13 -20.13 -23.44
CA ASN B 841 -46.05 -20.91 -22.62
C ASN B 841 -45.61 -22.34 -22.41
N THR B 842 -44.33 -22.59 -22.11
CA THR B 842 -43.86 -23.92 -21.79
C THR B 842 -44.09 -24.25 -20.32
N ARG B 843 -43.58 -25.42 -19.90
CA ARG B 843 -43.64 -25.80 -18.50
C ARG B 843 -42.37 -26.49 -18.02
N HIS B 844 -41.24 -26.30 -18.71
CA HIS B 844 -39.99 -26.97 -18.37
C HIS B 844 -38.92 -26.04 -17.82
N GLY B 845 -39.29 -24.86 -17.34
CA GLY B 845 -38.33 -23.86 -16.95
C GLY B 845 -37.60 -24.21 -15.67
N PRO B 846 -36.31 -23.81 -15.62
CA PRO B 846 -35.54 -24.00 -14.39
C PRO B 846 -36.06 -23.18 -13.22
N SER B 847 -36.12 -21.86 -13.40
CA SER B 847 -36.57 -20.94 -12.38
C SER B 847 -36.91 -19.61 -13.04
N ASN B 848 -38.12 -19.12 -12.84
CA ASN B 848 -38.56 -17.91 -13.53
C ASN B 848 -39.37 -17.03 -12.60
N THR B 849 -39.34 -15.72 -12.87
CA THR B 849 -40.21 -14.76 -12.20
C THR B 849 -41.21 -14.12 -13.16
N LEU B 850 -41.64 -14.85 -14.18
CA LEU B 850 -42.48 -14.29 -15.23
C LEU B 850 -43.91 -14.05 -14.79
N TYR B 851 -44.50 -15.04 -14.10
CA TYR B 851 -45.92 -14.95 -13.72
C TYR B 851 -46.15 -13.87 -12.67
N HIS B 852 -45.13 -13.59 -11.85
CA HIS B 852 -45.21 -12.47 -10.92
C HIS B 852 -45.31 -11.15 -11.65
N LEU B 853 -44.55 -11.01 -12.75
CA LEU B 853 -44.64 -9.78 -13.53
C LEU B 853 -45.95 -9.71 -14.31
N VAL B 854 -46.49 -10.86 -14.72
CA VAL B 854 -47.80 -10.87 -15.35
C VAL B 854 -48.88 -10.40 -14.38
N ARG B 855 -48.86 -10.91 -13.15
CA ARG B 855 -49.83 -10.50 -12.15
C ARG B 855 -49.57 -9.09 -11.65
N ASP B 856 -48.35 -8.58 -11.83
CA ASP B 856 -48.05 -7.21 -11.43
C ASP B 856 -48.41 -6.20 -12.50
N VAL B 857 -48.44 -6.61 -13.76
CA VAL B 857 -48.85 -5.70 -14.82
C VAL B 857 -50.35 -5.72 -15.02
N ILE B 868 -50.60 -17.02 -21.79
CA ILE B 868 -50.23 -15.60 -21.69
C ILE B 868 -49.96 -14.96 -23.04
N SER B 869 -50.70 -13.91 -23.34
CA SER B 869 -50.67 -13.23 -24.63
C SER B 869 -49.41 -12.38 -24.77
N LEU B 870 -48.98 -12.20 -26.02
CA LEU B 870 -47.75 -11.48 -26.29
C LEU B 870 -47.89 -9.98 -26.07
N ILE B 871 -49.12 -9.46 -26.20
CA ILE B 871 -49.36 -8.06 -25.90
C ILE B 871 -49.15 -7.79 -24.41
N ASP B 872 -49.58 -8.74 -23.57
CA ASP B 872 -49.27 -8.67 -22.15
C ASP B 872 -47.77 -8.75 -21.90
N ILE B 873 -47.05 -9.53 -22.71
CA ILE B 873 -45.59 -9.61 -22.58
C ILE B 873 -44.95 -8.27 -22.90
N GLY B 874 -45.45 -7.59 -23.93
CA GLY B 874 -44.94 -6.26 -24.25
C GLY B 874 -45.26 -5.24 -23.17
N LEU B 875 -46.42 -5.40 -22.53
CA LEU B 875 -46.75 -4.53 -21.40
C LEU B 875 -45.82 -4.80 -20.22
N VAL B 876 -45.43 -6.07 -20.03
CA VAL B 876 -44.45 -6.41 -18.99
C VAL B 876 -43.09 -5.76 -19.29
N ILE B 877 -42.68 -5.78 -20.56
CA ILE B 877 -41.39 -5.20 -20.94
C ILE B 877 -41.42 -3.69 -20.77
N GLU B 878 -42.52 -3.04 -21.15
CA GLU B 878 -42.64 -1.60 -20.94
C GLU B 878 -42.69 -1.24 -19.46
N TYR B 879 -43.29 -2.11 -18.64
CA TYR B 879 -43.28 -1.86 -17.20
C TYR B 879 -41.90 -2.05 -16.60
N LEU B 880 -41.10 -2.95 -17.17
CA LEU B 880 -39.76 -3.18 -16.63
C LEU B 880 -38.80 -2.07 -17.02
N MET B 881 -38.82 -1.64 -18.28
CA MET B 881 -37.91 -0.56 -18.65
C MET B 881 -38.37 0.80 -18.13
N GLY B 882 -39.65 1.10 -18.26
CA GLY B 882 -40.13 2.38 -17.79
C GLY B 882 -39.82 3.51 -18.75
N GLY B 883 -40.08 4.72 -18.28
CA GLY B 883 -39.95 5.88 -19.14
C GLY B 883 -41.07 5.88 -20.17
N ALA B 884 -40.83 6.54 -21.29
CA ALA B 884 -41.78 6.57 -22.39
C ALA B 884 -41.46 5.51 -23.44
N TYR B 885 -40.93 4.37 -23.01
CA TYR B 885 -40.51 3.31 -23.91
C TYR B 885 -41.74 2.64 -24.49
N ARG B 886 -41.90 2.73 -25.81
CA ARG B 886 -43.07 2.20 -26.50
C ARG B 886 -42.63 1.03 -27.36
N CYS B 887 -42.73 -0.18 -26.81
CA CYS B 887 -42.21 -1.38 -27.46
C CYS B 887 -43.03 -1.73 -28.70
N ASN B 888 -42.40 -2.51 -29.58
CA ASN B 888 -42.97 -2.80 -30.89
C ASN B 888 -44.19 -3.72 -30.80
N TYR B 889 -44.35 -4.43 -29.68
CA TYR B 889 -45.56 -5.23 -29.51
C TYR B 889 -46.78 -4.35 -29.31
N THR B 890 -46.61 -3.18 -28.69
CA THR B 890 -47.73 -2.29 -28.44
C THR B 890 -47.97 -1.28 -29.55
N ARG B 891 -47.40 -1.50 -30.73
CA ARG B 891 -47.68 -0.62 -31.86
C ARG B 891 -49.04 -0.96 -32.46
N LYS B 892 -49.47 -0.13 -33.41
CA LYS B 892 -50.70 -0.41 -34.12
C LYS B 892 -50.50 -1.34 -35.30
N ARG B 893 -49.25 -1.62 -35.68
CA ARG B 893 -48.98 -2.50 -36.80
C ARG B 893 -48.95 -3.96 -36.38
N PHE B 894 -48.61 -4.24 -35.12
CA PHE B 894 -48.58 -5.59 -34.59
C PHE B 894 -49.89 -6.01 -33.94
N ARG B 895 -50.65 -5.04 -33.42
CA ARG B 895 -51.84 -5.36 -32.64
C ARG B 895 -52.98 -5.85 -33.52
N THR B 896 -53.18 -5.23 -34.68
CA THR B 896 -54.25 -5.68 -35.57
C THR B 896 -53.91 -7.00 -36.24
N LEU B 897 -52.63 -7.33 -36.37
CA LEU B 897 -52.24 -8.62 -36.91
C LEU B 897 -52.37 -9.75 -35.91
N TYR B 898 -52.66 -9.44 -34.65
CA TYR B 898 -52.84 -10.45 -33.62
C TYR B 898 -54.29 -10.90 -33.52
N HIS B 899 -55.17 -10.42 -34.42
CA HIS B 899 -56.59 -10.72 -34.33
C HIS B 899 -56.91 -12.15 -34.73
N ASN B 900 -56.08 -12.79 -35.55
CA ASN B 900 -56.40 -14.13 -36.06
C ASN B 900 -56.28 -15.17 -34.96
N LEU B 901 -55.08 -15.34 -34.40
CA LEU B 901 -54.89 -16.34 -33.36
C LEU B 901 -55.18 -15.74 -31.99
N ASP B 941 -49.77 -12.31 -46.98
CA ASP B 941 -48.54 -12.88 -47.47
C ASP B 941 -48.10 -14.02 -46.56
N PRO B 942 -47.26 -14.94 -47.04
CA PRO B 942 -46.70 -15.96 -46.14
C PRO B 942 -45.66 -15.42 -45.16
N GLU B 943 -45.15 -14.21 -45.38
CA GLU B 943 -44.13 -13.61 -44.52
C GLU B 943 -44.73 -12.65 -43.51
N ILE B 944 -45.97 -12.92 -43.07
CA ILE B 944 -46.61 -12.04 -42.09
C ILE B 944 -46.54 -12.60 -40.67
N ASN B 945 -46.07 -13.83 -40.50
CA ASN B 945 -45.77 -14.36 -39.18
C ASN B 945 -44.28 -14.53 -38.92
N HIS B 946 -43.44 -14.00 -39.81
CA HIS B 946 -42.00 -14.10 -39.62
C HIS B 946 -41.42 -12.78 -39.14
N PHE B 947 -40.62 -12.86 -38.08
CA PHE B 947 -39.92 -11.63 -37.72
C PHE B 947 -38.76 -11.40 -38.68
N PRO B 948 -38.63 -10.19 -39.23
CA PRO B 948 -37.44 -9.89 -40.04
C PRO B 948 -36.17 -9.82 -39.22
N PHE B 949 -36.26 -9.46 -37.95
CA PHE B 949 -35.13 -9.44 -37.04
C PHE B 949 -35.41 -10.37 -35.86
N PRO B 950 -35.41 -11.70 -36.09
CA PRO B 950 -35.88 -12.62 -35.05
C PRO B 950 -34.91 -12.78 -33.89
N PHE B 951 -33.62 -12.47 -34.09
CA PHE B 951 -32.65 -12.57 -33.03
C PHE B 951 -32.91 -11.60 -31.88
N HIS B 952 -33.61 -10.49 -32.14
CA HIS B 952 -34.01 -9.61 -31.05
C HIS B 952 -35.04 -10.29 -30.16
N GLU B 953 -36.04 -10.94 -30.75
CA GLU B 953 -37.00 -11.69 -29.96
C GLU B 953 -36.36 -12.87 -29.24
N LEU B 954 -35.38 -13.53 -29.86
CA LEU B 954 -34.70 -14.60 -29.15
C LEU B 954 -33.84 -14.07 -28.01
N MET B 955 -33.28 -12.87 -28.17
CA MET B 955 -32.54 -12.22 -27.10
C MET B 955 -33.45 -11.88 -25.93
N VAL B 956 -34.62 -11.32 -26.22
CA VAL B 956 -35.57 -10.94 -25.19
C VAL B 956 -36.10 -12.18 -24.46
N TRP B 957 -36.41 -13.24 -25.21
CA TRP B 957 -36.88 -14.48 -24.61
C TRP B 957 -35.80 -15.14 -23.78
N ALA B 958 -34.54 -15.01 -24.18
CA ALA B 958 -33.46 -15.53 -23.37
C ALA B 958 -33.30 -14.76 -22.07
N VAL B 959 -33.42 -13.44 -22.10
CA VAL B 959 -33.18 -12.66 -20.89
C VAL B 959 -34.33 -12.80 -19.91
N LEU B 960 -35.58 -12.78 -20.39
CA LEU B 960 -36.73 -12.72 -19.49
C LEU B 960 -36.93 -14.01 -18.70
N MET B 961 -36.53 -15.15 -19.25
CA MET B 961 -36.72 -16.42 -18.56
C MET B 961 -35.46 -16.90 -17.86
N LYS B 962 -34.39 -16.11 -17.89
CA LYS B 962 -33.13 -16.34 -17.16
C LYS B 962 -32.49 -17.67 -17.56
N ARG B 963 -32.06 -17.74 -18.81
CA ARG B 963 -31.19 -18.81 -19.29
C ARG B 963 -29.94 -18.16 -19.85
N GLN B 964 -28.92 -18.05 -19.00
CA GLN B 964 -27.80 -17.13 -19.20
C GLN B 964 -26.86 -17.55 -20.33
N LYS B 965 -26.50 -18.84 -20.39
CA LYS B 965 -25.61 -19.29 -21.45
C LYS B 965 -26.28 -19.21 -22.82
N MET B 966 -27.59 -19.43 -22.86
CA MET B 966 -28.34 -19.19 -24.07
C MET B 966 -28.36 -17.71 -24.44
N ALA B 967 -28.41 -16.82 -23.44
CA ALA B 967 -28.35 -15.39 -23.73
C ALA B 967 -27.01 -15.00 -24.33
N LEU B 968 -25.92 -15.53 -23.77
CA LEU B 968 -24.59 -15.20 -24.30
C LEU B 968 -24.37 -15.84 -25.66
N PHE B 969 -25.06 -16.94 -25.95
CA PHE B 969 -24.97 -17.48 -27.31
C PHE B 969 -25.76 -16.64 -28.29
N PHE B 970 -26.99 -16.28 -27.94
CA PHE B 970 -27.82 -15.51 -28.86
C PHE B 970 -27.34 -14.09 -29.07
N TRP B 971 -26.51 -13.56 -28.16
CA TRP B 971 -26.05 -12.19 -28.34
C TRP B 971 -25.07 -12.07 -29.51
N GLN B 972 -24.23 -13.07 -29.72
CA GLN B 972 -23.11 -12.91 -30.66
C GLN B 972 -23.47 -13.21 -32.10
N HIS B 973 -24.74 -13.15 -32.49
CA HIS B 973 -25.11 -13.32 -33.87
C HIS B 973 -26.22 -12.34 -34.26
N GLY B 974 -26.17 -11.89 -35.51
CA GLY B 974 -27.17 -10.98 -36.03
C GLY B 974 -26.68 -9.57 -36.18
N GLU B 975 -27.60 -8.64 -35.96
CA GLU B 975 -27.31 -7.21 -36.04
C GLU B 975 -27.54 -6.56 -34.69
N GLU B 976 -26.95 -5.37 -34.53
CA GLU B 976 -27.23 -4.43 -33.43
C GLU B 976 -26.95 -5.06 -32.07
N ALA B 977 -25.68 -5.38 -31.85
CA ALA B 977 -25.29 -6.07 -30.61
C ALA B 977 -25.36 -5.16 -29.40
N MET B 978 -24.99 -3.88 -29.57
CA MET B 978 -24.93 -3.00 -28.41
C MET B 978 -26.31 -2.63 -27.89
N ALA B 979 -27.29 -2.53 -28.79
CA ALA B 979 -28.66 -2.33 -28.35
C ALA B 979 -29.15 -3.50 -27.54
N LYS B 980 -28.83 -4.72 -27.99
CA LYS B 980 -29.24 -5.91 -27.24
C LYS B 980 -28.50 -6.01 -25.91
N ALA B 981 -27.24 -5.57 -25.88
CA ALA B 981 -26.47 -5.62 -24.63
C ALA B 981 -27.00 -4.63 -23.62
N LEU B 982 -27.32 -3.41 -24.05
CA LEU B 982 -27.81 -2.41 -23.09
C LEU B 982 -29.24 -2.70 -22.66
N VAL B 983 -30.08 -3.22 -23.57
CA VAL B 983 -31.42 -3.64 -23.18
C VAL B 983 -31.35 -4.81 -22.21
N ALA B 984 -30.40 -5.72 -22.41
CA ALA B 984 -30.22 -6.82 -21.47
C ALA B 984 -29.75 -6.32 -20.11
N CYS B 985 -28.85 -5.33 -20.08
CA CYS B 985 -28.38 -4.79 -18.81
C CYS B 985 -29.50 -4.08 -18.06
N LYS B 986 -30.33 -3.32 -18.79
CA LYS B 986 -31.47 -2.64 -18.19
C LYS B 986 -32.48 -3.64 -17.62
N LEU B 987 -32.79 -4.69 -18.37
CA LEU B 987 -33.77 -5.66 -17.90
C LEU B 987 -33.24 -6.48 -16.73
N CYS B 988 -31.93 -6.79 -16.73
CA CYS B 988 -31.36 -7.52 -15.60
C CYS B 988 -31.37 -6.69 -14.33
N LYS B 989 -31.03 -5.40 -14.44
CA LYS B 989 -31.06 -4.55 -13.24
C LYS B 989 -32.48 -4.31 -12.76
N ALA B 990 -33.43 -4.19 -13.69
CA ALA B 990 -34.82 -4.00 -13.31
C ALA B 990 -35.39 -5.23 -12.62
N MET B 991 -35.10 -6.43 -13.14
CA MET B 991 -35.60 -7.65 -12.49
C MET B 991 -34.90 -7.90 -11.17
N ALA B 992 -33.64 -7.49 -11.04
CA ALA B 992 -32.95 -7.63 -9.75
C ALA B 992 -33.59 -6.75 -8.69
N HIS B 993 -33.86 -5.49 -9.02
CA HIS B 993 -34.50 -4.59 -8.07
C HIS B 993 -35.94 -5.02 -7.78
N GLU B 994 -36.61 -5.59 -8.78
CA GLU B 994 -38.00 -6.00 -8.59
C GLU B 994 -38.09 -7.25 -7.71
N ALA B 995 -37.17 -8.20 -7.90
CA ALA B 995 -37.13 -9.39 -7.05
C ALA B 995 -36.65 -9.06 -5.65
N SER B 996 -35.81 -8.02 -5.49
CA SER B 996 -35.49 -7.56 -4.15
C SER B 996 -36.66 -6.82 -3.51
N GLU B 997 -37.54 -6.24 -4.31
CA GLU B 997 -38.65 -5.44 -3.77
C GLU B 997 -39.79 -6.28 -3.23
N ILE B 1004 -31.95 -15.13 -6.19
CA ILE B 1004 -32.21 -14.72 -7.56
C ILE B 1004 -31.62 -13.35 -7.82
N SER B 1005 -31.70 -12.46 -6.82
CA SER B 1005 -31.29 -11.07 -6.99
C SER B 1005 -29.79 -10.94 -7.18
N GLN B 1006 -29.01 -11.75 -6.44
CA GLN B 1006 -27.56 -11.75 -6.62
C GLN B 1006 -27.16 -12.27 -7.99
N GLU B 1007 -27.87 -13.30 -8.48
CA GLU B 1007 -27.64 -13.81 -9.83
C GLU B 1007 -27.94 -12.77 -10.89
N LEU B 1008 -29.04 -12.02 -10.72
CA LEU B 1008 -29.39 -11.03 -11.72
C LEU B 1008 -28.45 -9.82 -11.66
N ASN B 1009 -27.94 -9.49 -10.48
CA ASN B 1009 -26.91 -8.46 -10.38
C ASN B 1009 -25.63 -8.88 -11.07
N HIS B 1010 -25.24 -10.16 -10.90
CA HIS B 1010 -24.08 -10.69 -11.62
C HIS B 1010 -24.28 -10.67 -13.13
N ASN B 1011 -25.49 -10.98 -13.61
CA ASN B 1011 -25.75 -10.98 -15.04
C ASN B 1011 -25.74 -9.58 -15.62
N SER B 1012 -26.28 -8.61 -14.86
CA SER B 1012 -26.22 -7.22 -15.29
C SER B 1012 -24.77 -6.73 -15.35
N ARG B 1013 -23.94 -7.14 -14.39
CA ARG B 1013 -22.53 -6.79 -14.43
C ARG B 1013 -21.83 -7.43 -15.64
N ASP B 1014 -22.28 -8.62 -16.00
CA ASP B 1014 -21.66 -9.35 -17.14
C ASP B 1014 -22.00 -8.64 -18.46
N PHE B 1015 -23.28 -8.48 -18.78
CA PHE B 1015 -23.58 -7.85 -20.09
C PHE B 1015 -22.95 -6.47 -20.05
N GLY B 1016 -23.03 -5.81 -18.89
CA GLY B 1016 -22.49 -4.45 -18.78
C GLY B 1016 -21.00 -4.42 -19.06
N GLN B 1017 -20.24 -5.37 -18.52
CA GLN B 1017 -18.80 -5.39 -18.88
C GLN B 1017 -18.68 -5.67 -20.38
N LEU B 1018 -19.47 -6.60 -20.93
CA LEU B 1018 -19.29 -6.97 -22.36
C LEU B 1018 -19.59 -5.76 -23.26
N ALA B 1019 -20.64 -5.00 -22.98
CA ALA B 1019 -20.97 -3.91 -23.91
C ALA B 1019 -19.81 -2.94 -23.91
N VAL B 1020 -19.24 -2.66 -22.75
CA VAL B 1020 -18.16 -1.62 -22.71
C VAL B 1020 -16.99 -2.10 -23.58
N GLU B 1021 -16.66 -3.39 -23.52
CA GLU B 1021 -15.47 -3.89 -24.27
C GLU B 1021 -15.68 -3.71 -25.78
N LEU B 1022 -16.88 -3.96 -26.28
CA LEU B 1022 -17.09 -3.87 -27.74
C LEU B 1022 -16.78 -2.43 -28.13
N LEU B 1023 -17.22 -1.48 -27.31
CA LEU B 1023 -16.91 -0.05 -27.61
C LEU B 1023 -15.40 0.10 -27.55
N ASP B 1024 -14.74 -0.57 -26.62
CA ASP B 1024 -13.27 -0.34 -26.52
C ASP B 1024 -12.64 -0.77 -27.84
N GLN B 1025 -13.06 -1.91 -28.36
CA GLN B 1025 -12.51 -2.38 -29.66
C GLN B 1025 -13.02 -1.42 -30.73
N SER B 1026 -14.32 -1.09 -30.70
CA SER B 1026 -14.78 -0.24 -31.80
C SER B 1026 -14.15 1.14 -31.75
N TYR B 1027 -13.64 1.56 -30.60
CA TYR B 1027 -12.87 2.79 -30.58
C TYR B 1027 -11.41 2.53 -30.93
N LYS B 1028 -10.90 1.35 -30.58
CA LYS B 1028 -9.52 1.00 -30.92
C LYS B 1028 -9.32 0.83 -32.43
N GLN B 1029 -10.38 0.50 -33.16
CA GLN B 1029 -10.22 0.42 -34.60
C GLN B 1029 -10.36 1.78 -35.29
N ASP B 1030 -11.44 2.51 -35.04
CA ASP B 1030 -11.73 3.74 -35.76
C ASP B 1030 -12.46 4.68 -34.81
N GLU B 1031 -12.68 5.91 -35.29
CA GLU B 1031 -13.33 6.93 -34.44
C GLU B 1031 -14.49 7.55 -35.22
N GLN B 1032 -14.26 7.99 -36.45
CA GLN B 1032 -15.36 8.71 -37.14
C GLN B 1032 -16.57 7.79 -37.27
N LEU B 1033 -16.37 6.56 -37.73
CA LEU B 1033 -17.53 5.63 -37.79
C LEU B 1033 -17.93 5.26 -36.36
N ALA B 1034 -16.98 5.25 -35.43
CA ALA B 1034 -17.31 4.80 -34.07
C ALA B 1034 -18.35 5.74 -33.49
N MET B 1035 -18.16 7.03 -33.74
CA MET B 1035 -19.14 8.01 -33.24
C MET B 1035 -20.49 7.68 -33.87
N LYS B 1036 -20.50 7.27 -35.13
CA LYS B 1036 -21.81 7.05 -35.79
C LYS B 1036 -22.58 5.98 -35.03
N LEU B 1037 -21.89 4.94 -34.57
CA LEU B 1037 -22.63 3.82 -33.93
C LEU B 1037 -23.38 4.38 -32.72
N LEU B 1038 -22.72 5.19 -31.90
CA LEU B 1038 -23.46 5.63 -30.69
C LEU B 1038 -24.63 6.51 -31.10
N THR B 1039 -24.43 7.40 -32.06
CA THR B 1039 -25.50 8.37 -32.39
C THR B 1039 -26.72 7.84 -33.13
N TYR B 1040 -26.60 6.88 -34.05
CA TYR B 1040 -27.76 6.52 -34.92
C TYR B 1040 -28.99 6.12 -34.13
N GLU B 1041 -30.15 6.55 -34.64
CA GLU B 1041 -31.41 6.23 -33.93
C GLU B 1041 -31.82 4.82 -34.32
N LEU B 1042 -31.99 3.95 -33.34
CA LEU B 1042 -32.48 2.61 -33.70
C LEU B 1042 -33.89 2.82 -34.23
N LYS B 1043 -34.28 2.08 -35.27
CA LYS B 1043 -35.69 2.19 -35.71
C LYS B 1043 -36.45 0.99 -35.16
N ASN B 1044 -35.78 0.15 -34.37
CA ASN B 1044 -36.43 -1.07 -33.87
C ASN B 1044 -36.70 -0.96 -32.38
N TRP B 1045 -35.68 -0.63 -31.59
CA TRP B 1045 -35.87 -0.64 -30.12
C TRP B 1045 -36.49 0.67 -29.64
N SER B 1046 -37.73 0.95 -30.01
CA SER B 1046 -38.47 2.11 -29.48
C SER B 1046 -37.79 3.47 -29.63
N ASN B 1047 -37.25 3.77 -30.80
CA ASN B 1047 -36.73 5.14 -31.05
C ASN B 1047 -35.82 5.62 -29.92
N ALA B 1048 -34.74 4.92 -29.63
CA ALA B 1048 -33.78 5.38 -28.60
C ALA B 1048 -32.36 5.45 -29.18
N THR B 1049 -31.42 6.07 -28.74
CA THR B 1049 -30.03 6.04 -29.24
C THR B 1049 -29.21 5.40 -28.17
N CYS B 1050 -28.18 4.80 -28.39
CA CYS B 1050 -27.45 3.92 -27.49
C CYS B 1050 -26.98 4.65 -26.26
N LEU B 1051 -26.75 5.96 -26.37
CA LEU B 1051 -26.25 6.75 -25.26
C LEU B 1051 -27.34 6.97 -24.22
N GLN B 1052 -28.57 7.19 -24.69
CA GLN B 1052 -29.71 7.34 -23.79
C GLN B 1052 -30.03 6.06 -23.06
N LEU B 1053 -29.89 4.91 -23.74
CA LEU B 1053 -30.04 3.63 -23.05
C LEU B 1053 -28.90 3.37 -22.10
N ALA B 1054 -27.72 3.92 -22.39
CA ALA B 1054 -26.61 3.80 -21.45
C ALA B 1054 -26.83 4.59 -20.18
N VAL B 1055 -27.34 5.82 -20.29
CA VAL B 1055 -27.57 6.62 -19.10
C VAL B 1055 -28.80 6.12 -18.34
N ALA B 1056 -29.85 5.70 -19.05
CA ALA B 1056 -31.08 5.26 -18.41
C ALA B 1056 -30.94 3.93 -17.70
N ALA B 1057 -29.84 3.20 -17.92
CA ALA B 1057 -29.52 2.03 -17.12
C ALA B 1057 -28.53 2.34 -16.01
N LYS B 1058 -28.13 3.62 -15.87
CA LYS B 1058 -27.28 4.12 -14.79
C LYS B 1058 -25.93 3.42 -14.76
N HIS B 1059 -25.38 3.16 -15.94
CA HIS B 1059 -24.11 2.44 -16.08
C HIS B 1059 -22.99 3.48 -16.10
N ARG B 1060 -22.23 3.55 -15.01
CA ARG B 1060 -21.24 4.61 -14.86
C ARG B 1060 -19.96 4.35 -15.65
N ASP B 1061 -19.77 3.16 -16.20
CA ASP B 1061 -18.54 2.87 -16.91
C ASP B 1061 -18.57 3.22 -18.39
N PHE B 1062 -19.73 3.08 -19.04
CA PHE B 1062 -19.84 3.36 -20.47
C PHE B 1062 -19.64 4.83 -20.78
N ILE B 1063 -20.21 5.70 -19.94
CA ILE B 1063 -20.03 7.14 -20.11
C ILE B 1063 -18.59 7.52 -19.79
N ALA B 1064 -17.95 6.78 -18.88
CA ALA B 1064 -16.58 7.03 -18.47
C ALA B 1064 -15.57 6.75 -19.57
N HIS B 1065 -15.97 6.09 -20.65
CA HIS B 1065 -15.08 5.85 -21.77
C HIS B 1065 -14.80 7.16 -22.50
N THR B 1066 -13.62 7.20 -23.15
CA THR B 1066 -13.11 8.43 -23.74
C THR B 1066 -13.96 8.90 -24.92
N CYS B 1067 -14.48 7.95 -25.70
CA CYS B 1067 -15.27 8.29 -26.89
C CYS B 1067 -16.58 8.98 -26.51
N SER B 1068 -17.19 8.56 -25.40
CA SER B 1068 -18.41 9.21 -24.94
C SER B 1068 -18.14 10.62 -24.45
N GLN B 1069 -17.00 10.83 -23.77
CA GLN B 1069 -16.66 12.19 -23.35
C GLN B 1069 -16.32 13.08 -24.53
N MET B 1070 -15.69 12.54 -25.58
CA MET B 1070 -15.42 13.35 -26.76
C MET B 1070 -16.70 13.72 -27.48
N LEU B 1071 -17.66 12.78 -27.54
CA LEU B 1071 -18.94 13.08 -28.17
C LEU B 1071 -19.74 14.10 -27.37
N LEU B 1072 -19.66 14.03 -26.03
CA LEU B 1072 -20.32 15.04 -25.21
C LEU B 1072 -19.66 16.40 -25.33
N THR B 1073 -18.34 16.44 -25.53
CA THR B 1073 -17.68 17.74 -25.70
C THR B 1073 -18.04 18.35 -27.05
N ASP B 1074 -18.12 17.53 -28.11
CA ASP B 1074 -18.61 18.04 -29.39
C ASP B 1074 -20.08 18.43 -29.37
N MET B 1075 -20.89 17.82 -28.49
CA MET B 1075 -22.23 18.36 -28.29
C MET B 1075 -22.18 19.69 -27.54
N TRP B 1076 -21.30 19.80 -26.54
CA TRP B 1076 -21.23 20.97 -25.68
C TRP B 1076 -20.79 22.21 -26.43
N MET B 1077 -19.79 22.10 -27.31
CA MET B 1077 -19.40 23.26 -28.08
C MET B 1077 -20.43 23.61 -29.14
N GLY B 1078 -21.22 22.65 -29.61
CA GLY B 1078 -22.28 22.96 -30.54
C GLY B 1078 -21.73 23.33 -31.90
N ARG B 1079 -22.14 24.49 -32.40
CA ARG B 1079 -21.77 24.95 -33.74
C ARG B 1079 -20.63 25.96 -33.64
N LEU B 1080 -19.48 25.47 -33.14
CA LEU B 1080 -18.26 26.26 -33.10
C LEU B 1080 -17.07 25.36 -33.41
N ARG B 1081 -15.90 25.96 -33.54
CA ARG B 1081 -14.67 25.20 -33.72
C ARG B 1081 -13.51 25.78 -32.92
N MET B 1082 -13.75 26.76 -32.06
CA MET B 1082 -12.69 27.44 -31.31
C MET B 1082 -12.36 26.62 -30.05
N ARG B 1083 -11.37 25.74 -30.21
CA ARG B 1083 -11.03 24.81 -29.15
C ARG B 1083 -9.85 25.26 -28.30
N SER B 1086 -11.46 29.25 -24.63
CA SER B 1086 -12.87 29.34 -24.97
C SER B 1086 -13.59 30.42 -24.17
N GLY B 1087 -13.21 30.59 -22.90
CA GLY B 1087 -14.04 31.36 -21.97
C GLY B 1087 -14.01 32.85 -22.26
N LEU B 1088 -12.81 33.41 -22.49
CA LEU B 1088 -12.69 34.83 -22.79
C LEU B 1088 -13.37 35.16 -24.12
N LYS B 1089 -13.26 34.26 -25.09
CA LYS B 1089 -13.89 34.48 -26.39
C LYS B 1089 -15.42 34.44 -26.28
N VAL B 1090 -15.95 33.47 -25.53
CA VAL B 1090 -17.41 33.37 -25.42
C VAL B 1090 -18.01 34.45 -24.54
N ILE B 1091 -17.25 34.98 -23.58
CA ILE B 1091 -17.80 36.09 -22.80
C ILE B 1091 -17.65 37.41 -23.54
N LEU B 1092 -16.60 37.55 -24.38
CA LEU B 1092 -16.48 38.73 -25.21
C LEU B 1092 -17.52 38.74 -26.32
N GLY B 1093 -17.95 37.55 -26.75
CA GLY B 1093 -19.04 37.47 -27.72
C GLY B 1093 -20.34 38.02 -27.20
N ILE B 1094 -20.67 37.74 -25.93
CA ILE B 1094 -21.87 38.32 -25.36
C ILE B 1094 -21.66 39.81 -25.10
N LEU B 1095 -20.54 40.17 -24.48
CA LEU B 1095 -20.33 41.56 -24.11
C LEU B 1095 -20.05 42.46 -25.31
N LEU B 1096 -19.60 41.89 -26.44
CA LEU B 1096 -19.47 42.62 -27.69
C LEU B 1096 -20.22 41.85 -28.76
N PRO B 1097 -21.49 42.20 -29.01
CA PRO B 1097 -22.31 41.45 -29.99
C PRO B 1097 -21.86 41.59 -31.45
N PRO B 1098 -21.32 42.73 -31.93
CA PRO B 1098 -20.77 42.68 -33.29
C PRO B 1098 -19.46 41.91 -33.42
N SER B 1099 -18.79 41.58 -32.33
CA SER B 1099 -17.49 40.92 -32.38
C SER B 1099 -17.58 39.40 -32.49
N ILE B 1100 -18.77 38.86 -32.67
CA ILE B 1100 -18.93 37.41 -32.73
C ILE B 1100 -18.46 36.88 -34.08
N LEU B 1101 -18.45 37.74 -35.11
CA LEU B 1101 -18.14 37.35 -36.47
C LEU B 1101 -16.69 36.91 -36.67
N SER B 1102 -15.79 37.27 -35.75
CA SER B 1102 -14.38 36.89 -35.88
C SER B 1102 -14.11 35.43 -35.54
N LEU B 1103 -15.05 34.73 -34.91
CA LEU B 1103 -14.83 33.35 -34.53
C LEU B 1103 -15.04 32.41 -35.71
N GLU B 1104 -14.68 31.13 -35.50
CA GLU B 1104 -14.71 30.13 -36.56
C GLU B 1104 -15.89 29.18 -36.32
N PHE B 1105 -16.78 29.08 -37.30
CA PHE B 1105 -17.94 28.21 -37.22
C PHE B 1105 -17.58 26.81 -37.72
N LYS B 1106 -18.59 25.95 -37.82
CA LYS B 1106 -18.47 24.68 -38.52
C LYS B 1106 -19.11 24.78 -39.90
N ASN B 1107 -19.03 23.68 -40.63
CA ASN B 1107 -19.68 23.53 -41.92
C ASN B 1107 -20.14 22.09 -42.07
N LYS B 1108 -21.35 21.91 -42.62
CA LYS B 1108 -21.90 20.59 -42.83
C LYS B 1108 -21.15 19.85 -43.94
N LEU B 1173 -24.11 36.22 -43.90
CA LEU B 1173 -24.44 36.37 -42.50
C LEU B 1173 -25.93 36.52 -42.34
N GLY B 1174 -26.34 37.33 -41.38
CA GLY B 1174 -27.75 37.54 -41.12
C GLY B 1174 -28.32 36.37 -40.35
N ARG B 1175 -27.61 35.25 -40.38
CA ARG B 1175 -28.05 34.10 -39.63
C ARG B 1175 -26.87 33.47 -38.96
N LYS B 1176 -25.70 33.86 -39.41
CA LYS B 1176 -24.52 33.24 -38.87
C LYS B 1176 -24.59 33.35 -37.37
N ILE B 1177 -25.40 34.28 -36.86
CA ILE B 1177 -25.45 34.48 -35.42
C ILE B 1177 -26.45 33.56 -34.68
N TYR B 1178 -27.68 33.47 -35.13
CA TYR B 1178 -28.67 32.68 -34.37
C TYR B 1178 -28.15 31.33 -33.95
N GLU B 1179 -27.27 30.73 -34.78
CA GLU B 1179 -26.64 29.47 -34.31
C GLU B 1179 -25.82 29.76 -33.05
N PHE B 1180 -25.15 30.90 -33.00
CA PHE B 1180 -24.24 31.15 -31.85
C PHE B 1180 -25.06 31.10 -30.57
N TYR B 1181 -26.25 31.69 -30.60
CA TYR B 1181 -27.08 31.73 -29.37
C TYR B 1181 -27.50 30.32 -28.96
N ASN B 1182 -27.54 29.34 -29.86
CA ASN B 1182 -28.03 28.01 -29.43
C ASN B 1182 -26.89 27.11 -28.96
N ALA B 1183 -25.64 27.54 -29.06
CA ALA B 1183 -24.53 26.72 -28.51
C ALA B 1183 -24.71 26.64 -26.99
N PRO B 1184 -24.84 25.46 -26.33
CA PRO B 1184 -25.19 25.45 -24.90
C PRO B 1184 -24.16 26.10 -24.00
N ILE B 1185 -22.92 26.27 -24.47
CA ILE B 1185 -21.95 26.99 -23.66
C ILE B 1185 -22.30 28.48 -23.61
N VAL B 1186 -22.97 29.00 -24.64
CA VAL B 1186 -23.43 30.37 -24.62
C VAL B 1186 -24.57 30.55 -23.61
N LYS B 1187 -25.57 29.70 -23.77
CA LYS B 1187 -26.64 29.79 -22.78
C LYS B 1187 -25.95 29.79 -21.42
N PHE B 1188 -24.91 28.99 -21.20
CA PHE B 1188 -24.34 28.90 -19.82
C PHE B 1188 -23.78 30.25 -19.41
N TRP B 1189 -23.02 30.88 -20.29
CA TRP B 1189 -22.40 32.15 -19.84
C TRP B 1189 -23.40 33.29 -19.86
N PHE B 1190 -24.58 33.11 -20.45
CA PHE B 1190 -25.62 34.17 -20.36
C PHE B 1190 -26.69 33.69 -19.38
N TYR B 1191 -26.47 32.54 -18.74
CA TYR B 1191 -27.40 32.09 -17.67
C TYR B 1191 -26.65 32.01 -16.35
N THR B 1192 -25.50 32.55 -16.22
CA THR B 1192 -24.80 32.64 -14.96
C THR B 1192 -24.47 34.09 -14.78
N LEU B 1193 -24.44 34.89 -15.90
CA LEU B 1193 -24.35 36.35 -15.68
C LEU B 1193 -25.69 36.82 -15.13
N ALA B 1194 -26.81 36.23 -15.51
CA ALA B 1194 -28.09 36.63 -14.87
C ALA B 1194 -28.07 36.27 -13.38
N TYR B 1195 -27.56 35.11 -13.00
CA TYR B 1195 -27.45 34.84 -11.53
C TYR B 1195 -26.50 35.82 -10.87
N ILE B 1196 -25.36 36.17 -11.48
CA ILE B 1196 -24.43 37.08 -10.73
C ILE B 1196 -25.21 38.36 -10.47
N GLY B 1197 -26.00 38.80 -11.43
CA GLY B 1197 -26.80 40.00 -11.16
C GLY B 1197 -27.70 39.75 -9.98
N TYR B 1198 -28.37 38.60 -9.91
CA TYR B 1198 -29.36 38.36 -8.82
C TYR B 1198 -28.68 38.32 -7.45
N LEU B 1199 -27.54 37.81 -7.26
CA LEU B 1199 -26.93 37.79 -5.96
C LEU B 1199 -26.29 39.14 -5.60
N MET B 1200 -25.98 40.03 -6.58
CA MET B 1200 -25.57 41.41 -6.19
C MET B 1200 -26.77 42.28 -5.82
N LEU B 1201 -27.82 42.33 -6.62
CA LEU B 1201 -28.95 43.17 -6.18
C LEU B 1201 -29.55 42.66 -4.86
N PHE B 1202 -29.72 41.35 -4.66
CA PHE B 1202 -30.38 40.88 -3.41
C PHE B 1202 -29.55 41.31 -2.21
N ASN B 1203 -28.23 41.27 -2.32
CA ASN B 1203 -27.41 41.78 -1.19
C ASN B 1203 -27.70 43.27 -0.98
N TYR B 1204 -27.82 44.07 -2.02
CA TYR B 1204 -28.02 45.53 -1.82
C TYR B 1204 -29.45 45.79 -1.34
N ILE B 1205 -30.37 44.83 -1.41
CA ILE B 1205 -31.71 45.15 -0.85
C ILE B 1205 -31.79 44.63 0.59
N VAL B 1206 -30.69 44.15 1.16
CA VAL B 1206 -30.73 43.77 2.61
C VAL B 1206 -29.82 44.66 3.47
N LEU B 1207 -28.64 45.09 2.99
CA LEU B 1207 -27.71 45.85 3.86
C LEU B 1207 -28.08 47.33 3.84
N VAL B 1208 -29.27 47.68 3.34
CA VAL B 1208 -29.65 49.11 3.22
C VAL B 1208 -31.03 49.35 3.84
N LYS B 1209 -31.40 50.60 3.97
CA LYS B 1209 -32.65 50.95 4.68
C LYS B 1209 -33.83 50.41 3.90
N MET B 1210 -34.91 50.11 4.61
CA MET B 1210 -36.13 49.69 3.86
C MET B 1210 -37.22 50.74 4.09
N GLU B 1211 -37.66 51.40 3.02
CA GLU B 1211 -38.74 52.41 3.10
C GLU B 1211 -40.09 51.68 3.16
N ARG B 1212 -41.19 52.40 3.41
CA ARG B 1212 -42.51 51.74 3.59
C ARG B 1212 -42.87 50.97 2.32
N TRP B 1213 -42.58 51.21 1.22
CA TRP B 1213 -42.87 50.35 0.09
C TRP B 1213 -41.56 49.85 -0.45
N PRO B 1214 -41.54 48.94 -1.25
CA PRO B 1214 -40.32 48.33 -1.81
C PRO B 1214 -39.68 49.24 -2.85
N SER B 1215 -38.36 49.16 -2.95
CA SER B 1215 -37.62 49.99 -3.90
C SER B 1215 -37.50 49.24 -5.23
N THR B 1216 -36.78 49.85 -6.19
CA THR B 1216 -36.72 49.32 -7.56
C THR B 1216 -36.01 47.99 -7.62
N GLN B 1217 -34.85 47.90 -6.96
CA GLN B 1217 -34.07 46.68 -6.93
C GLN B 1217 -34.79 45.56 -6.20
N GLU B 1218 -35.72 45.89 -5.30
CA GLU B 1218 -36.53 44.86 -4.69
C GLU B 1218 -37.61 44.34 -5.64
N TRP B 1219 -38.20 45.25 -6.42
CA TRP B 1219 -39.18 44.80 -7.43
C TRP B 1219 -38.46 43.92 -8.46
N ILE B 1220 -37.25 44.27 -8.89
CA ILE B 1220 -36.48 43.39 -9.82
C ILE B 1220 -36.08 42.05 -9.17
N VAL B 1221 -35.56 42.05 -7.93
CA VAL B 1221 -35.21 40.78 -7.23
C VAL B 1221 -36.49 39.97 -6.94
N ILE B 1222 -37.57 40.61 -6.51
CA ILE B 1222 -38.82 39.84 -6.34
C ILE B 1222 -39.19 39.25 -7.70
N SER B 1223 -39.06 40.04 -8.78
CA SER B 1223 -39.50 39.53 -10.10
C SER B 1223 -38.66 38.33 -10.54
N TYR B 1224 -37.33 38.33 -10.32
CA TYR B 1224 -36.55 37.20 -10.84
C TYR B 1224 -37.02 35.94 -10.16
N ILE B 1225 -37.25 36.03 -8.86
CA ILE B 1225 -37.82 34.82 -8.22
C ILE B 1225 -39.15 34.56 -8.92
N PHE B 1226 -39.87 35.59 -9.33
CA PHE B 1226 -41.20 35.28 -9.92
C PHE B 1226 -41.07 34.46 -11.21
N THR B 1227 -40.19 34.88 -12.11
CA THR B 1227 -40.07 34.15 -13.40
C THR B 1227 -39.47 32.77 -13.16
N LEU B 1228 -38.54 32.66 -12.22
CA LEU B 1228 -37.87 31.36 -12.04
C LEU B 1228 -38.98 30.37 -11.73
N GLY B 1229 -39.98 30.80 -10.96
CA GLY B 1229 -41.04 29.85 -10.57
C GLY B 1229 -41.78 29.30 -11.77
N ILE B 1230 -42.17 30.14 -12.72
CA ILE B 1230 -42.96 29.66 -13.89
C ILE B 1230 -42.12 28.70 -14.76
N GLU B 1231 -40.85 29.00 -15.02
CA GLU B 1231 -40.05 28.02 -15.78
C GLU B 1231 -39.93 26.71 -14.97
N LYS B 1232 -39.71 26.77 -13.65
CA LYS B 1232 -39.48 25.50 -12.90
C LYS B 1232 -40.73 24.64 -13.00
N MET B 1233 -41.92 25.22 -12.84
CA MET B 1233 -43.13 24.37 -13.02
C MET B 1233 -43.24 23.89 -14.47
N ARG B 1234 -42.94 24.75 -15.44
CA ARG B 1234 -43.14 24.34 -16.85
C ARG B 1234 -42.23 23.15 -17.15
N GLU B 1235 -41.03 23.16 -16.57
CA GLU B 1235 -40.15 21.98 -16.77
C GLU B 1235 -40.86 20.75 -16.20
N ILE B 1236 -41.52 20.86 -15.05
CA ILE B 1236 -42.19 19.62 -14.56
C ILE B 1236 -43.26 19.21 -15.58
N LEU B 1237 -44.04 20.16 -16.09
CA LEU B 1237 -45.17 19.81 -16.99
C LEU B 1237 -44.62 19.00 -18.16
N MET B 1238 -43.39 19.29 -18.56
CA MET B 1238 -42.85 18.63 -19.74
C MET B 1238 -41.77 17.61 -19.40
N LEU B 1244 -49.68 12.47 -13.30
CA LEU B 1244 -49.12 13.71 -12.75
C LEU B 1244 -48.24 13.42 -11.53
N LEU B 1245 -48.67 12.50 -10.67
CA LEU B 1245 -47.89 12.16 -9.48
C LEU B 1245 -46.60 11.47 -9.83
N GLN B 1246 -46.58 10.69 -10.92
CA GLN B 1246 -45.33 10.11 -11.41
C GLN B 1246 -44.36 11.18 -11.88
N LYS B 1247 -44.87 12.20 -12.58
CA LYS B 1247 -44.01 13.29 -13.04
C LYS B 1247 -43.46 14.10 -11.87
N VAL B 1248 -44.29 14.35 -10.86
CA VAL B 1248 -43.82 15.07 -9.68
C VAL B 1248 -42.82 14.23 -8.89
N LYS B 1249 -42.98 12.91 -8.89
CA LYS B 1249 -42.03 12.05 -8.19
C LYS B 1249 -40.68 12.00 -8.92
N VAL B 1250 -40.71 11.94 -10.25
CA VAL B 1250 -39.47 11.97 -11.03
C VAL B 1250 -38.78 13.32 -10.87
N TRP B 1251 -39.55 14.41 -10.80
CA TRP B 1251 -38.95 15.72 -10.57
C TRP B 1251 -38.38 15.85 -9.17
N LEU B 1252 -39.04 15.24 -8.18
CA LEU B 1252 -38.57 15.27 -6.80
C LEU B 1252 -37.65 14.11 -6.48
N GLN B 1253 -37.14 13.40 -7.48
CA GLN B 1253 -36.18 12.34 -7.22
C GLN B 1253 -34.86 12.86 -6.65
N GLU B 1254 -34.45 14.06 -7.05
CA GLU B 1254 -33.20 14.64 -6.55
C GLU B 1254 -33.48 15.84 -5.64
N TYR B 1255 -32.41 16.35 -5.03
CA TYR B 1255 -32.53 17.22 -3.88
C TYR B 1255 -32.62 18.71 -4.24
N TRP B 1256 -31.98 19.13 -5.33
CA TRP B 1256 -31.89 20.57 -5.61
C TRP B 1256 -33.23 21.16 -6.00
N ASN B 1257 -34.10 20.38 -6.62
CA ASN B 1257 -35.45 20.86 -6.89
C ASN B 1257 -36.24 21.03 -5.59
N VAL B 1258 -35.99 20.12 -4.65
CA VAL B 1258 -36.67 20.22 -3.34
C VAL B 1258 -36.16 21.49 -2.67
N THR B 1259 -34.84 21.65 -2.60
CA THR B 1259 -34.31 22.84 -1.88
C THR B 1259 -34.82 24.08 -2.60
N ASP B 1260 -34.86 24.02 -3.93
CA ASP B 1260 -35.40 25.16 -4.69
C ASP B 1260 -36.86 25.37 -4.31
N LEU B 1261 -37.65 24.31 -4.16
CA LEU B 1261 -39.08 24.53 -3.87
C LEU B 1261 -39.22 25.23 -2.52
N ILE B 1262 -38.44 24.82 -1.53
CA ILE B 1262 -38.50 25.50 -0.20
C ILE B 1262 -38.08 26.96 -0.35
N ALA B 1263 -37.00 27.22 -1.09
CA ALA B 1263 -36.48 28.60 -1.18
C ALA B 1263 -37.48 29.53 -1.83
N ILE B 1264 -38.07 29.12 -2.94
CA ILE B 1264 -39.01 30.10 -3.52
C ILE B 1264 -40.13 30.30 -2.49
N LEU B 1265 -40.54 29.23 -1.81
CA LEU B 1265 -41.68 29.37 -0.87
C LEU B 1265 -41.33 30.34 0.27
N LEU B 1266 -40.15 30.27 0.85
CA LEU B 1266 -39.88 31.23 1.91
C LEU B 1266 -39.49 32.63 1.41
N PHE B 1267 -39.16 32.84 0.14
CA PHE B 1267 -38.89 34.20 -0.32
C PHE B 1267 -40.22 34.66 -0.74
N SER B 1268 -41.20 33.79 -0.52
CA SER B 1268 -42.54 34.18 -0.81
C SER B 1268 -43.26 34.56 0.48
N VAL B 1269 -43.28 33.70 1.49
CA VAL B 1269 -43.93 34.14 2.69
C VAL B 1269 -43.41 35.51 3.03
N GLY B 1270 -42.11 35.71 2.90
CA GLY B 1270 -41.55 37.02 3.16
C GLY B 1270 -42.04 38.09 2.21
N MET B 1271 -42.36 37.71 0.97
CA MET B 1271 -42.91 38.63 -0.02
C MET B 1271 -44.25 39.19 0.40
N ILE B 1272 -45.16 38.33 0.87
CA ILE B 1272 -46.46 38.83 1.30
C ILE B 1272 -46.46 39.32 2.74
N LEU B 1273 -45.39 39.08 3.50
CA LEU B 1273 -45.25 39.75 4.79
C LEU B 1273 -44.53 41.09 4.69
N ARG B 1274 -43.94 41.40 3.53
CA ARG B 1274 -43.32 42.70 3.29
C ARG B 1274 -44.34 43.83 3.35
N LEU B 1275 -45.59 43.55 2.98
CA LEU B 1275 -46.58 44.58 2.67
C LEU B 1275 -47.50 44.88 3.85
N GLN B 1276 -46.98 44.87 5.07
CA GLN B 1276 -47.75 45.22 6.24
C GLN B 1276 -47.06 46.36 7.00
N ASP B 1277 -47.48 46.60 8.24
CA ASP B 1277 -46.90 47.66 9.05
C ASP B 1277 -45.57 47.20 9.66
N GLN B 1278 -45.04 48.04 10.57
CA GLN B 1278 -43.75 47.87 11.24
C GLN B 1278 -43.53 46.55 11.99
N PRO B 1279 -44.43 46.14 12.94
CA PRO B 1279 -44.21 44.93 13.70
C PRO B 1279 -43.93 43.83 12.67
N PHE B 1280 -44.82 43.73 11.70
CA PHE B 1280 -44.61 42.73 10.62
C PHE B 1280 -43.39 43.08 9.77
N ARG B 1281 -43.16 44.35 9.47
CA ARG B 1281 -42.05 44.69 8.52
C ARG B 1281 -40.76 44.20 9.14
N SER B 1282 -40.59 44.41 10.44
CA SER B 1282 -39.31 44.00 11.05
C SER B 1282 -39.21 42.49 10.87
N ASP B 1283 -40.33 41.78 11.01
CA ASP B 1283 -40.33 40.30 10.79
C ASP B 1283 -39.96 40.03 9.32
N GLY B 1284 -40.42 40.87 8.42
CA GLY B 1284 -40.14 40.64 6.99
C GLY B 1284 -38.65 40.62 6.80
N ARG B 1285 -37.96 41.49 7.51
CA ARG B 1285 -36.51 41.57 7.29
C ARG B 1285 -36.00 40.19 7.69
N VAL B 1286 -36.71 39.61 8.66
CA VAL B 1286 -36.18 38.37 9.12
C VAL B 1286 -36.05 37.38 8.00
N ILE B 1287 -37.11 37.07 7.35
CA ILE B 1287 -37.08 35.95 6.36
C ILE B 1287 -35.99 36.25 5.34
N TYR B 1288 -35.99 37.43 4.73
CA TYR B 1288 -34.95 37.78 3.77
C TYR B 1288 -33.57 37.60 4.39
N CYS B 1289 -33.41 38.04 5.63
CA CYS B 1289 -32.16 37.88 6.30
C CYS B 1289 -31.74 36.43 6.32
N VAL B 1290 -32.59 35.53 6.62
CA VAL B 1290 -32.31 34.07 6.77
C VAL B 1290 -32.32 33.45 5.38
N ASN B 1291 -33.10 34.04 4.47
CA ASN B 1291 -33.24 33.45 3.14
C ASN B 1291 -32.04 33.67 2.24
N ILE B 1292 -31.19 34.66 2.54
CA ILE B 1292 -30.06 34.93 1.64
C ILE B 1292 -28.99 33.83 1.68
N ILE B 1293 -28.97 33.03 2.73
CA ILE B 1293 -27.89 32.01 2.86
C ILE B 1293 -28.01 30.99 1.71
N TYR B 1294 -29.21 30.51 1.41
CA TYR B 1294 -29.33 29.44 0.38
C TYR B 1294 -28.86 29.91 -1.00
N TRP B 1295 -29.25 31.10 -1.44
CA TRP B 1295 -28.86 31.47 -2.82
C TRP B 1295 -27.34 31.50 -2.90
N TYR B 1296 -26.71 32.02 -1.86
CA TYR B 1296 -25.23 32.00 -1.86
C TYR B 1296 -24.75 30.57 -1.89
N ILE B 1297 -25.31 29.68 -1.12
CA ILE B 1297 -24.77 28.33 -1.06
C ILE B 1297 -25.10 27.53 -2.31
N ARG B 1298 -25.75 28.14 -3.30
CA ARG B 1298 -26.01 27.40 -4.53
C ARG B 1298 -24.90 27.65 -5.45
N LEU B 1299 -24.24 28.78 -5.28
CA LEU B 1299 -23.22 29.10 -6.23
C LEU B 1299 -22.49 27.82 -6.42
N LEU B 1300 -22.26 27.08 -5.34
CA LEU B 1300 -21.49 25.87 -5.45
C LEU B 1300 -21.80 25.17 -6.75
N ASP B 1301 -23.06 24.90 -7.00
CA ASP B 1301 -23.40 24.10 -8.21
C ASP B 1301 -22.72 24.72 -9.43
N ILE B 1302 -22.85 26.04 -9.60
CA ILE B 1302 -22.29 26.65 -10.85
C ILE B 1302 -20.80 26.31 -10.85
N PHE B 1303 -20.19 26.24 -9.68
CA PHE B 1303 -18.74 25.96 -9.61
C PHE B 1303 -18.52 24.50 -9.95
N GLY B 1304 -19.58 23.71 -9.93
CA GLY B 1304 -19.43 22.26 -10.16
C GLY B 1304 -18.93 21.96 -11.56
N VAL B 1305 -19.21 22.83 -12.52
CA VAL B 1305 -18.85 22.53 -13.94
C VAL B 1305 -17.33 22.37 -14.11
N ASN B 1306 -16.53 23.21 -13.46
CA ASN B 1306 -15.06 23.17 -13.67
C ASN B 1306 -14.54 21.75 -13.47
N LYS B 1307 -13.53 21.37 -14.23
CA LYS B 1307 -13.01 20.01 -14.19
C LYS B 1307 -12.16 19.71 -12.96
N TYR B 1308 -12.09 20.61 -11.97
CA TYR B 1308 -11.41 20.31 -10.73
C TYR B 1308 -12.25 20.55 -9.49
N LEU B 1309 -13.10 21.59 -9.48
CA LEU B 1309 -13.89 21.89 -8.31
C LEU B 1309 -15.08 20.94 -8.12
N GLY B 1310 -15.52 20.34 -9.22
CA GLY B 1310 -16.68 19.44 -9.17
C GLY B 1310 -16.38 18.19 -8.39
N PRO B 1311 -15.27 17.47 -8.68
CA PRO B 1311 -14.97 16.31 -7.88
C PRO B 1311 -14.84 16.77 -6.41
N TYR B 1312 -14.19 17.91 -6.16
CA TYR B 1312 -14.00 18.29 -4.75
C TYR B 1312 -15.37 18.54 -4.11
N VAL B 1313 -16.29 19.21 -4.81
CA VAL B 1313 -17.60 19.53 -4.16
C VAL B 1313 -18.28 18.20 -3.81
N MET B 1314 -18.18 17.21 -4.70
CA MET B 1314 -18.86 15.91 -4.45
C MET B 1314 -18.27 15.30 -3.19
N MET B 1315 -16.96 15.43 -3.03
CA MET B 1315 -16.31 14.86 -1.83
C MET B 1315 -16.89 15.54 -0.60
N ILE B 1316 -17.09 16.86 -0.66
CA ILE B 1316 -17.58 17.57 0.57
C ILE B 1316 -18.92 16.93 0.89
N GLY B 1317 -19.72 16.67 -0.14
CA GLY B 1317 -21.05 16.11 0.10
C GLY B 1317 -20.94 14.76 0.77
N LYS B 1318 -20.03 13.89 0.31
CA LYS B 1318 -19.95 12.53 0.88
C LYS B 1318 -19.44 12.55 2.32
N MET B 1319 -18.49 13.43 2.64
CA MET B 1319 -17.89 13.44 4.00
C MET B 1319 -18.92 13.80 5.06
N MET B 1320 -20.00 14.50 4.70
CA MET B 1320 -20.92 15.03 5.73
C MET B 1320 -21.52 13.95 6.63
N ILE B 1321 -21.83 12.74 6.08
CA ILE B 1321 -22.47 11.78 6.97
C ILE B 1321 -21.63 11.65 8.24
N ASP B 1322 -20.38 11.39 8.14
CA ASP B 1322 -19.43 11.16 9.23
C ASP B 1322 -19.37 12.37 10.14
N MET B 1323 -19.48 13.58 9.56
CA MET B 1323 -19.65 14.79 10.37
C MET B 1323 -20.86 14.71 11.27
N MET B 1324 -21.99 14.18 10.78
CA MET B 1324 -23.21 14.08 11.59
C MET B 1324 -23.05 13.10 12.75
N TYR B 1325 -22.44 11.93 12.50
CA TYR B 1325 -22.25 10.95 13.57
C TYR B 1325 -21.32 11.48 14.67
N PHE B 1326 -20.23 12.15 14.28
CA PHE B 1326 -19.36 12.65 15.34
C PHE B 1326 -19.91 13.91 15.98
N VAL B 1327 -20.81 14.64 15.31
CA VAL B 1327 -21.61 15.67 15.97
C VAL B 1327 -22.49 15.08 17.06
N ILE B 1328 -23.08 13.90 16.81
CA ILE B 1328 -23.90 13.24 17.84
C ILE B 1328 -23.06 12.88 19.06
N ILE B 1329 -21.87 12.31 18.84
CA ILE B 1329 -21.03 11.91 19.96
C ILE B 1329 -20.52 13.12 20.76
N MET B 1330 -20.07 14.17 20.05
CA MET B 1330 -19.63 15.38 20.73
C MET B 1330 -20.78 16.08 21.44
N LEU B 1331 -22.01 15.97 20.94
CA LEU B 1331 -23.14 16.56 21.61
C LEU B 1331 -23.44 15.86 22.92
N VAL B 1332 -23.36 14.52 22.93
CA VAL B 1332 -23.56 13.74 24.16
C VAL B 1332 -22.57 14.16 25.24
N VAL B 1333 -21.28 14.19 24.88
CA VAL B 1333 -20.25 14.49 25.90
C VAL B 1333 -20.33 15.94 26.36
N LEU B 1334 -20.56 16.87 25.41
CA LEU B 1334 -20.67 18.29 25.72
C LEU B 1334 -21.84 18.58 26.64
N MET B 1335 -23.01 17.99 26.35
CA MET B 1335 -24.18 18.20 27.19
C MET B 1335 -23.97 17.63 28.58
N SER B 1336 -23.25 16.50 28.69
CA SER B 1336 -23.00 15.92 30.02
C SER B 1336 -22.14 16.83 30.89
N PHE B 1337 -20.98 17.24 30.37
CA PHE B 1337 -20.10 18.10 31.15
C PHE B 1337 -20.71 19.48 31.41
N GLY B 1338 -21.53 19.97 30.48
CA GLY B 1338 -22.19 21.25 30.69
C GLY B 1338 -23.27 21.19 31.76
N VAL B 1339 -24.04 20.10 31.78
CA VAL B 1339 -25.06 19.92 32.82
C VAL B 1339 -24.41 19.81 34.19
N ALA B 1340 -23.29 19.08 34.29
CA ALA B 1340 -22.60 18.97 35.59
C ALA B 1340 -22.06 20.31 36.07
N ARG B 1341 -21.35 21.04 35.19
CA ARG B 1341 -20.78 22.32 35.57
C ARG B 1341 -21.84 23.34 35.94
N GLN B 1342 -22.94 23.39 35.17
CA GLN B 1342 -23.96 24.38 35.49
C GLN B 1342 -24.80 23.94 36.68
N ALA B 1343 -24.84 22.65 36.99
CA ALA B 1343 -25.65 22.21 38.11
C ALA B 1343 -24.96 22.41 39.45
N ILE B 1344 -23.62 22.40 39.50
CA ILE B 1344 -22.97 22.64 40.78
C ILE B 1344 -22.98 24.12 41.14
N LEU B 1345 -22.68 24.99 40.19
CA LEU B 1345 -22.39 26.39 40.48
C LEU B 1345 -23.63 27.29 40.65
N PHE B 1346 -24.84 26.76 40.61
CA PHE B 1346 -26.05 27.58 40.79
C PHE B 1346 -27.09 26.78 41.56
N PRO B 1347 -26.97 26.72 42.89
CA PRO B 1347 -27.87 25.85 43.67
C PRO B 1347 -29.30 26.35 43.79
N ASN B 1348 -29.52 27.61 44.16
CA ASN B 1348 -30.87 28.12 44.39
C ASN B 1348 -31.29 28.87 43.13
N GLU B 1349 -32.03 28.19 42.25
CA GLU B 1349 -32.55 28.83 41.02
C GLU B 1349 -33.93 28.23 40.81
N GLU B 1350 -34.97 28.97 41.19
CA GLU B 1350 -36.33 28.37 41.13
C GLU B 1350 -36.66 28.04 39.68
N PRO B 1351 -37.59 27.11 39.39
CA PRO B 1351 -37.83 26.69 38.02
C PRO B 1351 -38.12 27.96 37.21
N SER B 1352 -37.42 28.12 36.10
CA SER B 1352 -37.59 29.37 35.32
C SER B 1352 -37.41 29.13 33.82
N TRP B 1353 -38.10 29.90 33.00
CA TRP B 1353 -37.90 29.82 31.54
C TRP B 1353 -36.47 30.32 31.31
N LYS B 1354 -35.96 31.09 32.27
CA LYS B 1354 -34.57 31.60 32.19
C LYS B 1354 -33.60 30.41 32.22
N LEU B 1355 -33.85 29.40 33.02
CA LEU B 1355 -32.97 28.26 33.01
C LEU B 1355 -33.00 27.72 31.61
N ALA B 1356 -34.22 27.60 31.05
CA ALA B 1356 -34.34 27.05 29.68
C ALA B 1356 -33.53 27.89 28.70
N LYS B 1357 -33.54 29.20 28.86
CA LYS B 1357 -32.74 30.07 27.95
C LYS B 1357 -31.26 29.71 28.13
N ASN B 1358 -30.83 29.52 29.37
CA ASN B 1358 -29.43 29.09 29.61
C ASN B 1358 -29.26 27.73 28.92
N ILE B 1359 -30.28 26.88 28.99
CA ILE B 1359 -30.20 25.51 28.40
C ILE B 1359 -30.01 25.64 26.89
N THR B 1399 -21.03 26.00 47.09
CA THR B 1399 -21.12 24.69 47.72
C THR B 1399 -20.06 23.77 47.12
N GLY B 1400 -18.82 23.90 47.58
CA GLY B 1400 -17.76 23.01 47.17
C GLY B 1400 -17.40 23.06 45.69
N ALA B 1401 -17.10 24.25 45.16
CA ALA B 1401 -16.93 24.42 43.73
C ALA B 1401 -15.61 23.87 43.19
N TRP B 1402 -14.75 23.30 44.03
CA TRP B 1402 -13.42 22.92 43.59
C TRP B 1402 -13.41 21.65 42.73
N ILE B 1403 -14.52 20.92 42.65
CA ILE B 1403 -14.64 19.85 41.66
C ILE B 1403 -14.82 20.45 40.27
N VAL B 1404 -15.36 21.67 40.19
CA VAL B 1404 -15.64 22.29 38.88
C VAL B 1404 -14.40 22.53 38.02
N PRO B 1405 -13.23 22.97 38.52
CA PRO B 1405 -12.07 23.07 37.61
C PRO B 1405 -11.60 21.76 37.03
N ALA B 1406 -11.40 20.73 37.86
CA ALA B 1406 -10.81 19.47 37.40
C ALA B 1406 -11.65 18.80 36.32
N ILE B 1407 -12.95 18.62 36.58
CA ILE B 1407 -13.81 18.01 35.57
C ILE B 1407 -14.15 18.95 34.43
N MET B 1408 -13.67 20.20 34.46
CA MET B 1408 -13.71 20.96 33.23
C MET B 1408 -12.59 20.51 32.30
N ALA B 1409 -11.38 20.36 32.86
CA ALA B 1409 -10.18 20.17 32.04
C ALA B 1409 -10.20 18.84 31.31
N CYS B 1410 -10.66 17.79 31.99
CA CYS B 1410 -10.80 16.47 31.37
C CYS B 1410 -11.76 16.49 30.20
N TYR B 1411 -12.78 17.38 30.26
CA TYR B 1411 -13.66 17.58 29.11
C TYR B 1411 -12.88 18.00 27.88
N LEU B 1412 -11.98 18.97 28.03
CA LEU B 1412 -11.13 19.36 26.91
C LEU B 1412 -10.23 18.22 26.49
N LEU B 1413 -9.82 17.39 27.46
CA LEU B 1413 -8.98 16.24 27.15
C LEU B 1413 -9.73 15.18 26.37
N VAL B 1414 -11.07 15.19 26.40
CA VAL B 1414 -11.82 14.29 25.54
C VAL B 1414 -12.59 15.06 24.48
N ALA B 1415 -12.35 16.36 24.33
CA ALA B 1415 -12.98 17.06 23.22
C ALA B 1415 -11.97 17.43 22.16
N ASN B 1416 -10.92 18.16 22.54
CA ASN B 1416 -9.96 18.66 21.57
C ASN B 1416 -8.75 17.76 21.39
N ILE B 1417 -8.77 16.55 21.95
CA ILE B 1417 -7.64 15.64 21.84
C ILE B 1417 -8.04 14.33 21.18
N LEU B 1418 -9.07 13.67 21.72
CA LEU B 1418 -9.42 12.32 21.29
C LEU B 1418 -10.35 12.30 20.09
N LEU B 1419 -11.40 12.88 19.96
CA LEU B 1419 -12.28 12.74 18.81
C LEU B 1419 -11.81 13.56 17.61
N VAL B 1420 -11.21 14.82 17.96
CA VAL B 1420 -10.72 15.57 16.81
C VAL B 1420 -9.67 14.76 16.06
N ASN B 1421 -8.77 14.09 16.80
CA ASN B 1421 -7.77 13.26 16.16
C ASN B 1421 -8.36 11.96 15.63
N LEU B 1422 -9.52 11.54 16.13
CA LEU B 1422 -10.25 10.45 15.49
C LEU B 1422 -10.90 10.91 14.19
N LEU B 1423 -11.39 12.15 14.16
CA LEU B 1423 -11.98 12.70 12.94
C LEU B 1423 -10.93 12.88 11.85
N ILE B 1424 -9.73 13.33 12.24
CA ILE B 1424 -8.64 13.47 11.26
C ILE B 1424 -8.22 12.11 10.72
N ALA B 1425 -8.24 11.08 11.58
CA ALA B 1425 -7.86 9.75 11.12
C ALA B 1425 -8.92 9.15 10.20
N VAL B 1426 -10.18 9.49 10.41
CA VAL B 1426 -11.25 8.93 9.58
C VAL B 1426 -11.62 9.81 8.40
N PHE B 1427 -10.87 10.86 8.16
CA PHE B 1427 -11.10 11.69 6.98
C PHE B 1427 -9.80 11.69 6.20
N ASN B 1428 -8.92 10.71 6.66
CA ASN B 1428 -7.68 10.58 5.94
C ASN B 1428 -7.65 9.20 5.32
N ASN B 1429 -8.17 8.21 5.90
CA ASN B 1429 -8.20 6.86 5.31
C ASN B 1429 -9.54 6.57 4.68
N THR B 1430 -10.27 7.60 4.32
CA THR B 1430 -11.46 7.44 3.50
C THR B 1430 -11.33 8.12 2.15
N PHE B 1431 -10.22 8.82 1.92
CA PHE B 1431 -10.04 9.62 0.72
C PHE B 1431 -9.79 8.75 -0.51
N PHE B 1432 -9.10 7.63 -0.32
CA PHE B 1432 -8.62 6.81 -1.44
C PHE B 1432 -9.74 6.08 -2.17
N GLU B 1433 -10.94 6.02 -1.59
CA GLU B 1433 -12.10 5.47 -2.27
C GLU B 1433 -13.01 6.55 -2.83
N VAL B 1434 -13.25 7.63 -2.07
CA VAL B 1434 -14.17 8.67 -2.52
C VAL B 1434 -13.55 9.47 -3.67
N LYS B 1435 -12.22 9.53 -3.75
CA LYS B 1435 -11.59 10.18 -4.89
C LYS B 1435 -11.79 9.37 -6.17
N SER B 1436 -11.82 8.04 -6.06
CA SER B 1436 -12.11 7.23 -7.23
C SER B 1436 -13.59 7.23 -7.58
N ILE B 1437 -14.47 7.40 -6.59
CA ILE B 1437 -15.90 7.42 -6.86
C ILE B 1437 -16.32 8.72 -7.54
N SER B 1438 -15.85 9.87 -7.02
CA SER B 1438 -16.32 11.16 -7.53
C SER B 1438 -15.84 11.42 -8.96
N ASN B 1439 -14.69 10.87 -9.34
CA ASN B 1439 -14.19 10.98 -10.71
C ASN B 1439 -15.12 10.28 -11.69
N GLN B 1440 -15.75 9.19 -11.28
CA GLN B 1440 -16.79 8.55 -12.09
C GLN B 1440 -18.09 9.34 -12.09
N VAL B 1441 -18.49 9.83 -10.91
CA VAL B 1441 -19.80 10.44 -10.77
C VAL B 1441 -19.88 11.77 -11.54
N TRP B 1442 -18.79 12.53 -11.58
CA TRP B 1442 -18.78 13.78 -12.33
C TRP B 1442 -18.86 13.53 -13.84
N LYS B 1443 -18.07 12.58 -14.35
CA LYS B 1443 -18.09 12.25 -15.76
C LYS B 1443 -19.41 11.63 -16.18
N PHE B 1444 -20.12 11.01 -15.24
CA PHE B 1444 -21.49 10.61 -15.55
C PHE B 1444 -22.44 11.79 -15.58
N GLN B 1445 -22.41 12.66 -14.57
CA GLN B 1445 -23.43 13.68 -14.45
C GLN B 1445 -23.22 14.89 -15.35
N ARG B 1446 -22.17 14.89 -16.18
CA ARG B 1446 -22.12 15.92 -17.22
C ARG B 1446 -23.25 15.78 -18.25
N TYR B 1447 -23.74 14.56 -18.46
CA TYR B 1447 -24.75 14.32 -19.48
C TYR B 1447 -26.08 14.99 -19.13
N GLN B 1448 -26.44 14.99 -17.84
CA GLN B 1448 -27.68 15.62 -17.41
C GLN B 1448 -27.63 17.13 -17.65
N LEU B 1449 -26.47 17.74 -17.46
CA LEU B 1449 -26.29 19.17 -17.72
C LEU B 1449 -26.42 19.48 -19.20
N ILE B 1450 -25.77 18.67 -20.05
CA ILE B 1450 -25.74 18.95 -21.49
C ILE B 1450 -27.12 18.72 -22.11
N MET B 1451 -27.86 17.74 -21.64
CA MET B 1451 -29.22 17.57 -22.14
C MET B 1451 -30.21 18.48 -21.42
N THR B 1452 -29.78 19.14 -20.35
CA THR B 1452 -30.64 20.15 -19.74
C THR B 1452 -30.63 21.43 -20.56
N PHE B 1453 -29.90 22.11 -20.92
CA PHE B 1453 -30.02 23.44 -21.52
C PHE B 1453 -30.45 23.56 -22.95
N HIS B 1454 -30.38 22.28 -23.72
CA HIS B 1454 -31.06 22.50 -25.01
C HIS B 1454 -32.48 23.02 -24.78
N GLU B 1455 -33.02 22.50 -23.50
CA GLU B 1455 -34.46 22.77 -23.22
C GLU B 1455 -34.88 24.13 -22.63
N ARG B 1456 -33.96 24.95 -22.22
CA ARG B 1456 -34.29 26.21 -21.54
C ARG B 1456 -34.15 27.28 -22.58
N PRO B 1457 -35.06 28.21 -22.64
CA PRO B 1457 -34.98 29.23 -23.69
C PRO B 1457 -33.68 30.04 -23.77
N VAL B 1458 -33.49 30.84 -24.82
CA VAL B 1458 -32.29 31.63 -25.05
C VAL B 1458 -32.29 32.87 -24.16
N LEU B 1459 -33.47 33.44 -23.95
CA LEU B 1459 -33.63 34.68 -23.22
C LEU B 1459 -33.33 34.48 -21.73
N PRO B 1460 -32.91 35.53 -21.03
CA PRO B 1460 -32.64 35.41 -19.58
C PRO B 1460 -33.93 35.20 -18.80
N PRO B 1461 -33.84 34.72 -17.56
CA PRO B 1461 -35.06 34.49 -16.75
C PRO B 1461 -35.83 35.76 -16.40
N PRO B 1462 -35.21 36.93 -16.18
CA PRO B 1462 -36.06 38.13 -16.08
C PRO B 1462 -36.62 38.61 -17.40
N LEU B 1463 -36.31 37.96 -18.52
CA LEU B 1463 -36.91 38.29 -19.81
C LEU B 1463 -37.58 37.08 -20.47
N ILE B 1464 -37.72 35.97 -19.74
CA ILE B 1464 -38.22 34.73 -20.31
C ILE B 1464 -39.72 34.77 -20.57
N ILE B 1465 -40.41 35.84 -20.12
CA ILE B 1465 -41.85 35.97 -20.29
C ILE B 1465 -42.24 36.06 -21.77
N PHE B 1466 -41.34 36.58 -22.61
CA PHE B 1466 -41.60 36.60 -24.05
C PHE B 1466 -41.65 35.20 -24.63
N SER B 1467 -40.68 34.35 -24.27
CA SER B 1467 -40.65 32.99 -24.79
C SER B 1467 -41.80 32.15 -24.23
N HIS B 1468 -42.13 32.34 -22.95
CA HIS B 1468 -43.25 31.63 -22.37
C HIS B 1468 -44.57 32.05 -23.00
N MET B 1469 -44.72 33.34 -23.32
CA MET B 1469 -45.99 33.75 -23.93
C MET B 1469 -46.06 33.36 -25.40
N THR B 1470 -44.92 33.19 -26.08
CA THR B 1470 -44.97 32.58 -27.40
C THR B 1470 -45.29 31.09 -27.32
N MET B 1471 -45.03 30.38 -26.36
CA MET B 1471 -45.48 29.00 -26.34
C MET B 1471 -46.96 29.03 -26.06
N ILE B 1472 -47.31 29.82 -24.94
CA ILE B 1472 -48.75 29.85 -24.67
C ILE B 1472 -49.53 30.30 -25.91
N PHE B 1473 -48.89 31.07 -26.79
CA PHE B 1473 -49.53 31.50 -28.04
C PHE B 1473 -49.88 30.31 -28.93
N GLN B 1474 -49.00 29.32 -28.99
CA GLN B 1474 -49.31 28.08 -29.69
C GLN B 1474 -48.53 26.91 -29.09
N LEU B 1496 -29.62 11.31 -34.51
CA LEU B 1496 -29.04 11.57 -35.83
C LEU B 1496 -29.73 10.66 -36.84
N PHE B 1497 -30.54 11.25 -37.72
CA PHE B 1497 -31.26 10.50 -38.72
C PHE B 1497 -30.30 10.13 -39.84
N ILE B 1498 -30.28 8.85 -40.23
CA ILE B 1498 -29.35 8.35 -41.24
C ILE B 1498 -30.12 7.61 -42.33
N THR B 1499 -29.44 7.38 -43.45
CA THR B 1499 -30.03 6.70 -44.59
C THR B 1499 -29.76 5.20 -44.49
N ASP B 1500 -30.01 4.48 -45.58
CA ASP B 1500 -29.98 3.02 -45.56
C ASP B 1500 -28.63 2.43 -45.90
N ASP B 1501 -27.82 3.11 -46.71
CA ASP B 1501 -26.53 2.55 -47.10
C ASP B 1501 -25.49 2.73 -46.00
N GLU B 1502 -25.45 3.90 -45.38
CA GLU B 1502 -24.59 4.10 -44.21
C GLU B 1502 -25.02 3.22 -43.05
N LEU B 1503 -26.32 2.90 -42.96
CA LEU B 1503 -26.80 1.91 -42.00
C LEU B 1503 -26.18 0.55 -42.25
N LYS B 1504 -26.07 0.15 -43.52
CA LYS B 1504 -25.45 -1.13 -43.86
C LYS B 1504 -23.96 -1.11 -43.55
N LYS B 1505 -23.33 0.06 -43.75
CA LYS B 1505 -21.94 0.24 -43.33
C LYS B 1505 -21.79 0.07 -41.82
N VAL B 1506 -22.74 0.60 -41.06
CA VAL B 1506 -22.71 0.47 -39.60
C VAL B 1506 -22.87 -0.99 -39.18
N HIS B 1507 -23.80 -1.72 -39.82
CA HIS B 1507 -24.00 -3.13 -39.50
C HIS B 1507 -22.76 -3.97 -39.82
N ASP B 1508 -22.03 -3.53 -40.85
CA ASP B 1508 -20.76 -4.23 -41.16
C ASP B 1508 -19.71 -3.79 -40.15
N PHE B 1509 -19.70 -2.52 -39.77
CA PHE B 1509 -18.59 -2.09 -38.86
C PHE B 1509 -18.73 -2.91 -37.58
N GLU B 1510 -19.97 -3.07 -37.12
CA GLU B 1510 -20.20 -3.86 -35.89
C GLU B 1510 -19.74 -5.30 -36.14
N GLU B 1511 -20.06 -5.86 -37.30
CA GLU B 1511 -19.74 -7.30 -37.54
C GLU B 1511 -18.24 -7.48 -37.46
N GLN B 1512 -17.49 -6.56 -38.04
CA GLN B 1512 -16.04 -6.81 -37.95
C GLN B 1512 -15.68 -6.79 -36.47
N CYS B 1513 -16.20 -5.83 -35.73
CA CYS B 1513 -15.75 -5.75 -34.33
C CYS B 1513 -16.16 -6.98 -33.50
N ILE B 1514 -17.39 -7.47 -33.63
CA ILE B 1514 -17.81 -8.59 -32.72
C ILE B 1514 -16.89 -9.77 -32.97
N GLU B 1515 -16.67 -10.13 -34.23
CA GLU B 1515 -15.87 -11.35 -34.51
C GLU B 1515 -14.46 -11.08 -34.00
N GLU B 1516 -13.97 -9.87 -34.22
CA GLU B 1516 -12.57 -9.60 -33.81
C GLU B 1516 -12.50 -9.77 -32.30
N TYR B 1517 -13.51 -9.29 -31.57
CA TYR B 1517 -13.35 -9.37 -30.09
C TYR B 1517 -13.21 -10.85 -29.74
N PHE B 1518 -14.06 -11.70 -30.31
CA PHE B 1518 -14.00 -13.12 -29.90
C PHE B 1518 -12.64 -13.67 -30.31
N ARG B 1519 -12.21 -13.34 -31.52
CA ARG B 1519 -10.94 -13.94 -31.98
C ARG B 1519 -9.86 -13.45 -31.04
N GLU B 1520 -9.82 -12.15 -30.82
CA GLU B 1520 -8.74 -11.61 -29.99
C GLU B 1520 -8.79 -12.18 -28.58
N LYS B 1521 -9.99 -12.47 -28.08
CA LYS B 1521 -10.09 -13.09 -26.75
C LYS B 1521 -9.51 -14.50 -26.77
N ASP B 1522 -9.74 -15.24 -27.86
CA ASP B 1522 -9.25 -16.60 -27.96
C ASP B 1522 -7.73 -16.62 -28.15
N ASP B 1523 -7.20 -15.67 -28.93
CA ASP B 1523 -5.75 -15.59 -29.10
C ASP B 1523 -5.05 -15.12 -27.83
N ARG B 1524 -5.71 -14.27 -27.05
CA ARG B 1524 -5.13 -13.89 -25.77
C ARG B 1524 -5.22 -15.04 -24.76
N PHE B 1525 -6.22 -15.91 -24.92
CA PHE B 1525 -6.34 -17.05 -24.02
C PHE B 1525 -5.29 -18.11 -24.33
N ASN B 1526 -5.22 -18.59 -25.56
CA ASN B 1526 -4.40 -19.77 -25.86
C ASN B 1526 -2.91 -19.46 -25.99
N SER B 1527 -2.46 -18.26 -25.65
CA SER B 1527 -1.04 -17.93 -25.67
C SER B 1527 -0.47 -17.84 -24.26
N SER B 1528 -1.35 -17.88 -23.27
CA SER B 1528 -0.96 -17.79 -21.88
C SER B 1528 -0.31 -19.08 -21.42
N ASN B 1529 0.41 -19.00 -20.30
CA ASN B 1529 1.14 -20.16 -19.79
C ASN B 1529 0.20 -21.22 -19.23
N ASP B 1530 -0.97 -20.79 -18.76
CA ASP B 1530 -1.88 -21.64 -18.02
C ASP B 1530 -2.59 -22.66 -18.88
N GLU B 1531 -2.44 -22.58 -20.20
CA GLU B 1531 -2.88 -23.64 -21.09
C GLU B 1531 -1.71 -24.38 -21.71
N ARG B 1532 -0.60 -23.68 -21.97
CA ARG B 1532 0.61 -24.27 -22.52
C ARG B 1532 1.24 -25.28 -21.58
N ILE B 1533 0.99 -25.20 -20.29
CA ILE B 1533 1.43 -26.26 -19.37
C ILE B 1533 0.46 -27.43 -19.34
N ARG B 1534 -0.83 -27.13 -19.29
CA ARG B 1534 -1.83 -28.17 -19.02
C ARG B 1534 -2.03 -29.07 -20.23
N VAL B 1535 -1.81 -28.56 -21.43
CA VAL B 1535 -1.91 -29.48 -22.56
C VAL B 1535 -0.64 -30.33 -22.68
N THR B 1536 0.53 -29.77 -22.36
CA THR B 1536 1.77 -30.51 -22.60
C THR B 1536 1.98 -31.57 -21.53
N SER B 1537 1.32 -31.46 -20.38
CA SER B 1537 1.40 -32.52 -19.38
C SER B 1537 0.77 -33.82 -19.90
N GLU B 1538 -0.46 -33.73 -20.42
CA GLU B 1538 -1.11 -34.94 -20.91
C GLU B 1538 -0.50 -35.42 -22.22
N ARG B 1539 0.07 -34.49 -23.03
CA ARG B 1539 0.86 -34.91 -24.18
C ARG B 1539 2.06 -35.77 -23.74
N VAL B 1540 2.73 -35.37 -22.65
CA VAL B 1540 3.86 -36.12 -22.13
C VAL B 1540 3.45 -37.52 -21.68
N GLU B 1541 2.34 -37.63 -20.94
CA GLU B 1541 1.98 -38.97 -20.45
C GLU B 1541 1.50 -39.88 -21.59
N ASN B 1542 0.86 -39.30 -22.62
CA ASN B 1542 0.44 -40.09 -23.77
C ASN B 1542 1.64 -40.61 -24.55
N MET B 1543 2.66 -39.76 -24.74
CA MET B 1543 3.87 -40.22 -25.42
C MET B 1543 4.62 -41.27 -24.60
N SER B 1544 4.56 -41.19 -23.26
CA SER B 1544 5.25 -42.20 -22.46
C SER B 1544 4.59 -43.58 -22.59
N MET B 1545 3.26 -43.62 -22.56
CA MET B 1545 2.58 -44.91 -22.72
C MET B 1545 2.79 -45.50 -24.11
N ARG B 1546 2.76 -44.63 -25.15
CA ARG B 1546 3.06 -45.12 -26.49
C ARG B 1546 4.51 -45.57 -26.62
N LEU B 1547 5.42 -44.95 -25.88
CA LEU B 1547 6.82 -45.36 -25.92
C LEU B 1547 7.00 -46.75 -25.33
N GLU B 1548 6.30 -47.07 -24.24
CA GLU B 1548 6.46 -48.40 -23.67
C GLU B 1548 5.78 -49.48 -24.53
N GLU B 1549 4.69 -49.13 -25.22
CA GLU B 1549 4.12 -50.10 -26.17
C GLU B 1549 5.06 -50.35 -27.35
N VAL B 1550 5.73 -49.29 -27.84
CA VAL B 1550 6.75 -49.45 -28.87
C VAL B 1550 7.93 -50.27 -28.35
N ASN B 1551 8.23 -50.15 -27.06
CA ASN B 1551 9.32 -50.94 -26.46
C ASN B 1551 9.00 -52.43 -26.47
N GLU B 1552 7.79 -52.81 -26.04
CA GLU B 1552 7.48 -54.25 -26.04
C GLU B 1552 7.34 -54.80 -27.46
N ARG B 1553 6.87 -53.98 -28.42
CA ARG B 1553 6.85 -54.43 -29.80
C ARG B 1553 8.26 -54.63 -30.37
N GLU B 1554 9.20 -53.75 -30.01
CA GLU B 1554 10.56 -53.89 -30.50
C GLU B 1554 11.25 -55.11 -29.90
N HIS B 1555 10.99 -55.43 -28.64
CA HIS B 1555 11.59 -56.64 -28.07
C HIS B 1555 10.99 -57.91 -28.67
N SER B 1556 9.68 -57.89 -29.00
CA SER B 1556 9.11 -59.05 -29.67
C SER B 1556 9.68 -59.23 -31.08
N MET B 1557 9.92 -58.12 -31.79
CA MET B 1557 10.51 -58.22 -33.13
C MET B 1557 11.97 -58.65 -33.05
N LYS B 1558 12.68 -58.26 -31.99
CA LYS B 1558 14.05 -58.76 -31.78
C LYS B 1558 14.05 -60.25 -31.50
N ASP C 754 16.80 -49.36 -3.58
CA ASP C 754 16.56 -50.79 -3.70
C ASP C 754 16.41 -51.44 -2.33
N LEU C 755 15.54 -50.85 -1.50
CA LEU C 755 15.38 -51.29 -0.13
C LEU C 755 14.21 -52.25 0.02
N ALA C 756 13.28 -52.26 -0.94
CA ALA C 756 12.06 -53.06 -0.81
C ALA C 756 12.35 -54.56 -0.91
N ILE C 757 13.17 -54.97 -1.88
CA ILE C 757 13.54 -56.39 -1.97
C ILE C 757 14.49 -56.77 -0.84
N LEU C 758 15.24 -55.78 -0.31
CA LEU C 758 16.08 -56.02 0.86
C LEU C 758 15.25 -56.38 2.08
N THR C 759 14.13 -55.68 2.28
CA THR C 759 13.21 -56.08 3.34
C THR C 759 12.44 -57.34 2.99
N ALA C 760 12.18 -57.58 1.70
CA ALA C 760 11.45 -58.77 1.27
C ALA C 760 12.27 -60.03 1.48
N LEU C 761 13.60 -59.90 1.53
CA LEU C 761 14.46 -61.00 1.95
C LEU C 761 14.13 -61.42 3.38
N LEU C 762 13.98 -60.45 4.28
CA LEU C 762 13.63 -60.75 5.66
C LEU C 762 12.18 -61.22 5.77
N LYS C 763 11.31 -60.73 4.90
CA LYS C 763 9.94 -61.22 4.88
C LYS C 763 9.87 -62.64 4.32
N GLY C 764 10.76 -62.97 3.39
CA GLY C 764 10.84 -64.32 2.88
C GLY C 764 11.65 -65.28 3.73
N ALA C 765 12.17 -64.81 4.87
CA ALA C 765 12.99 -65.67 5.72
C ALA C 765 12.16 -66.71 6.47
N ASN C 766 10.88 -66.43 6.70
CA ASN C 766 10.02 -67.36 7.42
C ASN C 766 8.56 -67.24 6.97
N ALA C 767 7.64 -67.80 7.75
CA ALA C 767 6.25 -67.87 7.33
C ALA C 767 5.21 -67.50 8.40
N SER C 768 5.64 -67.09 9.59
CA SER C 768 4.67 -66.69 10.62
C SER C 768 4.08 -65.33 10.27
N ALA C 769 2.95 -65.35 9.56
CA ALA C 769 2.29 -64.17 9.02
C ALA C 769 1.82 -63.14 10.05
N PRO C 770 1.27 -63.49 11.23
CA PRO C 770 1.06 -62.45 12.24
C PRO C 770 2.34 -61.87 12.79
N ASP C 771 3.37 -62.69 13.01
CA ASP C 771 4.67 -62.16 13.40
C ASP C 771 5.31 -61.38 12.27
N GLN C 772 5.02 -61.77 11.02
CA GLN C 772 5.48 -61.00 9.86
C GLN C 772 4.84 -59.63 9.82
N LEU C 773 3.54 -59.55 10.10
CA LEU C 773 2.86 -58.27 10.14
C LEU C 773 3.34 -57.43 11.32
N SER C 774 3.66 -58.08 12.43
CA SER C 774 4.24 -57.39 13.59
C SER C 774 5.61 -56.82 13.26
N LEU C 775 6.44 -57.57 12.55
CA LEU C 775 7.75 -57.08 12.15
C LEU C 775 7.63 -55.95 11.13
N ALA C 776 6.66 -56.05 10.23
CA ALA C 776 6.42 -54.98 9.27
C ALA C 776 5.93 -53.71 9.94
N LEU C 777 5.15 -53.85 11.02
CA LEU C 777 4.81 -52.70 11.84
C LEU C 777 6.03 -52.18 12.59
N ALA C 778 6.96 -53.05 12.93
CA ALA C 778 8.13 -52.63 13.70
C ALA C 778 9.10 -51.81 12.85
N TRP C 779 9.38 -52.24 11.61
CA TRP C 779 10.31 -51.48 10.79
C TRP C 779 9.68 -50.24 10.17
N ASN C 780 8.36 -50.10 10.25
CA ASN C 780 7.61 -48.90 9.87
C ASN C 780 7.79 -48.56 8.38
N ARG C 781 7.37 -49.50 7.55
CA ARG C 781 7.39 -49.33 6.09
C ARG C 781 6.09 -49.95 5.58
N VAL C 782 5.08 -49.11 5.39
CA VAL C 782 3.73 -49.61 5.10
C VAL C 782 3.61 -50.13 3.66
N ASP C 783 4.50 -49.71 2.77
CA ASP C 783 4.44 -50.17 1.38
C ASP C 783 4.77 -51.65 1.27
N ILE C 784 5.62 -52.15 2.15
CA ILE C 784 6.01 -53.55 2.13
C ILE C 784 4.83 -54.44 2.53
N ALA C 785 4.12 -54.06 3.58
CA ALA C 785 2.94 -54.81 4.00
C ALA C 785 1.80 -54.65 3.01
N ARG C 786 1.72 -53.49 2.36
CA ARG C 786 0.69 -53.29 1.35
C ARG C 786 0.98 -54.09 0.09
N SER C 787 2.25 -54.38 -0.18
CA SER C 787 2.62 -55.11 -1.39
C SER C 787 2.63 -56.62 -1.18
N GLN C 788 3.14 -57.10 -0.05
CA GLN C 788 3.42 -58.52 0.11
C GLN C 788 2.46 -59.24 1.05
N ILE C 789 2.10 -58.61 2.17
CA ILE C 789 1.37 -59.34 3.21
C ILE C 789 -0.11 -59.45 2.87
N PHE C 790 -0.78 -58.32 2.72
CA PHE C 790 -2.23 -58.30 2.51
C PHE C 790 -2.54 -58.67 1.06
N ILE C 791 -2.51 -59.97 0.79
CA ILE C 791 -2.79 -60.51 -0.53
C ILE C 791 -3.92 -61.52 -0.42
N TYR C 792 -4.29 -62.08 -1.56
CA TYR C 792 -5.38 -63.05 -1.60
C TYR C 792 -4.92 -64.40 -1.06
N GLY C 793 -5.74 -65.00 -0.21
CA GLY C 793 -5.48 -66.32 0.31
C GLY C 793 -4.67 -66.38 1.58
N GLN C 794 -4.43 -65.25 2.24
CA GLN C 794 -3.65 -65.23 3.46
C GLN C 794 -4.48 -65.79 4.62
N GLN C 795 -3.85 -66.61 5.46
CA GLN C 795 -4.51 -67.20 6.61
C GLN C 795 -4.36 -66.27 7.82
N TRP C 796 -5.43 -66.16 8.60
CA TRP C 796 -5.44 -65.30 9.77
C TRP C 796 -6.11 -66.01 10.94
N PRO C 797 -5.44 -66.12 12.09
CA PRO C 797 -6.12 -66.61 13.28
C PRO C 797 -7.00 -65.53 13.89
N VAL C 798 -7.86 -65.96 14.83
CA VAL C 798 -8.72 -65.00 15.51
C VAL C 798 -7.94 -64.24 16.56
N GLY C 799 -8.28 -62.97 16.73
CA GLY C 799 -7.60 -62.12 17.68
C GLY C 799 -6.30 -61.52 17.19
N SER C 800 -5.77 -61.97 16.05
CA SER C 800 -4.53 -61.41 15.54
C SER C 800 -4.74 -60.01 14.96
N LEU C 801 -5.85 -59.81 14.26
CA LEU C 801 -6.16 -58.49 13.71
C LEU C 801 -6.44 -57.48 14.80
N GLU C 802 -7.07 -57.91 15.89
CA GLU C 802 -7.37 -57.01 17.00
C GLU C 802 -6.10 -56.58 17.72
N GLN C 803 -5.21 -57.54 17.98
CA GLN C 803 -3.94 -57.22 18.63
C GLN C 803 -3.05 -56.38 17.74
N ALA C 804 -3.12 -56.64 16.41
CA ALA C 804 -2.38 -55.81 15.46
C ALA C 804 -2.91 -54.39 15.43
N MET C 805 -4.24 -54.22 15.47
CA MET C 805 -4.83 -52.88 15.54
C MET C 805 -4.44 -52.17 16.82
N LEU C 806 -4.40 -52.89 17.94
CA LEU C 806 -3.98 -52.29 19.21
C LEU C 806 -2.53 -51.84 19.17
N ASP C 807 -1.64 -52.70 18.68
CA ASP C 807 -0.23 -52.36 18.60
C ASP C 807 0.02 -51.25 17.58
N ALA C 808 -0.84 -51.13 16.57
CA ALA C 808 -0.69 -50.04 15.62
C ALA C 808 -1.22 -48.73 16.20
N LEU C 809 -2.28 -48.78 17.01
CA LEU C 809 -2.83 -47.55 17.58
C LEU C 809 -1.92 -46.99 18.66
N VAL C 810 -1.26 -47.86 19.44
CA VAL C 810 -0.49 -47.33 20.56
C VAL C 810 0.82 -46.68 20.15
N LEU C 811 1.24 -46.82 18.89
CA LEU C 811 2.57 -46.37 18.50
C LEU C 811 2.57 -45.33 17.38
N ASP C 812 1.45 -44.60 17.20
CA ASP C 812 1.32 -43.49 16.25
C ASP C 812 1.59 -43.95 14.82
N ARG C 813 0.75 -44.86 14.32
CA ARG C 813 0.87 -45.36 12.96
C ARG C 813 -0.38 -44.94 12.21
N VAL C 814 -0.18 -44.09 11.20
CA VAL C 814 -1.32 -43.60 10.42
C VAL C 814 -1.74 -44.62 9.39
N ASP C 815 -0.83 -44.98 8.49
CA ASP C 815 -1.19 -45.74 7.31
C ASP C 815 -1.49 -47.20 7.64
N PHE C 816 -0.88 -47.72 8.70
CA PHE C 816 -1.18 -49.08 9.14
C PHE C 816 -2.59 -49.21 9.66
N VAL C 817 -3.03 -48.25 10.47
CA VAL C 817 -4.41 -48.26 10.94
C VAL C 817 -5.36 -48.01 9.78
N LYS C 818 -4.97 -47.17 8.82
CA LYS C 818 -5.78 -46.96 7.62
C LYS C 818 -5.96 -48.25 6.84
N LEU C 819 -4.88 -49.02 6.68
CA LEU C 819 -4.96 -50.22 5.86
C LEU C 819 -5.66 -51.36 6.59
N LEU C 820 -5.50 -51.43 7.91
CA LEU C 820 -6.22 -52.45 8.68
C LEU C 820 -7.71 -52.16 8.74
N ILE C 821 -8.12 -50.89 8.85
CA ILE C 821 -9.53 -50.54 8.72
C ILE C 821 -10.01 -50.84 7.31
N GLU C 822 -9.15 -50.65 6.32
CA GLU C 822 -9.52 -50.97 4.94
C GLU C 822 -9.52 -52.47 4.66
N ASN C 823 -9.16 -53.32 5.63
CA ASN C 823 -9.07 -54.75 5.42
C ASN C 823 -9.74 -55.55 6.53
N GLY C 824 -10.98 -55.20 6.86
CA GLY C 824 -11.79 -56.10 7.67
C GLY C 824 -12.04 -55.68 9.10
N VAL C 825 -11.17 -54.84 9.66
CA VAL C 825 -11.30 -54.44 11.05
C VAL C 825 -12.43 -53.44 11.18
N SER C 826 -13.44 -53.79 11.97
CA SER C 826 -14.59 -52.92 12.23
C SER C 826 -14.51 -52.42 13.68
N MET C 827 -14.48 -51.10 13.84
CA MET C 827 -14.30 -50.52 15.17
C MET C 827 -15.55 -50.64 16.04
N HIS C 828 -16.71 -50.90 15.45
CA HIS C 828 -17.93 -51.08 16.24
C HIS C 828 -17.93 -52.42 16.96
N ARG C 829 -17.10 -53.36 16.52
CA ARG C 829 -16.94 -54.64 17.19
C ARG C 829 -15.63 -54.75 17.96
N PHE C 830 -14.68 -53.85 17.72
CA PHE C 830 -13.38 -53.94 18.38
C PHE C 830 -13.39 -53.35 19.79
N LEU C 831 -13.67 -52.06 19.88
CA LEU C 831 -13.30 -51.29 21.06
C LEU C 831 -14.23 -51.57 22.23
N THR C 832 -13.66 -52.00 23.34
CA THR C 832 -14.38 -52.17 24.60
C THR C 832 -13.86 -51.14 25.60
N ILE C 833 -14.48 -51.13 26.77
CA ILE C 833 -14.11 -50.17 27.80
C ILE C 833 -12.73 -50.49 28.36
N SER C 834 -12.41 -51.78 28.47
CA SER C 834 -11.15 -52.20 29.07
C SER C 834 -9.97 -51.87 28.16
N ARG C 835 -10.13 -52.08 26.85
CA ARG C 835 -9.02 -51.78 25.94
C ARG C 835 -8.85 -50.27 25.77
N LEU C 836 -9.93 -49.50 25.89
CA LEU C 836 -9.78 -48.05 25.90
C LEU C 836 -9.09 -47.58 27.16
N GLU C 837 -9.36 -48.24 28.30
CA GLU C 837 -8.62 -47.96 29.53
C GLU C 837 -7.14 -48.28 29.37
N GLU C 838 -6.84 -49.38 28.65
CA GLU C 838 -5.46 -49.71 28.33
C GLU C 838 -4.82 -48.66 27.43
N LEU C 839 -5.59 -48.09 26.50
CA LEU C 839 -5.10 -47.01 25.65
C LEU C 839 -4.79 -45.76 26.47
N TYR C 840 -5.63 -45.46 27.46
CA TYR C 840 -5.33 -44.32 28.30
C TYR C 840 -4.25 -44.61 29.33
N ASN C 841 -3.91 -45.87 29.54
CA ASN C 841 -2.82 -46.21 30.45
C ASN C 841 -1.62 -46.85 29.76
N THR C 842 -1.19 -46.32 28.61
CA THR C 842 0.00 -46.82 27.95
C THR C 842 1.26 -46.16 28.52
N ARG C 843 2.40 -46.46 27.89
CA ARG C 843 3.66 -45.84 28.28
C ARG C 843 4.53 -45.48 27.07
N HIS C 844 3.95 -45.37 25.87
CA HIS C 844 4.74 -45.11 24.67
C HIS C 844 4.49 -43.73 24.08
N GLY C 845 3.97 -42.78 24.85
CA GLY C 845 3.57 -41.50 24.32
C GLY C 845 4.74 -40.63 23.95
N PRO C 846 4.56 -39.83 22.89
CA PRO C 846 5.58 -38.85 22.50
C PRO C 846 5.79 -37.77 23.54
N SER C 847 4.72 -37.04 23.86
CA SER C 847 4.77 -35.94 24.80
C SER C 847 3.34 -35.63 25.23
N ASN C 848 3.09 -35.65 26.54
CA ASN C 848 1.73 -35.48 27.03
C ASN C 848 1.72 -34.60 28.27
N THR C 849 0.60 -33.90 28.49
CA THR C 849 0.35 -33.17 29.73
C THR C 849 -0.81 -33.76 30.51
N LEU C 850 -1.03 -35.07 30.42
CA LEU C 850 -2.21 -35.70 31.01
C LEU C 850 -2.11 -35.81 32.52
N TYR C 851 -0.96 -36.24 33.04
CA TYR C 851 -0.81 -36.49 34.48
C TYR C 851 -0.85 -35.19 35.27
N HIS C 852 -0.43 -34.08 34.66
CA HIS C 852 -0.57 -32.78 35.29
C HIS C 852 -2.04 -32.42 35.47
N LEU C 853 -2.87 -32.73 34.49
CA LEU C 853 -4.30 -32.47 34.62
C LEU C 853 -4.95 -33.43 35.61
N VAL C 854 -4.45 -34.66 35.70
CA VAL C 854 -4.93 -35.59 36.72
C VAL C 854 -4.63 -35.08 38.12
N ARG C 855 -3.41 -34.60 38.35
CA ARG C 855 -3.03 -34.07 39.65
C ARG C 855 -3.68 -32.71 39.91
N ASP C 856 -4.11 -32.01 38.85
CA ASP C 856 -4.79 -30.74 39.03
C ASP C 856 -6.28 -30.90 39.29
N VAL C 857 -6.88 -32.01 38.84
CA VAL C 857 -8.29 -32.25 39.11
C VAL C 857 -8.48 -32.98 40.43
N ILE C 868 -5.18 -44.88 35.84
CA ILE C 868 -6.10 -43.74 35.88
C ILE C 868 -7.50 -44.08 35.39
N SER C 869 -8.49 -43.86 36.23
CA SER C 869 -9.87 -44.24 35.98
C SER C 869 -10.53 -43.29 34.99
N LEU C 870 -11.51 -43.81 34.26
CA LEU C 870 -12.17 -43.04 33.22
C LEU C 870 -13.08 -41.96 33.79
N ILE C 871 -13.59 -42.18 35.00
CA ILE C 871 -14.39 -41.15 35.67
C ILE C 871 -13.53 -39.94 35.98
N ASP C 872 -12.28 -40.18 36.40
CA ASP C 872 -11.33 -39.10 36.56
C ASP C 872 -11.03 -38.40 35.24
N ILE C 873 -11.02 -39.16 34.14
CA ILE C 873 -10.81 -38.57 32.82
C ILE C 873 -11.96 -37.65 32.46
N GLY C 874 -13.19 -38.06 32.77
CA GLY C 874 -14.34 -37.20 32.53
C GLY C 874 -14.32 -35.96 33.40
N LEU C 875 -13.81 -36.09 34.63
CA LEU C 875 -13.65 -34.91 35.48
C LEU C 875 -12.59 -33.97 34.92
N VAL C 876 -11.54 -34.53 34.30
CA VAL C 876 -10.53 -33.71 33.62
C VAL C 876 -11.15 -32.95 32.45
N ILE C 877 -12.01 -33.63 31.68
CA ILE C 877 -12.63 -32.99 30.52
C ILE C 877 -13.59 -31.89 30.96
N GLU C 878 -14.36 -32.13 32.03
CA GLU C 878 -15.24 -31.10 32.56
C GLU C 878 -14.46 -29.93 33.15
N TYR C 879 -13.29 -30.19 33.72
CA TYR C 879 -12.46 -29.10 34.22
C TYR C 879 -11.86 -28.31 33.07
N LEU C 880 -11.58 -28.96 31.93
CA LEU C 880 -10.98 -28.25 30.81
C LEU C 880 -12.01 -27.39 30.09
N MET C 881 -13.21 -27.93 29.83
CA MET C 881 -14.20 -27.11 29.15
C MET C 881 -14.80 -26.06 30.06
N GLY C 882 -15.17 -26.43 31.27
CA GLY C 882 -15.76 -25.47 32.17
C GLY C 882 -17.23 -25.24 31.86
N GLY C 883 -17.77 -24.23 32.54
CA GLY C 883 -19.20 -23.98 32.46
C GLY C 883 -19.96 -25.07 33.18
N ALA C 884 -21.21 -25.28 32.77
CA ALA C 884 -22.05 -26.33 33.33
C ALA C 884 -22.02 -27.58 32.45
N TYR C 885 -20.87 -27.84 31.81
CA TYR C 885 -20.74 -28.96 30.90
C TYR C 885 -20.72 -30.26 31.69
N ARG C 886 -21.72 -31.11 31.46
CA ARG C 886 -21.87 -32.36 32.20
C ARG C 886 -21.61 -33.52 31.25
N CYS C 887 -20.37 -33.99 31.22
CA CYS C 887 -19.96 -35.00 30.25
C CYS C 887 -20.61 -36.35 30.54
N ASN C 888 -20.64 -37.20 29.50
CA ASN C 888 -21.38 -38.45 29.56
C ASN C 888 -20.70 -39.47 30.48
N TYR C 889 -19.43 -39.28 30.79
CA TYR C 889 -18.79 -40.15 31.77
C TYR C 889 -19.32 -39.92 33.17
N THR C 890 -19.71 -38.68 33.48
CA THR C 890 -20.22 -38.36 34.81
C THR C 890 -21.73 -38.52 34.94
N ARG C 891 -22.38 -39.21 34.01
CA ARG C 891 -23.80 -39.46 34.14
C ARG C 891 -24.04 -40.60 35.13
N LYS C 892 -25.31 -40.84 35.44
CA LYS C 892 -25.66 -41.95 36.30
C LYS C 892 -25.81 -43.25 35.53
N ARG C 893 -25.83 -43.19 34.19
CA ARG C 893 -25.97 -44.40 33.39
C ARG C 893 -24.64 -45.07 33.12
N PHE C 894 -23.54 -44.31 33.12
CA PHE C 894 -22.21 -44.85 32.92
C PHE C 894 -21.51 -45.20 34.22
N ARG C 895 -21.86 -44.53 35.32
CA ARG C 895 -21.14 -44.69 36.57
C ARG C 895 -21.45 -46.03 37.24
N THR C 896 -22.71 -46.45 37.22
CA THR C 896 -23.06 -47.73 37.83
C THR C 896 -22.58 -48.90 36.99
N LEU C 897 -22.38 -48.71 35.69
CA LEU C 897 -21.83 -49.75 34.85
C LEU C 897 -20.32 -49.90 35.00
N TYR C 898 -19.68 -48.99 35.72
CA TYR C 898 -18.24 -49.06 35.96
C TYR C 898 -17.91 -49.85 37.21
N HIS C 899 -18.92 -50.46 37.86
CA HIS C 899 -18.71 -51.15 39.12
C HIS C 899 -17.97 -52.47 38.95
N ASN C 900 -18.06 -53.10 37.78
CA ASN C 900 -17.48 -54.43 37.59
C ASN C 900 -15.96 -54.36 37.56
N LEU C 901 -15.40 -53.66 36.59
CA LEU C 901 -13.95 -53.56 36.47
C LEU C 901 -13.42 -52.40 37.31
N ASP C 941 -26.16 -57.74 28.64
CA ASP C 941 -26.05 -57.94 27.20
C ASP C 941 -24.58 -57.93 26.79
N PRO C 942 -24.24 -58.53 25.66
CA PRO C 942 -22.85 -58.40 25.15
C PRO C 942 -22.51 -57.02 24.64
N GLU C 943 -23.50 -56.15 24.39
CA GLU C 943 -23.29 -54.82 23.86
C GLU C 943 -23.28 -53.76 24.95
N ILE C 944 -22.84 -54.14 26.16
CA ILE C 944 -22.79 -53.17 27.27
C ILE C 944 -21.40 -52.61 27.49
N ASN C 945 -20.38 -53.12 26.81
CA ASN C 945 -19.07 -52.49 26.80
C ASN C 945 -18.72 -51.86 25.46
N HIS C 946 -19.68 -51.76 24.55
CA HIS C 946 -19.42 -51.16 23.25
C HIS C 946 -19.98 -49.74 23.19
N PHE C 947 -19.16 -48.80 22.76
CA PHE C 947 -19.76 -47.50 22.53
C PHE C 947 -20.55 -47.50 21.23
N PRO C 948 -21.79 -47.02 21.23
CA PRO C 948 -22.52 -46.89 19.97
C PRO C 948 -21.95 -45.82 19.05
N PHE C 949 -21.31 -44.80 19.62
CA PHE C 949 -20.64 -43.76 18.85
C PHE C 949 -19.17 -43.72 19.24
N PRO C 950 -18.39 -44.73 18.84
CA PRO C 950 -17.02 -44.85 19.36
C PRO C 950 -16.05 -43.84 18.79
N PHE C 951 -16.36 -43.27 17.62
CA PHE C 951 -15.51 -42.26 17.00
C PHE C 951 -15.40 -40.99 17.84
N HIS C 952 -16.41 -40.69 18.67
CA HIS C 952 -16.28 -39.57 19.59
C HIS C 952 -15.22 -39.84 20.65
N GLU C 953 -15.21 -41.05 21.22
CA GLU C 953 -14.16 -41.39 22.16
C GLU C 953 -12.79 -41.45 21.49
N LEU C 954 -12.71 -41.91 20.25
CA LEU C 954 -11.43 -41.90 19.58
C LEU C 954 -10.97 -40.47 19.25
N MET C 955 -11.92 -39.58 18.98
CA MET C 955 -11.59 -38.17 18.78
C MET C 955 -11.05 -37.54 20.06
N VAL C 956 -11.71 -37.81 21.19
CA VAL C 956 -11.29 -37.26 22.47
C VAL C 956 -9.92 -37.81 22.87
N TRP C 957 -9.71 -39.11 22.67
CA TRP C 957 -8.41 -39.72 22.98
C TRP C 957 -7.31 -39.20 22.07
N ALA C 958 -7.65 -38.90 20.82
CA ALA C 958 -6.66 -38.28 19.95
C ALA C 958 -6.29 -36.87 20.38
N VAL C 959 -7.26 -36.07 20.80
CA VAL C 959 -6.95 -34.68 21.14
C VAL C 959 -6.21 -34.59 22.47
N LEU C 960 -6.61 -35.38 23.47
CA LEU C 960 -6.08 -35.20 24.82
C LEU C 960 -4.61 -35.61 24.93
N MET C 961 -4.17 -36.56 24.11
CA MET C 961 -2.79 -37.02 24.18
C MET C 961 -1.90 -36.40 23.12
N LYS C 962 -2.45 -35.49 22.31
CA LYS C 962 -1.72 -34.68 21.32
C LYS C 962 -1.02 -35.57 20.28
N ARG C 963 -1.85 -36.26 19.48
CA ARG C 963 -1.37 -36.93 18.28
C ARG C 963 -2.17 -36.38 17.12
N GLN C 964 -1.62 -35.36 16.46
CA GLN C 964 -2.37 -34.46 15.60
C GLN C 964 -2.83 -35.10 14.29
N LYS C 965 -1.95 -35.85 13.62
CA LYS C 965 -2.32 -36.48 12.36
C LYS C 965 -3.36 -37.57 12.59
N MET C 966 -3.28 -38.25 13.74
CA MET C 966 -4.34 -39.17 14.13
C MET C 966 -5.65 -38.44 14.38
N ALA C 967 -5.59 -37.23 14.94
CA ALA C 967 -6.81 -36.46 15.16
C ALA C 967 -7.46 -36.05 13.84
N LEU C 968 -6.65 -35.62 12.88
CA LEU C 968 -7.18 -35.24 11.58
C LEU C 968 -7.69 -36.45 10.81
N PHE C 969 -7.13 -37.63 11.07
CA PHE C 969 -7.69 -38.83 10.45
C PHE C 969 -9.01 -39.21 11.09
N PHE C 970 -9.07 -39.23 12.43
CA PHE C 970 -10.29 -39.64 13.10
C PHE C 970 -11.43 -38.65 12.94
N TRP C 971 -11.15 -37.39 12.58
CA TRP C 971 -12.23 -36.44 12.43
C TRP C 971 -13.10 -36.73 11.22
N GLN C 972 -12.49 -37.20 10.12
CA GLN C 972 -13.22 -37.27 8.86
C GLN C 972 -14.04 -38.53 8.68
N HIS C 973 -14.40 -39.23 9.74
CA HIS C 973 -15.28 -40.39 9.63
C HIS C 973 -16.27 -40.42 10.77
N GLY C 974 -17.47 -40.91 10.46
CA GLY C 974 -18.52 -41.05 11.45
C GLY C 974 -19.62 -40.02 11.29
N GLU C 975 -20.15 -39.62 12.43
CA GLU C 975 -21.22 -38.62 12.50
C GLU C 975 -20.75 -37.41 13.28
N GLU C 976 -21.45 -36.29 13.07
CA GLU C 976 -21.37 -35.08 13.89
C GLU C 976 -19.95 -34.50 13.90
N ALA C 977 -19.51 -34.08 12.71
CA ALA C 977 -18.15 -33.59 12.55
C ALA C 977 -17.94 -32.23 13.20
N MET C 978 -18.96 -31.35 13.13
CA MET C 978 -18.77 -30.00 13.64
C MET C 978 -18.73 -29.96 15.16
N ALA C 979 -19.47 -30.84 15.82
CA ALA C 979 -19.36 -30.96 17.26
C ALA C 979 -17.97 -31.40 17.67
N LYS C 980 -17.41 -32.36 16.94
CA LYS C 980 -16.06 -32.82 17.25
C LYS C 980 -15.02 -31.74 16.95
N ALA C 981 -15.26 -30.94 15.90
CA ALA C 981 -14.32 -29.89 15.55
C ALA C 981 -14.34 -28.77 16.60
N LEU C 982 -15.52 -28.37 17.06
CA LEU C 982 -15.58 -27.29 18.05
C LEU C 982 -15.13 -27.75 19.43
N VAL C 983 -15.43 -29.01 19.79
CA VAL C 983 -14.92 -29.56 21.04
C VAL C 983 -13.40 -29.66 20.99
N ALA C 984 -12.85 -30.02 19.83
CA ALA C 984 -11.40 -30.07 19.66
C ALA C 984 -10.78 -28.69 19.77
N CYS C 985 -11.43 -27.67 19.19
CA CYS C 985 -10.91 -26.30 19.28
C CYS C 985 -10.93 -25.79 20.70
N LYS C 986 -12.02 -26.07 21.43
CA LYS C 986 -12.13 -25.70 22.84
C LYS C 986 -11.06 -26.37 23.70
N LEU C 987 -10.84 -27.67 23.50
CA LEU C 987 -9.86 -28.38 24.31
C LEU C 987 -8.44 -27.96 23.96
N CYS C 988 -8.17 -27.66 22.68
CA CYS C 988 -6.83 -27.19 22.32
C CYS C 988 -6.54 -25.82 22.91
N LYS C 989 -7.52 -24.90 22.89
CA LYS C 989 -7.29 -23.59 23.48
C LYS C 989 -7.16 -23.68 25.00
N ALA C 990 -7.95 -24.56 25.62
CA ALA C 990 -7.87 -24.73 27.08
C ALA C 990 -6.53 -25.32 27.50
N MET C 991 -6.03 -26.33 26.78
CA MET C 991 -4.73 -26.89 27.14
C MET C 991 -3.60 -25.93 26.83
N ALA C 992 -3.75 -25.10 25.80
CA ALA C 992 -2.72 -24.09 25.52
C ALA C 992 -2.62 -23.07 26.64
N HIS C 993 -3.77 -22.56 27.10
CA HIS C 993 -3.76 -21.60 28.20
C HIS C 993 -3.32 -22.26 29.51
N GLU C 994 -3.64 -23.55 29.70
CA GLU C 994 -3.27 -24.23 30.93
C GLU C 994 -1.77 -24.52 30.97
N ALA C 995 -1.19 -24.91 29.83
CA ALA C 995 0.25 -25.12 29.76
C ALA C 995 1.02 -23.81 29.82
N SER C 996 0.44 -22.71 29.36
CA SER C 996 1.06 -21.42 29.58
C SER C 996 0.94 -20.96 31.02
N GLU C 997 -0.08 -21.44 31.75
CA GLU C 997 -0.31 -20.99 33.11
C GLU C 997 0.62 -21.64 34.13
N ILE C 1004 5.16 -26.35 23.84
CA ILE C 1004 3.90 -27.06 23.75
C ILE C 1004 2.76 -26.10 23.48
N SER C 1005 2.83 -24.89 24.07
CA SER C 1005 1.73 -23.93 23.99
C SER C 1005 1.58 -23.38 22.58
N GLN C 1006 2.69 -23.14 21.88
CA GLN C 1006 2.63 -22.69 20.50
C GLN C 1006 2.05 -23.77 19.58
N GLU C 1007 2.41 -25.04 19.84
CA GLU C 1007 1.84 -26.15 19.09
C GLU C 1007 0.34 -26.27 19.30
N LEU C 1008 -0.11 -26.09 20.55
CA LEU C 1008 -1.54 -26.22 20.82
C LEU C 1008 -2.32 -25.03 20.27
N ASN C 1009 -1.71 -23.85 20.24
CA ASN C 1009 -2.32 -22.71 19.57
C ASN C 1009 -2.46 -22.94 18.07
N HIS C 1010 -1.42 -23.52 17.46
CA HIS C 1010 -1.50 -23.88 16.05
C HIS C 1010 -2.57 -24.92 15.77
N ASN C 1011 -2.74 -25.89 16.67
CA ASN C 1011 -3.75 -26.93 16.47
C ASN C 1011 -5.16 -26.37 16.64
N SER C 1012 -5.34 -25.46 17.60
CA SER C 1012 -6.62 -24.79 17.76
C SER C 1012 -6.96 -23.96 16.52
N ARG C 1013 -5.96 -23.29 15.95
CA ARG C 1013 -6.18 -22.53 14.72
C ARG C 1013 -6.54 -23.45 13.55
N ASP C 1014 -5.96 -24.66 13.56
CA ASP C 1014 -6.22 -25.63 12.47
C ASP C 1014 -7.67 -26.15 12.56
N PHE C 1015 -8.05 -26.74 13.68
CA PHE C 1015 -9.43 -27.29 13.71
C PHE C 1015 -10.36 -26.11 13.49
N GLY C 1016 -10.02 -24.97 14.07
CA GLY C 1016 -10.89 -23.79 13.94
C GLY C 1016 -11.06 -23.37 12.50
N GLN C 1017 -9.96 -23.35 11.73
CA GLN C 1017 -10.14 -23.05 10.28
C GLN C 1017 -10.99 -24.15 9.65
N LEU C 1018 -10.75 -25.42 9.99
CA LEU C 1018 -11.48 -26.51 9.30
C LEU C 1018 -12.98 -26.42 9.60
N ALA C 1019 -13.37 -26.15 10.83
CA ALA C 1019 -14.81 -26.16 11.13
C ALA C 1019 -15.46 -25.07 10.30
N VAL C 1020 -14.81 -23.91 10.19
CA VAL C 1020 -15.49 -22.79 9.46
C VAL C 1020 -15.71 -23.22 8.01
N GLU C 1021 -14.74 -23.90 7.40
CA GLU C 1021 -14.86 -24.25 5.95
C GLU C 1021 -16.06 -25.19 5.73
N LEU C 1022 -16.28 -26.15 6.63
CA LEU C 1022 -17.37 -27.12 6.40
C LEU C 1022 -18.65 -26.29 6.36
N LEU C 1023 -18.78 -25.30 7.24
CA LEU C 1023 -19.99 -24.44 7.21
C LEU C 1023 -19.99 -23.71 5.88
N ASP C 1024 -18.83 -23.30 5.39
CA ASP C 1024 -18.87 -22.51 4.12
C ASP C 1024 -19.47 -23.41 3.04
N GLN C 1025 -19.03 -24.65 2.98
CA GLN C 1025 -19.59 -25.59 1.98
C GLN C 1025 -21.04 -25.85 2.36
N SER C 1026 -21.32 -26.11 3.64
CA SER C 1026 -22.71 -26.44 3.94
C SER C 1026 -23.63 -25.26 3.72
N TYR C 1027 -23.11 -24.04 3.70
CA TYR C 1027 -23.94 -22.92 3.29
C TYR C 1027 -23.93 -22.75 1.78
N LYS C 1028 -22.83 -23.11 1.12
CA LYS C 1028 -22.76 -23.03 -0.33
C LYS C 1028 -23.69 -24.03 -1.01
N GLN C 1029 -24.01 -25.14 -0.34
CA GLN C 1029 -24.96 -26.06 -0.94
C GLN C 1029 -26.41 -25.67 -0.69
N ASP C 1030 -26.80 -25.43 0.57
CA ASP C 1030 -28.19 -25.21 0.91
C ASP C 1030 -28.23 -24.25 2.11
N GLU C 1031 -29.44 -23.83 2.46
CA GLU C 1031 -29.61 -22.87 3.57
C GLU C 1031 -30.63 -23.42 4.55
N GLN C 1032 -31.80 -23.84 4.09
CA GLN C 1032 -32.85 -24.23 5.06
C GLN C 1032 -32.33 -25.40 5.90
N LEU C 1033 -31.77 -26.43 5.28
CA LEU C 1033 -31.19 -27.51 6.11
C LEU C 1033 -29.95 -26.99 6.82
N ALA C 1034 -29.25 -26.02 6.22
CA ALA C 1034 -27.99 -25.57 6.82
C ALA C 1034 -28.29 -24.98 8.19
N MET C 1035 -29.38 -24.22 8.25
CA MET C 1035 -29.76 -23.63 9.54
C MET C 1035 -30.02 -24.77 10.52
N LYS C 1036 -30.62 -25.87 10.05
CA LYS C 1036 -30.97 -26.94 11.01
C LYS C 1036 -29.71 -27.46 11.68
N LEU C 1037 -28.62 -27.57 10.93
CA LEU C 1037 -27.41 -28.18 11.54
C LEU C 1037 -26.99 -27.32 12.72
N LEU C 1038 -26.96 -26.00 12.56
CA LEU C 1038 -26.46 -25.23 13.71
C LEU C 1038 -27.42 -25.37 14.88
N THR C 1039 -28.72 -25.32 14.63
CA THR C 1039 -29.68 -25.31 15.75
C THR C 1039 -29.86 -26.61 16.53
N TYR C 1040 -29.82 -27.79 15.90
CA TYR C 1040 -30.23 -29.04 16.61
C TYR C 1040 -29.45 -29.26 17.89
N GLU C 1041 -30.15 -29.75 18.91
CA GLU C 1041 -29.47 -29.99 20.21
C GLU C 1041 -28.77 -31.33 20.12
N LEU C 1042 -27.47 -31.34 20.36
CA LEU C 1042 -26.78 -32.65 20.37
C LEU C 1042 -27.36 -33.40 21.56
N LYS C 1043 -27.58 -34.70 21.44
CA LYS C 1043 -28.02 -35.46 22.63
C LYS C 1043 -26.81 -36.19 23.19
N ASN C 1044 -25.63 -35.97 22.61
CA ASN C 1044 -24.44 -36.71 23.06
C ASN C 1044 -23.48 -35.77 23.78
N TRP C 1045 -23.12 -34.65 23.16
CA TRP C 1045 -22.10 -33.78 23.78
C TRP C 1045 -22.72 -32.85 24.82
N SER C 1046 -23.22 -33.39 25.92
CA SER C 1046 -23.71 -32.56 27.05
C SER C 1046 -24.75 -31.51 26.71
N ASN C 1047 -25.76 -31.86 25.93
CA ASN C 1047 -26.89 -30.92 25.71
C ASN C 1047 -26.40 -29.51 25.33
N ALA C 1048 -25.65 -29.37 24.24
CA ALA C 1048 -25.22 -28.03 23.79
C ALA C 1048 -25.62 -27.81 22.34
N THR C 1049 -25.72 -26.75 21.74
CA THR C 1049 -26.00 -26.56 20.30
C THR C 1049 -24.76 -25.97 19.72
N CYS C 1050 -24.44 -26.11 18.55
CA CYS C 1050 -23.15 -25.83 17.94
C CYS C 1050 -22.79 -24.36 18.05
N LEU C 1051 -23.80 -23.50 18.12
CA LEU C 1051 -23.55 -22.06 18.20
C LEU C 1051 -23.03 -21.67 19.58
N GLN C 1052 -23.57 -22.30 20.62
CA GLN C 1052 -23.09 -22.05 21.98
C GLN C 1052 -21.67 -22.55 22.17
N LEU C 1053 -21.33 -23.69 21.55
CA LEU C 1053 -19.95 -24.15 21.60
C LEU C 1053 -19.04 -23.27 20.76
N ALA C 1054 -19.59 -22.63 19.72
CA ALA C 1054 -18.80 -21.68 18.95
C ALA C 1054 -18.48 -20.42 19.73
N VAL C 1055 -19.46 -19.89 20.47
CA VAL C 1055 -19.20 -18.68 21.25
C VAL C 1055 -18.36 -18.99 22.48
N ALA C 1056 -18.61 -20.14 23.13
CA ALA C 1056 -17.90 -20.48 24.35
C ALA C 1056 -16.43 -20.85 24.11
N ALA C 1057 -16.03 -21.04 22.86
CA ALA C 1057 -14.63 -21.17 22.52
C ALA C 1057 -14.03 -19.86 22.01
N LYS C 1058 -14.82 -18.79 22.00
CA LYS C 1058 -14.39 -17.42 21.66
C LYS C 1058 -13.81 -17.33 20.25
N HIS C 1059 -14.43 -18.06 19.33
CA HIS C 1059 -13.97 -18.13 17.95
C HIS C 1059 -14.67 -17.03 17.16
N ARG C 1060 -13.93 -15.99 16.80
CA ARG C 1060 -14.54 -14.81 16.19
C ARG C 1060 -14.87 -14.99 14.72
N ASP C 1061 -14.40 -16.06 14.09
CA ASP C 1061 -14.63 -16.23 12.65
C ASP C 1061 -15.93 -16.97 12.34
N PHE C 1062 -16.33 -17.92 13.16
CA PHE C 1062 -17.53 -18.71 12.90
C PHE C 1062 -18.78 -17.86 12.99
N ILE C 1063 -18.84 -16.97 13.99
CA ILE C 1063 -19.98 -16.07 14.12
C ILE C 1063 -19.96 -15.06 12.99
N ALA C 1064 -18.78 -14.71 12.49
CA ALA C 1064 -18.61 -13.75 11.41
C ALA C 1064 -19.13 -14.24 10.08
N HIS C 1065 -19.44 -15.54 9.97
CA HIS C 1065 -20.03 -16.08 8.74
C HIS C 1065 -21.45 -15.56 8.58
N THR C 1066 -21.89 -15.51 7.32
CA THR C 1066 -23.17 -14.88 6.96
C THR C 1066 -24.35 -15.67 7.50
N CYS C 1067 -24.25 -17.01 7.51
CA CYS C 1067 -25.36 -17.84 7.97
C CYS C 1067 -25.63 -17.65 9.46
N SER C 1068 -24.58 -17.45 10.25
CA SER C 1068 -24.77 -17.20 11.67
C SER C 1068 -25.42 -15.85 11.91
N GLN C 1069 -25.06 -14.83 11.13
CA GLN C 1069 -25.70 -13.53 11.27
C GLN C 1069 -27.16 -13.57 10.83
N MET C 1070 -27.48 -14.36 9.79
CA MET C 1070 -28.88 -14.50 9.38
C MET C 1070 -29.70 -15.22 10.44
N LEU C 1071 -29.11 -16.23 11.08
CA LEU C 1071 -29.82 -16.94 12.14
C LEU C 1071 -30.01 -16.06 13.37
N LEU C 1072 -29.02 -15.23 13.68
CA LEU C 1072 -29.18 -14.29 14.78
C LEU C 1072 -30.21 -13.20 14.46
N THR C 1073 -30.32 -12.79 13.21
CA THR C 1073 -31.35 -11.81 12.87
C THR C 1073 -32.75 -12.41 12.94
N ASP C 1074 -32.90 -13.65 12.49
CA ASP C 1074 -34.18 -14.34 12.68
C ASP C 1074 -34.50 -14.63 14.14
N MET C 1075 -33.49 -14.79 14.99
CA MET C 1075 -33.79 -14.81 16.42
C MET C 1075 -34.20 -13.45 16.93
N TRP C 1076 -33.55 -12.39 16.45
CA TRP C 1076 -33.77 -11.03 16.93
C TRP C 1076 -35.17 -10.54 16.62
N MET C 1077 -35.65 -10.78 15.40
CA MET C 1077 -37.02 -10.37 15.08
C MET C 1077 -38.05 -11.22 15.81
N GLY C 1078 -37.72 -12.45 16.15
CA GLY C 1078 -38.65 -13.27 16.92
C GLY C 1078 -39.84 -13.71 16.10
N ARG C 1079 -41.03 -13.41 16.61
CA ARG C 1079 -42.28 -13.82 15.98
C ARG C 1079 -42.89 -12.66 15.19
N LEU C 1080 -42.15 -12.21 14.18
CA LEU C 1080 -42.63 -11.19 13.25
C LEU C 1080 -42.15 -11.54 11.85
N ARG C 1081 -42.62 -10.76 10.88
CA ARG C 1081 -42.16 -10.91 9.50
C ARG C 1081 -41.96 -9.56 8.81
N MET C 1082 -42.07 -8.45 9.55
CA MET C 1082 -41.98 -7.11 8.95
C MET C 1082 -40.51 -6.71 8.83
N ARG C 1083 -39.96 -7.00 7.65
CA ARG C 1083 -38.54 -6.80 7.42
C ARG C 1083 -38.21 -5.50 6.71
N SER C 1086 -38.53 -1.13 10.28
CA SER C 1086 -38.90 -1.83 11.50
C SER C 1086 -39.13 -0.88 12.67
N GLY C 1087 -38.36 0.20 12.75
CA GLY C 1087 -38.29 0.98 13.98
C GLY C 1087 -39.55 1.80 14.23
N LEU C 1088 -40.05 2.47 13.19
CA LEU C 1088 -41.28 3.26 13.34
C LEU C 1088 -42.48 2.36 13.64
N LYS C 1089 -42.51 1.18 13.02
CA LYS C 1089 -43.60 0.24 13.27
C LYS C 1089 -43.55 -0.30 14.70
N VAL C 1090 -42.36 -0.67 15.19
CA VAL C 1090 -42.27 -1.23 16.53
C VAL C 1090 -42.44 -0.18 17.62
N ILE C 1091 -42.12 1.09 17.34
CA ILE C 1091 -42.38 2.10 18.35
C ILE C 1091 -43.84 2.55 18.31
N LEU C 1092 -44.49 2.51 17.13
CA LEU C 1092 -45.90 2.80 17.06
C LEU C 1092 -46.73 1.68 17.68
N GLY C 1093 -46.20 0.46 17.66
CA GLY C 1093 -46.87 -0.64 18.34
C GLY C 1093 -46.95 -0.45 19.84
N ILE C 1094 -45.88 0.05 20.45
CA ILE C 1094 -45.93 0.35 21.88
C ILE C 1094 -46.80 1.57 22.13
N LEU C 1095 -46.58 2.65 21.37
CA LEU C 1095 -47.30 3.88 21.63
C LEU C 1095 -48.77 3.80 21.23
N LEU C 1096 -49.14 2.87 20.34
CA LEU C 1096 -50.54 2.60 20.01
C LEU C 1096 -50.78 1.10 20.20
N PRO C 1097 -51.24 0.69 21.37
CA PRO C 1097 -51.42 -0.76 21.65
C PRO C 1097 -52.53 -1.43 20.84
N PRO C 1098 -53.65 -0.79 20.47
CA PRO C 1098 -54.55 -1.49 19.54
C PRO C 1098 -54.04 -1.57 18.10
N SER C 1099 -53.01 -0.82 17.73
CA SER C 1099 -52.53 -0.78 16.36
C SER C 1099 -51.53 -1.89 16.03
N ILE C 1100 -51.31 -2.83 16.95
CA ILE C 1100 -50.33 -3.88 16.72
C ILE C 1100 -50.88 -4.92 15.75
N LEU C 1101 -52.22 -5.00 15.64
CA LEU C 1101 -52.88 -6.03 14.84
C LEU C 1101 -52.64 -5.88 13.35
N SER C 1102 -52.22 -4.71 12.88
CA SER C 1102 -51.99 -4.49 11.45
C SER C 1102 -50.70 -5.13 10.94
N LEU C 1103 -49.80 -5.55 11.83
CA LEU C 1103 -48.53 -6.13 11.41
C LEU C 1103 -48.70 -7.59 11.01
N GLU C 1104 -47.64 -8.16 10.44
CA GLU C 1104 -47.66 -9.52 9.90
C GLU C 1104 -46.87 -10.43 10.81
N PHE C 1105 -47.52 -11.47 11.32
CA PHE C 1105 -46.88 -12.45 12.20
C PHE C 1105 -46.23 -13.55 11.37
N LYS C 1106 -45.73 -14.58 12.05
CA LYS C 1106 -45.31 -15.82 11.44
C LYS C 1106 -46.38 -16.88 11.62
N ASN C 1107 -46.10 -18.06 11.06
CA ASN C 1107 -46.93 -19.24 11.23
C ASN C 1107 -46.02 -20.46 11.27
N LYS C 1108 -46.33 -21.40 12.17
CA LYS C 1108 -45.56 -22.62 12.28
C LYS C 1108 -45.78 -23.53 11.07
N LEU C 1173 -57.53 -13.89 17.84
CA LEU C 1173 -56.66 -13.01 18.59
C LEU C 1173 -56.71 -13.38 20.05
N GLY C 1174 -56.64 -12.38 20.92
CA GLY C 1174 -56.67 -12.63 22.35
C GLY C 1174 -55.32 -13.12 22.81
N ARG C 1175 -54.50 -13.61 21.88
CA ARG C 1175 -53.18 -14.05 22.23
C ARG C 1175 -52.23 -13.57 21.19
N LYS C 1176 -52.76 -13.15 20.06
CA LYS C 1176 -51.89 -12.76 19.00
C LYS C 1176 -50.93 -11.74 19.53
N ILE C 1177 -51.25 -11.12 20.65
CA ILE C 1177 -50.39 -10.07 21.20
C ILE C 1177 -49.26 -10.58 22.11
N TYR C 1178 -49.55 -11.41 23.09
CA TYR C 1178 -48.50 -11.83 24.03
C TYR C 1178 -47.23 -12.24 23.36
N GLU C 1179 -47.34 -12.82 22.15
CA GLU C 1179 -46.11 -13.10 21.40
C GLU C 1179 -45.38 -11.79 21.09
N PHE C 1180 -46.14 -10.73 20.77
CA PHE C 1180 -45.47 -9.48 20.34
C PHE C 1180 -44.57 -9.01 21.47
N TYR C 1181 -45.07 -9.11 22.71
CA TYR C 1181 -44.27 -8.60 23.85
C TYR C 1181 -42.99 -9.41 24.01
N ASN C 1182 -42.92 -10.66 23.53
CA ASN C 1182 -41.69 -11.46 23.79
C ASN C 1182 -40.67 -11.30 22.66
N ALA C 1183 -41.00 -10.61 21.59
CA ALA C 1183 -40.00 -10.35 20.53
C ALA C 1183 -38.88 -9.49 21.13
N PRO C 1184 -37.58 -9.90 21.18
CA PRO C 1184 -36.58 -9.12 21.92
C PRO C 1184 -36.37 -7.71 21.40
N ILE C 1185 -36.77 -7.42 20.15
CA ILE C 1185 -36.68 -6.05 19.69
C ILE C 1185 -37.72 -5.16 20.39
N VAL C 1186 -38.83 -5.76 20.82
CA VAL C 1186 -39.82 -5.01 21.59
C VAL C 1186 -39.29 -4.69 22.99
N LYS C 1187 -38.83 -5.74 23.65
CA LYS C 1187 -38.24 -5.45 24.96
C LYS C 1187 -37.25 -4.31 24.73
N PHE C 1188 -36.49 -4.29 23.64
CA PHE C 1188 -35.44 -3.24 23.51
C PHE C 1188 -36.09 -1.86 23.45
N TRP C 1189 -37.13 -1.72 22.65
CA TRP C 1189 -37.68 -0.36 22.51
C TRP C 1189 -38.56 0.00 23.71
N PHE C 1190 -38.89 -0.96 24.58
CA PHE C 1190 -39.63 -0.61 25.82
C PHE C 1190 -38.64 -0.71 26.99
N TYR C 1191 -37.36 -0.95 26.70
CA TYR C 1191 -36.34 -0.93 27.77
C TYR C 1191 -35.32 0.16 27.45
N THR C 1192 -35.56 1.04 26.56
CA THR C 1192 -34.71 2.19 26.32
C THR C 1192 -35.61 3.39 26.42
N LEU C 1193 -36.96 3.20 26.26
CA LEU C 1193 -37.84 4.35 26.60
C LEU C 1193 -37.85 4.50 28.12
N ALA C 1194 -37.73 3.41 28.89
CA ALA C 1194 -37.62 3.60 30.35
C ALA C 1194 -36.33 4.34 30.70
N TYR C 1195 -35.21 4.03 30.07
CA TYR C 1195 -33.98 4.83 30.34
C TYR C 1195 -34.19 6.27 29.90
N ILE C 1196 -34.81 6.55 28.75
CA ILE C 1196 -34.90 7.98 28.35
C ILE C 1196 -35.66 8.70 29.45
N GLY C 1197 -36.67 8.06 30.01
CA GLY C 1197 -37.36 8.71 31.13
C GLY C 1197 -36.40 8.97 32.25
N TYR C 1198 -35.57 7.99 32.60
CA TYR C 1198 -34.67 8.16 33.78
C TYR C 1198 -33.65 9.28 33.55
N LEU C 1199 -33.11 9.51 32.44
CA LEU C 1199 -32.16 10.57 32.27
C LEU C 1199 -32.84 11.93 32.11
N MET C 1200 -34.15 12.01 31.75
CA MET C 1200 -34.83 13.33 31.83
C MET C 1200 -35.26 13.68 33.25
N LEU C 1201 -35.89 12.79 33.99
CA LEU C 1201 -36.23 13.18 35.38
C LEU C 1201 -34.96 13.47 36.21
N PHE C 1202 -33.89 12.67 36.10
CA PHE C 1202 -32.71 12.91 36.97
C PHE C 1202 -32.15 14.29 36.67
N ASN C 1203 -32.14 14.71 35.41
CA ASN C 1203 -31.68 16.09 35.12
C ASN C 1203 -32.59 17.10 35.82
N TYR C 1204 -33.91 16.90 35.81
CA TYR C 1204 -34.81 17.91 36.42
C TYR C 1204 -34.72 17.85 37.95
N ILE C 1205 -34.11 16.81 38.53
CA ILE C 1205 -34.00 16.87 40.02
C ILE C 1205 -32.64 17.42 40.40
N VAL C 1206 -31.84 17.90 39.44
CA VAL C 1206 -30.56 18.57 39.83
C VAL C 1206 -30.56 20.07 39.46
N LEU C 1207 -31.15 20.49 38.33
CA LEU C 1207 -31.05 21.92 37.92
C LEU C 1207 -32.13 22.73 38.62
N VAL C 1208 -32.76 22.18 39.65
CA VAL C 1208 -33.89 22.89 40.32
C VAL C 1208 -33.68 22.91 41.82
N LYS C 1209 -34.49 23.70 42.53
CA LYS C 1209 -34.30 23.89 43.97
C LYS C 1209 -34.51 22.57 44.69
N MET C 1210 -33.85 22.40 45.82
CA MET C 1210 -34.11 21.19 46.63
C MET C 1210 -34.73 21.60 47.96
N GLU C 1211 -35.98 21.18 48.20
CA GLU C 1211 -36.69 21.47 49.47
C GLU C 1211 -36.19 20.51 50.55
N ARG C 1212 -36.56 20.72 51.81
CA ARG C 1212 -36.02 19.89 52.93
C ARG C 1212 -36.38 18.43 52.68
N TRP C 1213 -37.30 17.99 52.14
CA TRP C 1213 -37.49 16.58 51.86
C TRP C 1213 -37.46 16.40 50.36
N PRO C 1214 -37.38 15.29 49.88
CA PRO C 1214 -37.29 15.01 48.44
C PRO C 1214 -38.64 15.18 47.76
N SER C 1215 -38.61 15.57 46.49
CA SER C 1215 -39.83 15.79 45.73
C SER C 1215 -40.23 14.48 45.03
N THR C 1216 -41.30 14.54 44.23
CA THR C 1216 -41.89 13.34 43.64
C THR C 1216 -40.95 12.70 42.62
N GLN C 1217 -40.37 13.51 41.74
CA GLN C 1217 -39.46 13.03 40.73
C GLN C 1217 -38.18 12.48 41.34
N GLU C 1218 -37.81 12.93 42.54
CA GLU C 1218 -36.68 12.32 43.23
C GLU C 1218 -37.02 10.95 43.81
N TRP C 1219 -38.24 10.83 44.33
CA TRP C 1219 -38.67 9.49 44.83
C TRP C 1219 -38.73 8.53 43.63
N ILE C 1220 -39.23 8.96 42.48
CA ILE C 1220 -39.22 8.07 41.27
C ILE C 1220 -37.81 7.76 40.76
N VAL C 1221 -36.92 8.76 40.66
CA VAL C 1221 -35.51 8.51 40.25
C VAL C 1221 -34.78 7.68 41.30
N ILE C 1222 -34.98 7.95 42.59
CA ILE C 1222 -34.36 7.08 43.62
C ILE C 1222 -34.92 5.66 43.39
N SER C 1223 -36.22 5.53 43.15
CA SER C 1223 -36.80 4.18 43.02
C SER C 1223 -36.22 3.43 41.81
N TYR C 1224 -36.02 4.09 40.67
CA TYR C 1224 -35.55 3.31 39.50
C TYR C 1224 -34.18 2.73 39.85
N ILE C 1225 -33.35 3.54 40.47
CA ILE C 1225 -32.05 2.94 40.88
C ILE C 1225 -32.41 1.80 41.83
N PHE C 1226 -33.48 1.94 42.63
CA PHE C 1226 -33.72 0.84 43.60
C PHE C 1226 -34.03 -0.48 42.88
N THR C 1227 -34.93 -0.45 41.91
CA THR C 1227 -35.31 -1.70 41.23
C THR C 1227 -34.14 -2.24 40.41
N LEU C 1228 -33.35 -1.34 39.82
CA LEU C 1228 -32.28 -1.82 38.93
C LEU C 1228 -31.40 -2.70 39.80
N GLY C 1229 -31.21 -2.31 41.06
CA GLY C 1229 -30.31 -3.09 41.92
C GLY C 1229 -30.78 -4.52 42.11
N ILE C 1230 -32.07 -4.72 42.38
CA ILE C 1230 -32.57 -6.11 42.64
C ILE C 1230 -32.46 -6.96 41.38
N GLU C 1231 -32.81 -6.45 40.20
CA GLU C 1231 -32.61 -7.28 38.99
C GLU C 1231 -31.11 -7.57 38.80
N LYS C 1232 -30.22 -6.59 39.01
CA LYS C 1232 -28.78 -6.86 38.72
C LYS C 1232 -28.28 -7.98 39.63
N MET C 1233 -28.63 -7.95 40.91
CA MET C 1233 -28.21 -9.08 41.76
C MET C 1233 -28.88 -10.38 41.32
N ARG C 1234 -30.16 -10.34 40.95
CA ARG C 1234 -30.88 -11.59 40.61
C ARG C 1234 -30.19 -12.21 39.39
N GLU C 1235 -29.74 -11.37 38.46
CA GLU C 1235 -29.00 -11.93 37.30
C GLU C 1235 -27.76 -12.64 37.83
N ILE C 1236 -27.06 -12.09 38.81
CA ILE C 1236 -25.86 -12.84 39.27
C ILE C 1236 -26.33 -14.19 39.85
N LEU C 1237 -27.39 -14.19 40.64
CA LEU C 1237 -27.82 -15.44 41.32
C LEU C 1237 -28.04 -16.51 40.27
N MET C 1238 -28.48 -16.10 39.08
CA MET C 1238 -28.82 -17.10 38.07
C MET C 1238 -27.82 -17.13 36.93
N LEU C 1244 -20.19 -19.63 44.80
CA LEU C 1244 -20.66 -18.24 44.75
C LEU C 1244 -19.57 -17.31 44.24
N LEU C 1245 -18.32 -17.53 44.67
CA LEU C 1245 -17.23 -16.67 44.24
C LEU C 1245 -16.92 -16.86 42.75
N GLN C 1246 -17.14 -18.06 42.22
CA GLN C 1246 -17.00 -18.28 40.79
C GLN C 1246 -18.07 -17.51 40.01
N LYS C 1247 -19.30 -17.48 40.52
CA LYS C 1247 -20.37 -16.73 39.86
C LYS C 1247 -20.09 -15.23 39.90
N VAL C 1248 -19.60 -14.74 41.03
CA VAL C 1248 -19.27 -13.32 41.14
C VAL C 1248 -18.08 -12.98 40.23
N LYS C 1249 -17.14 -13.90 40.07
CA LYS C 1249 -16.00 -13.65 39.18
C LYS C 1249 -16.42 -13.63 37.72
N VAL C 1250 -17.31 -14.54 37.33
CA VAL C 1250 -17.84 -14.54 35.95
C VAL C 1250 -18.66 -13.28 35.69
N TRP C 1251 -19.41 -12.83 36.69
CA TRP C 1251 -20.16 -11.58 36.53
C TRP C 1251 -19.24 -10.37 36.46
N LEU C 1252 -18.15 -10.39 37.23
CA LEU C 1252 -17.18 -9.30 37.21
C LEU C 1252 -16.09 -9.49 36.17
N GLN C 1253 -16.26 -10.42 35.23
CA GLN C 1253 -15.29 -10.57 34.16
C GLN C 1253 -15.22 -9.34 33.26
N GLU C 1254 -16.33 -8.65 33.05
CA GLU C 1254 -16.34 -7.47 32.20
C GLU C 1254 -16.56 -6.20 33.01
N TYR C 1255 -16.46 -5.06 32.32
CA TYR C 1255 -16.28 -3.78 33.01
C TYR C 1255 -17.59 -3.07 33.35
N TRP C 1256 -18.64 -3.25 32.53
CA TRP C 1256 -19.85 -2.46 32.71
C TRP C 1256 -20.60 -2.82 33.98
N ASN C 1257 -20.52 -4.09 34.40
CA ASN C 1257 -21.10 -4.46 35.68
C ASN C 1257 -20.34 -3.81 36.84
N VAL C 1258 -19.03 -3.72 36.67
CA VAL C 1258 -18.20 -3.06 37.72
C VAL C 1258 -18.61 -1.59 37.76
N THR C 1259 -18.64 -0.93 36.61
CA THR C 1259 -18.95 0.52 36.63
C THR C 1259 -20.36 0.66 37.18
N ASP C 1260 -21.25 -0.24 36.81
CA ASP C 1260 -22.62 -0.20 37.35
C ASP C 1260 -22.56 -0.37 38.87
N LEU C 1261 -21.73 -1.28 39.38
CA LEU C 1261 -21.73 -1.51 40.85
C LEU C 1261 -21.29 -0.23 41.56
N ILE C 1262 -20.28 0.45 41.03
CA ILE C 1262 -19.84 1.73 41.64
C ILE C 1262 -20.96 2.75 41.57
N ALA C 1263 -21.62 2.87 40.42
CA ALA C 1263 -22.65 3.92 40.25
C ALA C 1263 -23.80 3.72 41.22
N ILE C 1264 -24.31 2.50 41.32
CA ILE C 1264 -25.46 2.41 42.25
C ILE C 1264 -24.91 2.78 43.62
N LEU C 1265 -23.69 2.36 43.94
CA LEU C 1265 -23.19 2.61 45.32
C LEU C 1265 -23.07 4.12 45.59
N LEU C 1266 -22.57 4.91 44.66
CA LEU C 1266 -22.50 6.34 44.97
C LEU C 1266 -23.83 7.08 44.79
N PHE C 1267 -24.86 6.52 44.15
CA PHE C 1267 -26.14 7.23 44.10
C PHE C 1267 -26.81 6.74 45.32
N SER C 1268 -26.07 5.93 46.06
CA SER C 1268 -26.60 5.48 47.32
C SER C 1268 -26.00 6.29 48.47
N VAL C 1269 -24.68 6.38 48.57
CA VAL C 1269 -24.18 7.18 49.64
C VAL C 1269 -24.90 8.51 49.60
N GLY C 1270 -25.07 9.04 48.42
CA GLY C 1270 -25.80 10.30 48.30
C GLY C 1270 -27.26 10.21 48.73
N MET C 1271 -27.86 9.02 48.56
CA MET C 1271 -29.23 8.77 48.98
C MET C 1271 -29.38 8.91 50.49
N ILE C 1272 -28.48 8.28 51.25
CA ILE C 1272 -28.59 8.38 52.70
C ILE C 1272 -27.93 9.65 53.26
N LEU C 1273 -27.19 10.39 52.45
CA LEU C 1273 -26.75 11.71 52.87
C LEU C 1273 -27.75 12.81 52.51
N ARG C 1274 -28.76 12.49 51.68
CA ARG C 1274 -29.83 13.44 51.36
C ARG C 1274 -30.64 13.82 52.60
N LEU C 1275 -30.75 12.92 53.57
CA LEU C 1275 -31.73 13.01 54.63
C LEU C 1275 -31.16 13.61 55.91
N GLN C 1276 -30.28 14.60 55.79
CA GLN C 1276 -29.73 15.29 56.95
C GLN C 1276 -29.97 16.79 56.82
N ASP C 1277 -29.31 17.58 57.65
CA ASP C 1277 -29.46 19.04 57.61
C ASP C 1277 -28.65 19.64 56.46
N GLN C 1278 -28.59 20.98 56.45
CA GLN C 1278 -27.95 21.81 55.42
C GLN C 1278 -26.48 21.51 55.13
N PRO C 1279 -25.56 21.51 56.14
CA PRO C 1279 -24.15 21.28 55.86
C PRO C 1279 -24.08 20.01 55.03
N PHE C 1280 -24.72 18.96 55.53
CA PHE C 1280 -24.76 17.70 54.77
C PHE C 1280 -25.56 17.84 53.48
N ARG C 1281 -26.68 18.58 53.48
CA ARG C 1281 -27.53 18.62 52.26
C ARG C 1281 -26.68 19.19 51.13
N SER C 1282 -25.93 20.23 51.42
CA SER C 1282 -25.15 20.86 50.33
C SER C 1282 -24.19 19.78 49.81
N ASP C 1283 -23.63 18.97 50.71
CA ASP C 1283 -22.75 17.85 50.28
C ASP C 1283 -23.56 16.87 49.43
N GLY C 1284 -24.82 16.66 49.79
CA GLY C 1284 -25.63 15.71 49.04
C GLY C 1284 -25.70 16.14 47.61
N ARG C 1285 -25.80 17.44 47.40
CA ARG C 1285 -25.93 17.91 46.02
C ARG C 1285 -24.66 17.47 45.33
N VAL C 1286 -23.59 17.43 46.13
CA VAL C 1286 -22.37 17.12 45.48
C VAL C 1286 -22.45 15.79 44.79
N ILE C 1287 -22.72 14.76 45.49
CA ILE C 1287 -22.62 13.39 44.88
C ILE C 1287 -23.51 13.35 43.64
N TYR C 1288 -24.78 13.73 43.74
CA TYR C 1288 -25.65 13.74 42.58
C TYR C 1288 -25.04 14.56 41.47
N CYS C 1289 -24.47 15.72 41.81
CA CYS C 1289 -23.83 16.52 40.81
C CYS C 1289 -22.77 15.74 40.07
N VAL C 1290 -21.96 15.02 40.72
CA VAL C 1290 -20.81 14.27 40.15
C VAL C 1290 -21.34 12.96 39.60
N ASN C 1291 -22.43 12.46 40.17
CA ASN C 1291 -22.93 11.15 39.76
C ASN C 1291 -23.68 11.18 38.44
N ILE C 1292 -24.15 12.35 37.99
CA ILE C 1292 -24.92 12.38 36.74
C ILE C 1292 -24.07 12.10 35.50
N ILE C 1293 -22.76 12.27 35.60
CA ILE C 1293 -21.90 12.09 34.40
C ILE C 1293 -21.99 10.64 33.91
N TYR C 1294 -21.90 9.66 34.80
CA TYR C 1294 -21.85 8.25 34.34
C TYR C 1294 -23.14 7.84 33.61
N TRP C 1295 -24.32 8.19 34.13
CA TRP C 1295 -25.54 7.69 33.44
C TRP C 1295 -25.55 8.25 32.02
N TYR C 1296 -25.17 9.51 31.88
CA TYR C 1296 -25.10 10.07 30.52
C TYR C 1296 -24.07 9.29 29.72
N ILE C 1297 -22.93 8.99 30.25
CA ILE C 1297 -21.90 8.35 29.44
C ILE C 1297 -22.22 6.88 29.16
N ARG C 1298 -23.37 6.39 29.61
CA ARG C 1298 -23.72 5.02 29.30
C ARG C 1298 -24.49 5.02 28.06
N LEU C 1299 -25.16 6.12 27.79
CA LEU C 1299 -26.01 6.12 26.63
C LEU C 1299 -25.20 5.43 25.59
N LEU C 1300 -23.91 5.73 25.52
CA LEU C 1300 -23.09 5.16 24.48
C LEU C 1300 -23.51 3.74 24.20
N ASP C 1301 -23.55 2.91 25.22
CA ASP C 1301 -23.84 1.47 24.98
C ASP C 1301 -25.12 1.36 24.14
N ILE C 1302 -26.18 2.07 24.52
CA ILE C 1302 -27.46 1.88 23.78
C ILE C 1302 -27.17 2.23 22.32
N PHE C 1303 -26.27 3.18 22.10
CA PHE C 1303 -25.96 3.60 20.72
C PHE C 1303 -25.15 2.50 20.05
N GLY C 1304 -24.61 1.58 20.84
CA GLY C 1304 -23.74 0.54 20.28
C GLY C 1304 -24.48 -0.37 19.32
N VAL C 1305 -25.79 -0.53 19.50
CA VAL C 1305 -26.56 -1.49 18.66
C VAL C 1305 -26.50 -1.13 17.18
N ASN C 1306 -26.61 0.16 16.84
CA ASN C 1306 -26.67 0.56 15.41
C ASN C 1306 -25.50 -0.04 14.65
N LYS C 1307 -25.73 -0.40 13.40
CA LYS C 1307 -24.71 -1.06 12.60
C LYS C 1307 -23.60 -0.13 12.11
N TYR C 1308 -23.54 1.13 12.57
CA TYR C 1308 -22.42 1.99 12.24
C TYR C 1308 -21.77 2.63 13.46
N LEU C 1309 -22.53 2.98 14.48
CA LEU C 1309 -21.96 3.64 15.65
C LEU C 1309 -21.20 2.68 16.56
N GLY C 1310 -21.56 1.39 16.49
CA GLY C 1310 -20.93 0.39 17.36
C GLY C 1310 -19.48 0.18 17.00
N PRO C 1311 -19.12 -0.05 15.72
CA PRO C 1311 -17.72 -0.17 15.40
C PRO C 1311 -17.03 1.13 15.84
N TYR C 1312 -17.63 2.29 15.58
CA TYR C 1312 -16.90 3.53 15.94
C TYR C 1312 -16.69 3.58 17.45
N VAL C 1313 -17.69 3.20 18.25
CA VAL C 1313 -17.52 3.33 19.73
C VAL C 1313 -16.36 2.42 20.14
N MET C 1314 -16.27 1.23 19.55
CA MET C 1314 -15.20 0.26 19.92
C MET C 1314 -13.86 0.91 19.61
N MET C 1315 -13.78 1.61 18.48
CA MET C 1315 -12.52 2.26 18.10
C MET C 1315 -12.16 3.28 19.18
N ILE C 1316 -13.14 4.04 19.67
CA ILE C 1316 -12.80 5.10 20.66
C ILE C 1316 -12.18 4.36 21.84
N GLY C 1317 -12.75 3.22 22.19
CA GLY C 1317 -12.23 2.50 23.35
C GLY C 1317 -10.80 2.08 23.13
N LYS C 1318 -10.47 1.57 21.95
CA LYS C 1318 -9.09 1.07 21.70
C LYS C 1318 -8.08 2.22 21.68
N MET C 1319 -8.44 3.36 21.11
CA MET C 1319 -7.47 4.48 20.97
C MET C 1319 -7.03 5.00 22.33
N MET C 1320 -7.83 4.82 23.37
CA MET C 1320 -7.52 5.47 24.67
C MET C 1320 -6.14 5.11 25.23
N ILE C 1321 -5.69 3.83 25.06
CA ILE C 1321 -4.40 3.54 25.68
C ILE C 1321 -3.37 4.60 25.26
N ASP C 1322 -3.21 4.85 24.01
CA ASP C 1322 -2.25 5.77 23.41
C ASP C 1322 -2.47 7.18 23.93
N MET C 1323 -3.73 7.55 24.15
CA MET C 1323 -4.04 8.80 24.84
C MET C 1323 -3.40 8.87 26.23
N MET C 1324 -3.41 7.76 26.97
CA MET C 1324 -2.82 7.75 28.32
C MET C 1324 -1.30 7.92 28.28
N TYR C 1325 -0.63 7.22 27.35
CA TYR C 1325 0.83 7.34 27.27
C TYR C 1325 1.26 8.75 26.87
N PHE C 1326 0.55 9.37 25.92
CA PHE C 1326 0.98 10.72 25.56
C PHE C 1326 0.51 11.76 26.57
N VAL C 1327 -0.52 11.45 27.37
CA VAL C 1327 -0.82 12.25 28.56
C VAL C 1327 0.33 12.22 29.56
N ILE C 1328 0.97 11.06 29.74
CA ILE C 1328 2.13 10.97 30.64
C ILE C 1328 3.28 11.84 30.14
N ILE C 1329 3.57 11.78 28.84
CA ILE C 1329 4.68 12.57 28.30
C ILE C 1329 4.39 14.08 28.38
N MET C 1330 3.17 14.49 28.01
CA MET C 1330 2.80 15.89 28.10
C MET C 1330 2.77 16.38 29.55
N LEU C 1331 2.43 15.49 30.49
CA LEU C 1331 2.44 15.88 31.90
C LEU C 1331 3.85 16.14 32.39
N VAL C 1332 4.81 15.30 31.98
CA VAL C 1332 6.21 15.52 32.36
C VAL C 1332 6.71 16.87 31.87
N VAL C 1333 6.49 17.16 30.58
CA VAL C 1333 7.04 18.40 30.02
C VAL C 1333 6.31 19.63 30.58
N LEU C 1334 4.99 19.53 30.74
CA LEU C 1334 4.19 20.63 31.28
C LEU C 1334 4.58 20.96 32.71
N MET C 1335 4.75 19.94 33.55
CA MET C 1335 5.14 20.17 34.93
C MET C 1335 6.54 20.77 35.02
N SER C 1336 7.45 20.38 34.12
CA SER C 1336 8.80 20.95 34.15
C SER C 1336 8.79 22.44 33.84
N PHE C 1337 8.18 22.82 32.71
CA PHE C 1337 8.15 24.23 32.35
C PHE C 1337 7.33 25.07 33.32
N GLY C 1338 6.29 24.48 33.92
CA GLY C 1338 5.51 25.20 34.90
C GLY C 1338 6.25 25.43 36.20
N VAL C 1339 7.02 24.43 36.66
CA VAL C 1339 7.83 24.60 37.86
C VAL C 1339 8.90 25.65 37.66
N ALA C 1340 9.54 25.68 36.47
CA ALA C 1340 10.55 26.70 36.20
C ALA C 1340 9.95 28.11 36.18
N ARG C 1341 8.84 28.29 35.45
CA ARG C 1341 8.22 29.61 35.33
C ARG C 1341 7.71 30.10 36.68
N GLN C 1342 7.09 29.22 37.47
CA GLN C 1342 6.57 29.67 38.75
C GLN C 1342 7.69 29.83 39.78
N ALA C 1343 8.82 29.17 39.59
CA ALA C 1343 9.89 29.29 40.57
C ALA C 1343 10.70 30.56 40.39
N ILE C 1344 10.80 31.09 39.17
CA ILE C 1344 11.56 32.34 39.01
C ILE C 1344 10.75 33.53 39.50
N LEU C 1345 9.48 33.61 39.14
CA LEU C 1345 8.70 34.84 39.31
C LEU C 1345 8.14 35.05 40.72
N PHE C 1346 8.42 34.20 41.70
CA PHE C 1346 7.93 34.40 43.07
C PHE C 1346 8.99 33.97 44.06
N PRO C 1347 9.97 34.83 44.34
CA PRO C 1347 11.10 34.42 45.17
C PRO C 1347 10.77 34.27 46.66
N ASN C 1348 10.13 35.25 47.28
CA ASN C 1348 9.85 35.21 48.72
C ASN C 1348 8.43 34.73 48.91
N GLU C 1349 8.28 33.43 49.15
CA GLU C 1349 6.93 32.85 49.42
C GLU C 1349 7.15 31.80 50.49
N GLU C 1350 6.86 32.11 51.74
CA GLU C 1350 7.19 31.16 52.83
C GLU C 1350 6.38 29.87 52.62
N PRO C 1351 6.81 28.72 53.15
CA PRO C 1351 6.14 27.46 52.86
C PRO C 1351 4.66 27.66 53.19
N SER C 1352 3.79 27.32 52.25
CA SER C 1352 2.35 27.57 52.48
C SER C 1352 1.48 26.52 51.80
N TRP C 1353 0.33 26.23 52.38
CA TRP C 1353 -0.63 25.31 51.73
C TRP C 1353 -1.09 26.05 50.48
N LYS C 1354 -0.95 27.37 50.49
CA LYS C 1354 -1.30 28.19 49.30
C LYS C 1354 -0.41 27.81 48.12
N LEU C 1355 0.86 27.55 48.35
CA LEU C 1355 1.71 27.15 47.26
C LEU C 1355 1.11 25.88 46.73
N ALA C 1356 0.75 24.97 47.65
CA ALA C 1356 0.17 23.67 47.23
C ALA C 1356 -1.08 23.89 46.38
N LYS C 1357 -1.90 24.86 46.76
CA LYS C 1357 -3.12 25.15 45.96
C LYS C 1357 -2.68 25.60 44.57
N ASN C 1358 -1.65 26.44 44.49
CA ASN C 1358 -1.13 26.85 43.17
C ASN C 1358 -0.64 25.58 42.47
N ILE C 1359 -0.01 24.67 43.22
CA ILE C 1359 0.55 23.42 42.64
C ILE C 1359 -0.60 22.60 42.04
N THR C 1399 13.67 39.37 39.95
CA THR C 1399 15.04 38.88 39.90
C THR C 1399 15.32 38.29 38.53
N GLY C 1400 15.59 39.15 37.55
CA GLY C 1400 15.98 38.71 36.23
C GLY C 1400 14.92 37.94 35.46
N ALA C 1401 13.72 38.49 35.32
CA ALA C 1401 12.60 37.75 34.77
C ALA C 1401 12.67 37.54 33.26
N TRP C 1402 13.70 38.05 32.58
CA TRP C 1402 13.71 38.02 31.13
C TRP C 1402 14.01 36.64 30.55
N ILE C 1403 14.43 35.68 31.37
CA ILE C 1403 14.49 34.29 30.92
C ILE C 1403 13.08 33.70 30.81
N VAL C 1404 12.13 34.26 31.58
CA VAL C 1404 10.77 33.71 31.59
C VAL C 1404 10.04 33.78 30.26
N PRO C 1405 10.13 34.86 29.44
CA PRO C 1405 9.46 34.79 28.12
C PRO C 1405 10.00 33.73 27.18
N ALA C 1406 11.33 33.66 27.00
CA ALA C 1406 11.93 32.77 26.01
C ALA C 1406 11.61 31.31 26.30
N ILE C 1407 11.87 30.85 27.52
CA ILE C 1407 11.57 29.46 27.86
C ILE C 1407 10.08 29.22 28.07
N MET C 1408 9.24 30.25 27.94
CA MET C 1408 7.82 29.93 27.79
C MET C 1408 7.54 29.48 26.36
N ALA C 1409 8.08 30.21 25.38
CA ALA C 1409 7.69 30.01 23.98
C ALA C 1409 8.13 28.65 23.47
N CYS C 1410 9.34 28.22 23.84
CA CYS C 1410 9.85 26.91 23.45
C CYS C 1410 8.96 25.79 23.99
N TYR C 1411 8.34 26.01 25.16
CA TYR C 1411 7.36 25.06 25.68
C TYR C 1411 6.22 24.84 24.68
N LEU C 1412 5.67 25.93 24.13
CA LEU C 1412 4.63 25.80 23.11
C LEU C 1412 5.19 25.11 21.87
N LEU C 1413 6.48 25.36 21.58
CA LEU C 1413 7.13 24.73 20.45
C LEU C 1413 7.30 23.23 20.64
N VAL C 1414 7.26 22.74 21.88
CA VAL C 1414 7.26 21.31 22.09
C VAL C 1414 5.95 20.83 22.68
N ALA C 1415 4.93 21.69 22.71
CA ALA C 1415 3.62 21.19 23.14
C ALA C 1415 2.65 21.13 21.98
N ASN C 1416 2.44 22.25 21.30
CA ASN C 1416 1.44 22.34 20.25
C ASN C 1416 2.01 22.08 18.86
N ILE C 1417 3.27 21.64 18.76
CA ILE C 1417 3.88 21.42 17.45
C ILE C 1417 4.33 19.98 17.31
N LEU C 1418 5.14 19.50 18.25
CA LEU C 1418 5.78 18.20 18.11
C LEU C 1418 4.92 17.04 18.60
N LEU C 1419 4.38 16.93 19.67
CA LEU C 1419 3.63 15.76 20.10
C LEU C 1419 2.23 15.71 19.51
N VAL C 1420 1.60 17.00 19.38
CA VAL C 1420 0.28 16.94 18.75
C VAL C 1420 0.37 16.32 17.37
N ASN C 1421 1.40 16.71 16.60
CA ASN C 1421 1.58 16.13 15.27
C ASN C 1421 2.12 14.71 15.34
N LEU C 1422 2.71 14.31 16.46
CA LEU C 1422 3.01 12.90 16.66
C LEU C 1422 1.75 12.11 16.98
N LEU C 1423 0.83 12.72 17.73
CA LEU C 1423 -0.44 12.06 18.04
C LEU C 1423 -1.29 11.88 16.79
N ILE C 1424 -1.29 12.89 15.91
CA ILE C 1424 -2.04 12.76 14.65
C ILE C 1424 -1.42 11.69 13.77
N ALA C 1425 -0.09 11.56 13.79
CA ALA C 1425 0.55 10.53 12.98
C ALA C 1425 0.29 9.14 13.52
N VAL C 1426 0.14 9.01 14.84
CA VAL C 1426 -0.08 7.69 15.43
C VAL C 1426 -1.55 7.36 15.64
N PHE C 1427 -2.44 8.19 15.12
CA PHE C 1427 -3.87 7.89 15.18
C PHE C 1427 -4.36 7.87 13.76
N ASN C 1428 -3.31 7.87 12.84
CA ASN C 1428 -3.67 7.80 11.45
C ASN C 1428 -3.11 6.51 10.90
N ASN C 1429 -2.03 6.02 11.31
CA ASN C 1429 -1.48 4.75 10.82
C ASN C 1429 -1.76 3.63 11.80
N THR C 1430 -2.78 3.79 12.61
CA THR C 1430 -3.29 2.70 13.42
C THR C 1430 -4.72 2.33 13.06
N PHE C 1431 -5.34 3.07 12.14
CA PHE C 1431 -6.74 2.89 11.81
C PHE C 1431 -6.97 1.62 10.99
N PHE C 1432 -6.01 1.27 10.14
CA PHE C 1432 -6.19 0.19 9.16
C PHE C 1432 -6.23 -1.19 9.80
N GLU C 1433 -5.83 -1.32 11.07
CA GLU C 1433 -5.97 -2.58 11.79
C GLU C 1433 -7.16 -2.59 12.73
N VAL C 1434 -7.41 -1.47 13.43
CA VAL C 1434 -8.49 -1.44 14.40
C VAL C 1434 -9.85 -1.41 13.70
N LYS C 1435 -9.89 -0.91 12.45
CA LYS C 1435 -11.13 -0.97 11.67
C LYS C 1435 -11.46 -2.40 11.28
N SER C 1436 -10.44 -3.22 11.01
CA SER C 1436 -10.69 -4.62 10.73
C SER C 1436 -11.00 -5.42 11.99
N ILE C 1437 -10.47 -5.00 13.14
CA ILE C 1437 -10.73 -5.73 14.39
C ILE C 1437 -12.14 -5.47 14.88
N SER C 1438 -12.58 -4.21 14.89
CA SER C 1438 -13.87 -3.85 15.48
C SER C 1438 -15.04 -4.43 14.68
N ASN C 1439 -14.87 -4.58 13.36
CA ASN C 1439 -15.88 -5.21 12.52
C ASN C 1439 -16.11 -6.66 12.91
N GLN C 1440 -15.07 -7.37 13.35
CA GLN C 1440 -15.23 -8.70 13.89
C GLN C 1440 -15.84 -8.69 15.29
N VAL C 1441 -15.38 -7.75 16.13
CA VAL C 1441 -15.77 -7.77 17.55
C VAL C 1441 -17.25 -7.42 17.71
N TRP C 1442 -17.78 -6.54 16.87
CA TRP C 1442 -19.21 -6.20 16.94
C TRP C 1442 -20.09 -7.36 16.51
N LYS C 1443 -19.73 -8.01 15.39
CA LYS C 1443 -20.50 -9.15 14.90
C LYS C 1443 -20.40 -10.33 15.84
N PHE C 1444 -19.32 -10.41 16.63
CA PHE C 1444 -19.31 -11.41 17.69
C PHE C 1444 -20.21 -11.01 18.85
N GLN C 1445 -20.11 -9.78 19.34
CA GLN C 1445 -20.80 -9.42 20.57
C GLN C 1445 -22.28 -9.14 20.39
N ARG C 1446 -22.83 -9.25 19.17
CA ARG C 1446 -24.29 -9.24 19.06
C ARG C 1446 -24.94 -10.42 19.77
N TYR C 1447 -24.25 -11.55 19.85
CA TYR C 1447 -24.84 -12.77 20.43
C TYR C 1447 -25.12 -12.61 21.91
N GLN C 1448 -24.23 -11.92 22.63
CA GLN C 1448 -24.43 -11.70 24.05
C GLN C 1448 -25.67 -10.85 24.32
N LEU C 1449 -25.93 -9.87 23.45
CA LEU C 1449 -27.12 -9.04 23.55
C LEU C 1449 -28.39 -9.84 23.31
N ILE C 1450 -28.37 -10.66 22.25
CA ILE C 1450 -29.58 -11.40 21.86
C ILE C 1450 -29.91 -12.48 22.88
N MET C 1451 -28.90 -13.11 23.47
CA MET C 1451 -29.21 -14.08 24.53
C MET C 1451 -29.38 -13.39 25.88
N THR C 1452 -29.07 -12.10 25.97
CA THR C 1452 -29.40 -11.38 27.19
C THR C 1452 -30.89 -11.06 27.25
N PHE C 1453 -31.60 -10.57 26.64
CA PHE C 1453 -32.97 -10.12 26.89
C PHE C 1453 -34.07 -11.13 26.89
N HIS C 1454 -33.71 -12.44 26.28
CA HIS C 1454 -34.79 -13.40 26.57
C HIS C 1454 -35.06 -13.46 28.08
N GLU C 1455 -33.80 -13.18 28.83
CA GLU C 1455 -33.86 -13.37 30.31
C GLU C 1455 -34.44 -12.26 31.20
N ARG C 1456 -34.70 -11.10 30.67
CA ARG C 1456 -35.12 -9.97 31.50
C ARG C 1456 -36.61 -9.88 31.32
N PRO C 1457 -37.35 -9.66 32.37
CA PRO C 1457 -38.81 -9.63 32.22
C PRO C 1457 -39.39 -8.64 31.20
N VAL C 1458 -40.69 -8.72 30.91
CA VAL C 1458 -41.37 -7.88 29.93
C VAL C 1458 -41.63 -6.50 30.50
N LEU C 1459 -41.94 -6.45 31.79
CA LEU C 1459 -42.31 -5.22 32.46
C LEU C 1459 -41.12 -4.27 32.59
N PRO C 1460 -41.35 -2.96 32.67
CA PRO C 1460 -40.24 -2.01 32.83
C PRO C 1460 -39.60 -2.13 34.20
N PRO C 1461 -38.38 -1.62 34.38
CA PRO C 1461 -37.70 -1.72 35.68
C PRO C 1461 -38.38 -0.96 36.81
N PRO C 1462 -39.04 0.20 36.60
CA PRO C 1462 -39.87 0.72 37.70
C PRO C 1462 -41.15 -0.03 37.94
N LEU C 1463 -41.47 -1.07 37.16
CA LEU C 1463 -42.62 -1.91 37.40
C LEU C 1463 -42.25 -3.38 37.52
N ILE C 1464 -40.95 -3.69 37.60
CA ILE C 1464 -40.49 -5.08 37.58
C ILE C 1464 -40.78 -5.80 38.90
N ILE C 1465 -41.23 -5.08 39.92
CA ILE C 1465 -41.51 -5.66 41.24
C ILE C 1465 -42.62 -6.71 41.17
N PHE C 1466 -43.55 -6.56 40.21
CA PHE C 1466 -44.59 -7.57 40.03
C PHE C 1466 -43.99 -8.90 39.55
N SER C 1467 -43.10 -8.84 38.56
CA SER C 1467 -42.49 -10.07 38.04
C SER C 1467 -41.54 -10.70 39.06
N HIS C 1468 -40.79 -9.88 39.79
CA HIS C 1468 -39.92 -10.40 40.84
C HIS C 1468 -40.73 -11.04 41.97
N MET C 1469 -41.88 -10.47 42.32
CA MET C 1469 -42.64 -11.07 43.41
C MET C 1469 -43.40 -12.30 42.93
N THR C 1470 -43.70 -12.41 41.63
CA THR C 1470 -44.20 -13.68 41.13
C THR C 1470 -43.10 -14.74 41.08
N MET C 1471 -41.90 -14.50 40.97
CA MET C 1471 -40.93 -15.56 41.04
C MET C 1471 -40.82 -15.92 42.50
N ILE C 1472 -40.61 -14.82 43.36
CA ILE C 1472 -40.50 -15.17 44.77
C ILE C 1472 -41.72 -15.99 45.23
N PHE C 1473 -42.86 -15.81 44.56
CA PHE C 1473 -44.07 -16.58 44.87
C PHE C 1473 -43.86 -18.07 44.64
N GLN C 1474 -43.15 -18.42 43.56
CA GLN C 1474 -42.78 -19.80 43.33
C GLN C 1474 -41.49 -19.89 42.51
N LEU C 1496 -33.42 -26.34 19.63
CA LEU C 1496 -34.51 -26.80 18.77
C LEU C 1496 -34.60 -28.31 18.88
N PHE C 1497 -35.67 -28.80 19.49
CA PHE C 1497 -35.87 -30.23 19.66
C PHE C 1497 -36.34 -30.82 18.34
N ILE C 1498 -35.71 -31.91 17.90
CA ILE C 1498 -36.03 -32.53 16.63
C ILE C 1498 -36.29 -34.02 16.82
N THR C 1499 -36.89 -34.63 15.81
CA THR C 1499 -37.22 -36.05 15.83
C THR C 1499 -36.08 -36.86 15.25
N ASP C 1500 -36.33 -38.14 14.97
CA ASP C 1500 -35.28 -39.07 14.60
C ASP C 1500 -35.04 -39.17 13.10
N ASP C 1501 -36.07 -38.92 12.27
CA ASP C 1501 -35.89 -39.04 10.83
C ASP C 1501 -35.20 -37.82 10.25
N GLU C 1502 -35.60 -36.62 10.69
CA GLU C 1502 -34.90 -35.40 10.30
C GLU C 1502 -33.47 -35.40 10.83
N LEU C 1503 -33.23 -36.05 11.98
CA LEU C 1503 -31.87 -36.27 12.47
C LEU C 1503 -31.05 -37.09 11.48
N LYS C 1504 -31.65 -38.13 10.90
CA LYS C 1504 -30.95 -38.94 9.92
C LYS C 1504 -30.70 -38.15 8.64
N LYS C 1505 -31.64 -37.27 8.29
CA LYS C 1505 -31.42 -36.35 7.17
C LYS C 1505 -30.24 -35.43 7.44
N VAL C 1506 -30.11 -34.95 8.69
CA VAL C 1506 -28.99 -34.09 9.07
C VAL C 1506 -27.67 -34.84 8.98
N HIS C 1507 -27.64 -36.08 9.46
CA HIS C 1507 -26.42 -36.89 9.40
C HIS C 1507 -26.00 -37.17 7.96
N ASP C 1508 -26.99 -37.27 7.08
CA ASP C 1508 -26.66 -37.43 5.65
C ASP C 1508 -26.23 -36.08 5.09
N PHE C 1509 -26.87 -34.99 5.51
CA PHE C 1509 -26.49 -33.70 4.87
C PHE C 1509 -25.02 -33.46 5.18
N GLU C 1510 -24.64 -33.75 6.42
CA GLU C 1510 -23.21 -33.57 6.81
C GLU C 1510 -22.34 -34.49 5.96
N GLU C 1511 -22.77 -35.74 5.77
CA GLU C 1511 -21.90 -36.72 5.05
C GLU C 1511 -21.66 -36.21 3.64
N GLN C 1512 -22.69 -35.68 3.00
CA GLN C 1512 -22.39 -35.23 1.63
C GLN C 1512 -21.36 -34.12 1.75
N CYS C 1513 -21.55 -33.22 2.69
CA CYS C 1513 -20.60 -32.08 2.73
C CYS C 1513 -19.16 -32.51 3.04
N ILE C 1514 -18.94 -33.40 4.02
CA ILE C 1514 -17.53 -33.70 4.41
C ILE C 1514 -16.82 -34.29 3.19
N GLU C 1515 -17.44 -35.26 2.53
CA GLU C 1515 -16.74 -35.93 1.41
C GLU C 1515 -16.51 -34.88 0.32
N GLU C 1516 -17.51 -34.03 0.10
CA GLU C 1516 -17.37 -33.05 -0.99
C GLU C 1516 -16.18 -32.15 -0.65
N TYR C 1517 -16.05 -31.76 0.62
CA TYR C 1517 -14.95 -30.81 0.91
C TYR C 1517 -13.65 -31.49 0.51
N PHE C 1518 -13.48 -32.74 0.92
CA PHE C 1518 -12.17 -33.39 0.64
C PHE C 1518 -12.02 -33.49 -0.87
N ARG C 1519 -13.08 -33.89 -1.56
CA ARG C 1519 -12.91 -34.10 -3.01
C ARG C 1519 -12.57 -32.74 -3.60
N GLU C 1520 -13.34 -31.72 -3.25
CA GLU C 1520 -13.11 -30.42 -3.86
C GLU C 1520 -11.70 -29.91 -3.54
N LYS C 1521 -11.19 -30.24 -2.35
CA LYS C 1521 -9.83 -29.83 -2.01
C LYS C 1521 -8.81 -30.55 -2.89
N ASP C 1522 -9.06 -31.82 -3.18
CA ASP C 1522 -8.15 -32.59 -4.02
C ASP C 1522 -8.20 -32.13 -5.46
N ASP C 1523 -9.40 -31.81 -5.96
CA ASP C 1523 -9.52 -31.31 -7.33
C ASP C 1523 -8.94 -29.91 -7.48
N ARG C 1524 -9.02 -29.09 -6.43
CA ARG C 1524 -8.36 -27.80 -6.48
C ARG C 1524 -6.86 -27.94 -6.36
N PHE C 1525 -6.38 -28.99 -5.70
CA PHE C 1525 -4.94 -29.22 -5.61
C PHE C 1525 -4.36 -29.70 -6.92
N ASN C 1526 -4.88 -30.79 -7.48
CA ASN C 1526 -4.23 -31.44 -8.62
C ASN C 1526 -4.48 -30.75 -9.96
N SER C 1527 -5.07 -29.57 -9.98
CA SER C 1527 -5.26 -28.81 -11.22
C SER C 1527 -4.32 -27.62 -11.27
N SER C 1528 -3.62 -27.34 -10.18
CA SER C 1528 -2.71 -26.23 -10.10
C SER C 1528 -1.43 -26.54 -10.89
N ASN C 1529 -0.67 -25.48 -11.18
CA ASN C 1529 0.53 -25.63 -11.98
C ASN C 1529 1.64 -26.34 -11.21
N ASP C 1530 1.62 -26.19 -9.88
CA ASP C 1530 2.71 -26.63 -9.03
C ASP C 1530 2.80 -28.14 -8.89
N GLU C 1531 1.82 -28.88 -9.40
CA GLU C 1531 1.94 -30.32 -9.53
C GLU C 1531 2.09 -30.76 -10.98
N ARG C 1532 1.44 -30.02 -11.90
CA ARG C 1532 1.53 -30.30 -13.32
C ARG C 1532 2.93 -30.13 -13.88
N ILE C 1533 3.78 -29.33 -13.23
CA ILE C 1533 5.18 -29.25 -13.62
C ILE C 1533 5.99 -30.39 -13.01
N ARG C 1534 5.77 -30.65 -11.72
CA ARG C 1534 6.65 -31.55 -10.98
C ARG C 1534 6.45 -33.00 -11.38
N VAL C 1535 5.24 -33.36 -11.82
CA VAL C 1535 5.10 -34.74 -12.30
C VAL C 1535 5.68 -34.88 -13.72
N THR C 1536 5.55 -33.85 -14.56
CA THR C 1536 5.95 -34.02 -15.95
C THR C 1536 7.47 -33.94 -16.08
N SER C 1537 8.17 -33.38 -15.10
CA SER C 1537 9.63 -33.40 -15.13
C SER C 1537 10.17 -34.83 -15.02
N GLU C 1538 9.70 -35.59 -14.02
CA GLU C 1538 10.19 -36.95 -13.88
C GLU C 1538 9.62 -37.88 -14.95
N ARG C 1539 8.43 -37.57 -15.48
CA ARG C 1539 7.95 -38.28 -16.67
C ARG C 1539 8.91 -38.10 -17.85
N VAL C 1540 9.42 -36.87 -18.04
CA VAL C 1540 10.37 -36.59 -19.11
C VAL C 1540 11.66 -37.38 -18.94
N GLU C 1541 12.22 -37.40 -17.72
CA GLU C 1541 13.50 -38.11 -17.58
C GLU C 1541 13.33 -39.63 -17.69
N ASN C 1542 12.17 -40.16 -17.28
CA ASN C 1542 11.91 -41.59 -17.43
C ASN C 1542 11.78 -41.97 -18.90
N MET C 1543 11.08 -41.14 -19.68
CA MET C 1543 10.99 -41.42 -21.12
C MET C 1543 12.33 -41.29 -21.82
N SER C 1544 13.21 -40.39 -21.34
CA SER C 1544 14.53 -40.26 -21.98
C SER C 1544 15.39 -41.51 -21.75
N MET C 1545 15.38 -42.04 -20.52
CA MET C 1545 16.16 -43.25 -20.26
C MET C 1545 15.61 -44.45 -21.03
N ARG C 1546 14.27 -44.57 -21.10
CA ARG C 1546 13.69 -45.64 -21.90
C ARG C 1546 13.98 -45.47 -23.38
N LEU C 1547 14.10 -44.22 -23.85
CA LEU C 1547 14.41 -43.97 -25.24
C LEU C 1547 15.82 -44.44 -25.58
N GLU C 1548 16.77 -44.21 -24.68
CA GLU C 1548 18.14 -44.66 -24.98
C GLU C 1548 18.28 -46.19 -24.88
N GLU C 1549 17.50 -46.83 -23.99
CA GLU C 1549 17.50 -48.30 -23.99
C GLU C 1549 16.88 -48.86 -25.29
N VAL C 1550 15.82 -48.23 -25.78
CA VAL C 1550 15.24 -48.60 -27.08
C VAL C 1550 16.25 -48.35 -28.21
N ASN C 1551 17.08 -47.33 -28.07
CA ASN C 1551 18.11 -47.03 -29.08
C ASN C 1551 19.14 -48.14 -29.16
N GLU C 1552 19.67 -48.59 -28.01
CA GLU C 1552 20.68 -49.64 -28.07
C GLU C 1552 20.08 -50.99 -28.51
N ARG C 1553 18.80 -51.24 -28.16
CA ARG C 1553 18.14 -52.44 -28.67
C ARG C 1553 17.95 -52.39 -30.18
N GLU C 1554 17.60 -51.22 -30.73
CA GLU C 1554 17.42 -51.10 -32.17
C GLU C 1554 18.73 -51.25 -32.93
N HIS C 1555 19.84 -50.74 -32.39
CA HIS C 1555 21.12 -50.94 -33.06
C HIS C 1555 21.58 -52.40 -32.99
N SER C 1556 21.29 -53.10 -31.90
CA SER C 1556 21.62 -54.53 -31.86
C SER C 1556 20.78 -55.32 -32.85
N MET C 1557 19.50 -54.97 -33.00
CA MET C 1557 18.66 -55.67 -33.98
C MET C 1557 19.08 -55.34 -35.41
N LYS C 1558 19.58 -54.12 -35.65
CA LYS C 1558 20.13 -53.79 -36.95
C LYS C 1558 21.39 -54.59 -37.24
N ASP D 754 33.32 -28.28 -28.65
CA ASP D 754 34.24 -29.40 -28.83
C ASP D 754 35.66 -29.00 -28.43
N LEU D 755 35.78 -28.41 -27.24
CA LEU D 755 37.06 -27.88 -26.78
C LEU D 755 37.81 -28.86 -25.89
N ALA D 756 37.10 -29.85 -25.33
CA ALA D 756 37.71 -30.76 -24.37
C ALA D 756 38.72 -31.70 -25.03
N ILE D 757 38.36 -32.28 -26.17
CA ILE D 757 39.32 -33.13 -26.88
C ILE D 757 40.42 -32.27 -27.52
N LEU D 758 40.13 -31.00 -27.80
CA LEU D 758 41.15 -30.08 -28.29
C LEU D 758 42.22 -29.84 -27.23
N THR D 759 41.83 -29.69 -25.98
CA THR D 759 42.81 -29.62 -24.91
C THR D 759 43.44 -30.97 -24.61
N ALA D 760 42.69 -32.06 -24.82
CA ALA D 760 43.21 -33.40 -24.56
C ALA D 760 44.29 -33.78 -25.57
N LEU D 761 44.27 -33.16 -26.76
CA LEU D 761 45.40 -33.27 -27.68
C LEU D 761 46.68 -32.74 -27.06
N LEU D 762 46.61 -31.58 -26.40
CA LEU D 762 47.78 -31.04 -25.74
C LEU D 762 48.14 -31.83 -24.49
N LYS D 763 47.14 -32.40 -23.83
CA LYS D 763 47.42 -33.27 -22.69
C LYS D 763 48.03 -34.59 -23.14
N GLY D 764 47.66 -35.07 -24.32
CA GLY D 764 48.27 -36.26 -24.88
C GLY D 764 49.58 -36.03 -25.61
N ALA D 765 50.06 -34.79 -25.62
CA ALA D 765 51.30 -34.48 -26.33
C ALA D 765 52.53 -35.01 -25.60
N ASN D 766 52.44 -35.16 -24.29
CA ASN D 766 53.58 -35.63 -23.50
C ASN D 766 53.12 -36.41 -22.27
N ALA D 767 54.02 -36.63 -21.31
CA ALA D 767 53.73 -37.49 -20.18
C ALA D 767 54.17 -36.96 -18.82
N SER D 768 54.72 -35.75 -18.73
CA SER D 768 55.13 -35.20 -17.45
C SER D 768 53.89 -34.75 -16.67
N ALA D 769 53.36 -35.66 -15.85
CA ALA D 769 52.12 -35.49 -15.12
C ALA D 769 52.08 -34.33 -14.11
N PRO D 770 53.15 -34.02 -13.35
CA PRO D 770 53.10 -32.75 -12.58
C PRO D 770 53.12 -31.52 -13.46
N ASP D 771 53.90 -31.52 -14.53
CA ASP D 771 53.85 -30.42 -15.49
C ASP D 771 52.53 -30.40 -16.24
N GLN D 772 51.91 -31.57 -16.43
CA GLN D 772 50.58 -31.63 -17.02
C GLN D 772 49.55 -31.00 -16.11
N LEU D 773 49.64 -31.27 -14.80
CA LEU D 773 48.72 -30.67 -13.85
C LEU D 773 48.97 -29.17 -13.73
N SER D 774 50.23 -28.75 -13.85
CA SER D 774 50.55 -27.33 -13.87
C SER D 774 49.98 -26.63 -15.09
N LEU D 775 50.06 -27.26 -16.25
CA LEU D 775 49.48 -26.69 -17.46
C LEU D 775 47.95 -26.65 -17.38
N ALA D 776 47.36 -27.68 -16.79
CA ALA D 776 45.91 -27.70 -16.60
C ALA D 776 45.46 -26.61 -15.62
N LEU D 777 46.28 -26.31 -14.62
CA LEU D 777 46.02 -25.16 -13.77
C LEU D 777 46.22 -23.86 -14.53
N ALA D 778 47.12 -23.85 -15.52
CA ALA D 778 47.41 -22.63 -16.26
C ALA D 778 46.27 -22.25 -17.20
N TRP D 779 45.72 -23.23 -17.94
CA TRP D 779 44.64 -22.90 -18.85
C TRP D 779 43.29 -22.72 -18.16
N ASN D 780 43.20 -23.10 -16.88
CA ASN D 780 42.05 -22.84 -16.01
C ASN D 780 40.77 -23.50 -16.55
N ARG D 781 40.83 -24.82 -16.65
CA ARG D 781 39.70 -25.66 -17.06
C ARG D 781 39.73 -26.90 -16.17
N VAL D 782 38.96 -26.86 -15.08
CA VAL D 782 39.05 -27.90 -14.06
C VAL D 782 38.42 -29.21 -14.50
N ASP D 783 37.53 -29.17 -15.50
CA ASP D 783 36.87 -30.39 -15.97
C ASP D 783 37.87 -31.31 -16.67
N ILE D 784 38.88 -30.73 -17.31
CA ILE D 784 39.87 -31.52 -18.02
C ILE D 784 40.73 -32.31 -17.04
N ALA D 785 41.18 -31.65 -15.96
CA ALA D 785 41.97 -32.34 -14.94
C ALA D 785 41.11 -33.30 -14.14
N ARG D 786 39.82 -33.00 -13.99
CA ARG D 786 38.92 -33.91 -13.29
C ARG D 786 38.62 -35.14 -14.13
N SER D 787 38.69 -35.02 -15.46
CA SER D 787 38.39 -36.13 -16.34
C SER D 787 39.60 -37.00 -16.66
N GLN D 788 40.76 -36.39 -16.90
CA GLN D 788 41.89 -37.10 -17.47
C GLN D 788 43.02 -37.33 -16.46
N ILE D 789 43.35 -36.34 -15.64
CA ILE D 789 44.56 -36.43 -14.83
C ILE D 789 44.35 -37.30 -13.62
N PHE D 790 43.41 -36.91 -12.75
CA PHE D 790 43.20 -37.59 -11.47
C PHE D 790 42.42 -38.88 -11.72
N ILE D 791 43.16 -39.90 -12.15
CA ILE D 791 42.62 -41.23 -12.43
C ILE D 791 43.37 -42.25 -11.59
N TYR D 792 42.94 -43.51 -11.73
CA TYR D 792 43.57 -44.59 -10.98
C TYR D 792 44.92 -44.95 -11.58
N GLY D 793 45.91 -45.11 -10.71
CA GLY D 793 47.23 -45.54 -11.11
C GLY D 793 48.20 -44.44 -11.49
N GLN D 794 47.85 -43.18 -11.24
CA GLN D 794 48.74 -42.08 -11.58
C GLN D 794 49.91 -42.02 -10.60
N GLN D 795 51.11 -41.77 -11.13
CA GLN D 795 52.31 -41.67 -10.31
C GLN D 795 52.51 -40.22 -9.86
N TRP D 796 52.93 -40.06 -8.61
CA TRP D 796 53.14 -38.74 -8.04
C TRP D 796 54.43 -38.71 -7.25
N PRO D 797 55.35 -37.78 -7.54
CA PRO D 797 56.51 -37.60 -6.67
C PRO D 797 56.13 -36.83 -5.41
N VAL D 798 57.05 -36.84 -4.45
CA VAL D 798 56.81 -36.11 -3.21
C VAL D 798 57.04 -34.62 -3.43
N GLY D 799 56.24 -33.80 -2.74
CA GLY D 799 56.32 -32.37 -2.89
C GLY D 799 55.61 -31.78 -4.08
N SER D 800 55.15 -32.61 -5.03
CA SER D 800 54.44 -32.10 -6.19
C SER D 800 53.04 -31.64 -5.83
N LEU D 801 52.35 -32.39 -4.96
CA LEU D 801 51.01 -31.99 -4.52
C LEU D 801 51.04 -30.73 -3.69
N GLU D 802 52.10 -30.56 -2.88
CA GLU D 802 52.22 -29.36 -2.05
C GLU D 802 52.47 -28.12 -2.89
N GLN D 803 53.37 -28.24 -3.87
CA GLN D 803 53.66 -27.13 -4.77
C GLN D 803 52.46 -26.81 -5.65
N ALA D 804 51.71 -27.85 -6.05
CA ALA D 804 50.49 -27.65 -6.82
C ALA D 804 49.43 -26.93 -5.99
N MET D 805 49.29 -27.30 -4.71
CA MET D 805 48.36 -26.62 -3.82
C MET D 805 48.76 -25.16 -3.62
N LEU D 806 50.07 -24.91 -3.50
CA LEU D 806 50.54 -23.52 -3.34
C LEU D 806 50.26 -22.68 -4.58
N ASP D 807 50.56 -23.23 -5.76
CA ASP D 807 50.32 -22.52 -7.01
C ASP D 807 48.82 -22.34 -7.28
N ALA D 808 47.99 -23.25 -6.77
CA ALA D 808 46.55 -23.09 -6.90
C ALA D 808 46.01 -22.06 -5.93
N LEU D 809 46.57 -21.97 -4.72
CA LEU D 809 46.07 -21.02 -3.75
C LEU D 809 46.47 -19.59 -4.12
N VAL D 810 47.66 -19.40 -4.69
CA VAL D 810 48.10 -18.04 -4.94
C VAL D 810 47.40 -17.36 -6.11
N LEU D 811 46.63 -18.10 -6.92
CA LEU D 811 46.09 -17.55 -8.14
C LEU D 811 44.57 -17.60 -8.23
N ASP D 812 43.88 -17.66 -7.08
CA ASP D 812 42.41 -17.59 -6.97
C ASP D 812 41.75 -18.71 -7.76
N ARG D 813 42.02 -19.95 -7.36
CA ARG D 813 41.43 -21.12 -8.00
C ARG D 813 40.55 -21.82 -6.98
N VAL D 814 39.24 -21.83 -7.25
CA VAL D 814 38.30 -22.45 -6.32
C VAL D 814 38.29 -23.96 -6.50
N ASP D 815 37.95 -24.42 -7.70
CA ASP D 815 37.65 -25.83 -7.91
C ASP D 815 38.90 -26.68 -7.89
N PHE D 816 40.05 -26.11 -8.27
CA PHE D 816 41.31 -26.84 -8.20
C PHE D 816 41.71 -27.12 -6.75
N VAL D 817 41.58 -26.14 -5.87
CA VAL D 817 41.86 -26.37 -4.46
C VAL D 817 40.83 -27.33 -3.87
N LYS D 818 39.57 -27.24 -4.32
CA LYS D 818 38.55 -28.20 -3.88
C LYS D 818 38.91 -29.62 -4.27
N LEU D 819 39.40 -29.82 -5.50
CA LEU D 819 39.67 -31.16 -5.97
C LEU D 819 40.97 -31.71 -5.38
N LEU D 820 41.95 -30.84 -5.15
CA LEU D 820 43.19 -31.29 -4.50
C LEU D 820 42.96 -31.64 -3.04
N ILE D 821 42.12 -30.89 -2.32
CA ILE D 821 41.72 -31.30 -0.98
C ILE D 821 40.93 -32.59 -1.03
N GLU D 822 40.13 -32.77 -2.07
CA GLU D 822 39.38 -34.02 -2.23
C GLU D 822 40.25 -35.19 -2.68
N ASN D 823 41.55 -34.97 -2.92
CA ASN D 823 42.43 -36.02 -3.43
C ASN D 823 43.75 -36.09 -2.67
N GLY D 824 43.68 -36.12 -1.34
CA GLY D 824 44.86 -36.50 -0.57
C GLY D 824 45.55 -35.40 0.20
N VAL D 825 45.38 -34.15 -0.23
CA VAL D 825 46.06 -33.03 0.41
C VAL D 825 45.39 -32.73 1.74
N SER D 826 46.15 -32.84 2.82
CA SER D 826 45.67 -32.54 4.16
C SER D 826 46.33 -31.25 4.64
N MET D 827 45.51 -30.27 5.00
CA MET D 827 46.03 -28.96 5.37
C MET D 827 46.68 -28.96 6.76
N HIS D 828 46.40 -29.96 7.59
CA HIS D 828 47.04 -30.04 8.90
C HIS D 828 48.50 -30.45 8.79
N ARG D 829 48.90 -31.04 7.66
CA ARG D 829 50.28 -31.38 7.40
C ARG D 829 50.96 -30.45 6.41
N PHE D 830 50.18 -29.64 5.68
CA PHE D 830 50.76 -28.78 4.66
C PHE D 830 51.32 -27.48 5.24
N LEU D 831 50.46 -26.68 5.85
CA LEU D 831 50.76 -25.27 6.04
C LEU D 831 51.74 -25.06 7.19
N THR D 832 52.85 -24.41 6.89
CA THR D 832 53.82 -23.98 7.88
C THR D 832 53.81 -22.46 7.96
N ILE D 833 54.60 -21.93 8.90
CA ILE D 833 54.65 -20.49 9.10
C ILE D 833 55.33 -19.81 7.91
N SER D 834 56.34 -20.47 7.34
CA SER D 834 57.10 -19.87 6.26
C SER D 834 56.28 -19.78 4.98
N ARG D 835 55.50 -20.82 4.68
CA ARG D 835 54.70 -20.78 3.46
C ARG D 835 53.51 -19.84 3.60
N LEU D 836 53.00 -19.68 4.83
CA LEU D 836 51.98 -18.66 5.05
C LEU D 836 52.56 -17.26 4.92
N GLU D 837 53.81 -17.06 5.34
CA GLU D 837 54.50 -15.80 5.10
C GLU D 837 54.68 -15.55 3.61
N GLU D 838 54.97 -16.60 2.85
CA GLU D 838 55.04 -16.50 1.41
C GLU D 838 53.68 -16.14 0.80
N LEU D 839 52.59 -16.68 1.36
CA LEU D 839 51.25 -16.31 0.92
C LEU D 839 50.95 -14.85 1.20
N TYR D 840 51.39 -14.34 2.33
CA TYR D 840 51.18 -12.92 2.60
C TYR D 840 52.15 -12.04 1.83
N ASN D 841 53.21 -12.59 1.28
CA ASN D 841 54.14 -11.80 0.46
C ASN D 841 54.16 -12.21 -1.00
N THR D 842 52.99 -12.44 -1.62
CA THR D 842 52.94 -12.73 -3.04
C THR D 842 52.91 -11.44 -3.86
N ARG D 843 52.73 -11.61 -5.17
CA ARG D 843 52.61 -10.47 -6.07
C ARG D 843 51.55 -10.67 -7.14
N HIS D 844 50.60 -11.60 -6.95
CA HIS D 844 49.61 -11.89 -7.97
C HIS D 844 48.20 -11.46 -7.59
N GLY D 845 48.04 -10.54 -6.64
CA GLY D 845 46.74 -10.20 -6.11
C GLY D 845 45.91 -9.41 -7.09
N PRO D 846 44.59 -9.64 -7.05
CA PRO D 846 43.66 -8.85 -7.87
C PRO D 846 43.62 -7.39 -7.49
N SER D 847 43.28 -7.13 -6.23
CA SER D 847 43.17 -5.77 -5.71
C SER D 847 43.19 -5.83 -4.18
N ASN D 848 44.11 -5.10 -3.57
CA ASN D 848 44.27 -5.20 -2.13
C ASN D 848 44.52 -3.81 -1.53
N THR D 849 44.14 -3.66 -0.26
CA THR D 849 44.47 -2.47 0.53
C THR D 849 45.39 -2.80 1.69
N LEU D 850 46.25 -3.81 1.54
CA LEU D 850 47.07 -4.29 2.65
C LEU D 850 48.21 -3.35 2.99
N TYR D 851 48.93 -2.85 1.97
CA TYR D 851 50.12 -2.03 2.22
C TYR D 851 49.75 -0.68 2.82
N HIS D 852 48.54 -0.19 2.50
CA HIS D 852 48.05 1.02 3.15
C HIS D 852 47.86 0.81 4.65
N LEU D 853 47.37 -0.36 5.04
CA LEU D 853 47.22 -0.65 6.46
C LEU D 853 48.56 -0.89 7.12
N VAL D 854 49.53 -1.44 6.39
CA VAL D 854 50.88 -1.59 6.91
C VAL D 854 51.51 -0.22 7.18
N ARG D 855 51.37 0.71 6.23
CA ARG D 855 51.93 2.05 6.42
C ARG D 855 51.11 2.85 7.43
N ASP D 856 49.86 2.47 7.67
CA ASP D 856 49.05 3.16 8.67
C ASP D 856 49.29 2.63 10.08
N VAL D 857 49.74 1.39 10.22
CA VAL D 857 50.04 0.86 11.54
C VAL D 857 51.49 1.17 11.93
N ILE D 868 56.87 -8.35 4.60
CA ILE D 868 56.05 -7.94 5.74
C ILE D 868 55.89 -9.03 6.79
N SER D 869 56.29 -8.73 8.01
CA SER D 869 56.33 -9.66 9.12
C SER D 869 54.92 -9.93 9.65
N LEU D 870 54.75 -11.13 10.21
CA LEU D 870 53.43 -11.54 10.69
C LEU D 870 53.04 -10.82 11.98
N ILE D 871 54.02 -10.38 12.76
CA ILE D 871 53.73 -9.58 13.95
C ILE D 871 53.12 -8.25 13.54
N ASP D 872 53.63 -7.66 12.46
CA ASP D 872 53.01 -6.47 11.89
C ASP D 872 51.60 -6.76 11.39
N ILE D 873 51.37 -7.96 10.86
CA ILE D 873 50.02 -8.34 10.41
C ILE D 873 49.08 -8.42 11.59
N GLY D 874 49.54 -8.96 12.72
CA GLY D 874 48.71 -8.99 13.92
C GLY D 874 48.44 -7.61 14.47
N LEU D 875 49.42 -6.70 14.33
CA LEU D 875 49.18 -5.32 14.73
C LEU D 875 48.15 -4.65 13.81
N VAL D 876 48.16 -5.01 12.52
CA VAL D 876 47.14 -4.51 11.59
C VAL D 876 45.76 -5.02 11.99
N ILE D 877 45.67 -6.29 12.39
CA ILE D 877 44.38 -6.87 12.77
C ILE D 877 43.86 -6.22 14.06
N GLU D 878 44.75 -5.99 15.03
CA GLU D 878 44.35 -5.31 16.25
C GLU D 878 43.96 -3.86 16.00
N TYR D 879 44.60 -3.21 15.02
CA TYR D 879 44.21 -1.85 14.68
C TYR D 879 42.86 -1.83 13.97
N LEU D 880 42.54 -2.89 13.22
CA LEU D 880 41.27 -2.92 12.50
C LEU D 880 40.11 -3.22 13.43
N MET D 881 40.26 -4.21 14.33
CA MET D 881 39.15 -4.49 15.23
C MET D 881 39.02 -3.44 16.33
N GLY D 882 40.12 -3.04 16.94
CA GLY D 882 40.05 -2.06 18.00
C GLY D 882 39.61 -2.67 19.32
N GLY D 883 39.34 -1.78 20.27
CA GLY D 883 39.05 -2.23 21.61
C GLY D 883 40.30 -2.77 22.26
N ALA D 884 40.11 -3.65 23.25
CA ALA D 884 41.22 -4.32 23.92
C ALA D 884 41.49 -5.68 23.32
N TYR D 885 41.28 -5.83 22.02
CA TYR D 885 41.44 -7.11 21.33
C TYR D 885 42.93 -7.44 21.25
N ARG D 886 43.33 -8.53 21.89
CA ARG D 886 44.73 -8.93 21.95
C ARG D 886 44.90 -10.21 21.14
N CYS D 887 45.27 -10.07 19.87
CA CYS D 887 45.32 -11.20 18.94
C CYS D 887 46.46 -12.15 19.30
N ASN D 888 46.33 -13.39 18.81
CA ASN D 888 47.24 -14.46 19.20
C ASN D 888 48.64 -14.27 18.61
N TYR D 889 48.77 -13.45 17.57
CA TYR D 889 50.11 -13.16 17.06
C TYR D 889 50.90 -12.29 18.04
N THR D 890 50.22 -11.43 18.79
CA THR D 890 50.90 -10.55 19.73
C THR D 890 51.04 -11.16 21.13
N ARG D 891 50.86 -12.46 21.28
CA ARG D 891 51.07 -13.10 22.56
C ARG D 891 52.56 -13.30 22.80
N LYS D 892 52.90 -13.75 24.01
CA LYS D 892 54.29 -14.06 24.31
C LYS D 892 54.66 -15.48 23.90
N ARG D 893 53.68 -16.30 23.54
CA ARG D 893 53.97 -17.67 23.13
C ARG D 893 54.32 -17.77 21.66
N PHE D 894 53.82 -16.85 20.83
CA PHE D 894 54.12 -16.82 19.41
C PHE D 894 55.31 -15.93 19.07
N ARG D 895 55.58 -14.92 19.90
CA ARG D 895 56.61 -13.94 19.57
C ARG D 895 58.01 -14.51 19.72
N THR D 896 58.25 -15.29 20.78
CA THR D 896 59.58 -15.87 20.97
C THR D 896 59.85 -16.98 19.99
N LEU D 897 58.80 -17.63 19.46
CA LEU D 897 58.98 -18.65 18.44
C LEU D 897 59.25 -18.06 17.07
N TYR D 898 59.14 -16.76 16.90
CA TYR D 898 59.41 -16.09 15.64
C TYR D 898 60.87 -15.67 15.51
N HIS D 899 61.71 -16.04 16.49
CA HIS D 899 63.10 -15.60 16.51
C HIS D 899 63.95 -16.29 15.46
N ASN D 900 63.57 -17.50 15.03
CA ASN D 900 64.41 -18.27 14.12
C ASN D 900 64.40 -17.65 12.72
N LEU D 901 63.23 -17.61 12.08
CA LEU D 901 63.14 -17.06 10.74
C LEU D 901 62.92 -15.54 10.79
N ASP D 941 60.13 -29.58 18.60
CA ASP D 941 59.28 -30.61 18.01
C ASP D 941 59.05 -30.30 16.54
N PRO D 942 58.69 -31.30 15.73
CA PRO D 942 58.31 -30.99 14.33
C PRO D 942 56.96 -30.28 14.20
N GLU D 943 56.14 -30.26 15.25
CA GLU D 943 54.82 -29.65 15.23
C GLU D 943 54.84 -28.24 15.81
N ILE D 944 55.96 -27.53 15.67
CA ILE D 944 56.06 -26.17 16.20
C ILE D 944 55.87 -25.11 15.12
N ASN D 945 55.80 -25.50 13.85
CA ASN D 945 55.40 -24.58 12.80
C ASN D 945 54.02 -24.89 12.22
N HIS D 946 53.27 -25.80 12.85
CA HIS D 946 51.95 -26.13 12.37
C HIS D 946 50.88 -25.46 13.23
N PHE D 947 49.94 -24.80 12.57
CA PHE D 947 48.82 -24.33 13.37
C PHE D 947 47.88 -25.48 13.69
N PRO D 948 47.49 -25.64 14.96
CA PRO D 948 46.48 -26.65 15.29
C PRO D 948 45.10 -26.31 14.74
N PHE D 949 44.80 -25.03 14.58
CA PHE D 949 43.54 -24.58 13.99
C PHE D 949 43.85 -23.74 12.74
N PRO D 950 44.32 -24.36 11.67
CA PRO D 950 44.83 -23.58 10.53
C PRO D 950 43.74 -22.90 9.72
N PHE D 951 42.50 -23.41 9.78
CA PHE D 951 41.39 -22.81 9.07
C PHE D 951 41.07 -21.39 9.53
N HIS D 952 41.41 -21.05 10.78
CA HIS D 952 41.25 -19.66 11.22
C HIS D 952 42.22 -18.74 10.49
N GLU D 953 43.49 -19.17 10.36
CA GLU D 953 44.44 -18.38 9.59
C GLU D 953 44.07 -18.32 8.12
N LEU D 954 43.52 -19.39 7.56
CA LEU D 954 43.10 -19.32 6.17
C LEU D 954 41.87 -18.43 6.00
N MET D 955 41.01 -18.37 7.01
CA MET D 955 39.88 -17.45 7.00
C MET D 955 40.35 -16.00 7.04
N VAL D 956 41.31 -15.71 7.91
CA VAL D 956 41.83 -14.35 8.05
C VAL D 956 42.56 -13.93 6.78
N TRP D 957 43.35 -14.83 6.20
CA TRP D 957 44.06 -14.53 4.96
C TRP D 957 43.09 -14.35 3.80
N ALA D 958 41.98 -15.08 3.80
CA ALA D 958 40.98 -14.87 2.78
C ALA D 958 40.29 -13.52 2.91
N VAL D 959 39.98 -13.09 4.13
CA VAL D 959 39.24 -11.84 4.29
C VAL D 959 40.13 -10.64 4.03
N LEU D 960 41.38 -10.66 4.51
CA LEU D 960 42.22 -9.46 4.47
C LEU D 960 42.64 -9.10 3.05
N MET D 961 42.77 -10.08 2.16
CA MET D 961 43.20 -9.80 0.80
C MET D 961 42.05 -9.74 -0.19
N LYS D 962 40.81 -9.87 0.30
CA LYS D 962 39.57 -9.70 -0.48
C LYS D 962 39.50 -10.68 -1.65
N ARG D 963 39.40 -11.97 -1.31
CA ARG D 963 39.06 -13.00 -2.27
C ARG D 963 37.82 -13.70 -1.74
N GLN D 964 36.65 -13.25 -2.20
CA GLN D 964 35.38 -13.50 -1.55
C GLN D 964 34.90 -14.94 -1.69
N LYS D 965 35.00 -15.53 -2.88
CA LYS D 965 34.55 -16.90 -3.07
C LYS D 965 35.45 -17.87 -2.31
N MET D 966 36.74 -17.55 -2.20
CA MET D 966 37.62 -18.32 -1.33
C MET D 966 37.23 -18.17 0.13
N ALA D 967 36.76 -16.99 0.54
CA ALA D 967 36.32 -16.81 1.92
C ALA D 967 35.08 -17.66 2.21
N LEU D 968 34.13 -17.68 1.28
CA LEU D 968 32.92 -18.48 1.48
C LEU D 968 33.22 -19.96 1.40
N PHE D 969 34.27 -20.36 0.69
CA PHE D 969 34.67 -21.76 0.72
C PHE D 969 35.34 -22.12 2.04
N PHE D 970 36.28 -21.28 2.50
CA PHE D 970 37.00 -21.59 3.72
C PHE D 970 36.14 -21.49 4.96
N TRP D 971 35.01 -20.77 4.90
CA TRP D 971 34.17 -20.66 6.09
C TRP D 971 33.49 -21.99 6.45
N GLN D 972 33.08 -22.77 5.45
CA GLN D 972 32.22 -23.90 5.72
C GLN D 972 32.96 -25.18 6.10
N HIS D 973 34.19 -25.08 6.59
CA HIS D 973 34.90 -26.26 7.08
C HIS D 973 35.68 -25.92 8.34
N GLY D 974 35.76 -26.91 9.23
CA GLY D 974 36.51 -26.77 10.46
C GLY D 974 35.63 -26.62 11.68
N GLU D 975 36.12 -25.82 12.61
CA GLU D 975 35.41 -25.54 13.85
C GLU D 975 35.11 -24.04 13.95
N GLU D 976 34.14 -23.72 14.81
CA GLU D 976 33.86 -22.36 15.28
C GLU D 976 33.50 -21.43 14.12
N ALA D 977 32.39 -21.75 13.46
CA ALA D 977 31.99 -21.00 12.27
C ALA D 977 31.48 -19.61 12.62
N MET D 978 30.77 -19.47 13.75
CA MET D 978 30.17 -18.18 14.06
C MET D 978 31.21 -17.16 14.48
N ALA D 979 32.27 -17.61 15.15
CA ALA D 979 33.37 -16.70 15.46
C ALA D 979 34.03 -16.19 14.19
N LYS D 980 34.22 -17.07 13.22
CA LYS D 980 34.82 -16.65 11.96
C LYS D 980 33.88 -15.74 11.18
N ALA D 981 32.57 -15.99 11.27
CA ALA D 981 31.61 -15.15 10.57
C ALA D 981 31.54 -13.74 11.17
N LEU D 982 31.54 -13.64 12.50
CA LEU D 982 31.46 -12.32 13.11
C LEU D 982 32.77 -11.56 13.00
N VAL D 983 33.90 -12.26 13.08
CA VAL D 983 35.19 -11.61 12.85
C VAL D 983 35.29 -11.13 11.41
N ALA D 984 34.76 -11.90 10.46
CA ALA D 984 34.73 -11.48 9.07
C ALA D 984 33.85 -10.26 8.87
N CYS D 985 32.70 -10.22 9.54
CA CYS D 985 31.81 -9.06 9.42
C CYS D 985 32.44 -7.81 10.00
N LYS D 986 33.11 -7.96 11.15
CA LYS D 986 33.81 -6.83 11.77
C LYS D 986 34.94 -6.31 10.88
N LEU D 987 35.74 -7.21 10.30
CA LEU D 987 36.85 -6.78 9.46
C LEU D 987 36.36 -6.17 8.16
N CYS D 988 35.26 -6.69 7.60
CA CYS D 988 34.73 -6.11 6.37
C CYS D 988 34.18 -4.70 6.62
N LYS D 989 33.47 -4.50 7.73
CA LYS D 989 32.96 -3.16 8.02
C LYS D 989 34.09 -2.19 8.35
N ALA D 990 35.13 -2.67 9.04
CA ALA D 990 36.27 -1.82 9.36
C ALA D 990 37.04 -1.40 8.12
N MET D 991 37.27 -2.35 7.19
CA MET D 991 37.98 -1.99 5.96
C MET D 991 37.13 -1.12 5.06
N ALA D 992 35.81 -1.28 5.09
CA ALA D 992 34.93 -0.41 4.30
C ALA D 992 35.00 1.03 4.81
N HIS D 993 34.91 1.22 6.13
CA HIS D 993 35.00 2.56 6.69
C HIS D 993 36.40 3.15 6.52
N GLU D 994 37.43 2.30 6.55
CA GLU D 994 38.79 2.79 6.41
C GLU D 994 39.09 3.20 4.97
N ALA D 995 38.60 2.43 4.00
CA ALA D 995 38.76 2.81 2.60
C ALA D 995 37.90 4.01 2.23
N SER D 996 36.76 4.21 2.90
CA SER D 996 36.02 5.44 2.71
C SER D 996 36.70 6.63 3.37
N GLU D 997 37.51 6.38 4.41
CA GLU D 997 38.14 7.46 5.14
C GLU D 997 39.35 8.07 4.43
N ILE D 1004 35.67 0.07 -4.02
CA ILE D 1004 36.08 -0.94 -3.05
C ILE D 1004 35.15 -0.92 -1.85
N SER D 1005 34.71 0.28 -1.44
CA SER D 1005 33.93 0.44 -0.22
C SER D 1005 32.54 -0.18 -0.37
N GLN D 1006 31.92 -0.04 -1.54
CA GLN D 1006 30.63 -0.66 -1.79
C GLN D 1006 30.73 -2.18 -1.80
N GLU D 1007 31.83 -2.71 -2.37
CA GLU D 1007 32.08 -4.16 -2.35
C GLU D 1007 32.25 -4.67 -0.92
N LEU D 1008 32.98 -3.93 -0.10
CA LEU D 1008 33.20 -4.39 1.28
C LEU D 1008 31.94 -4.27 2.12
N ASN D 1009 31.10 -3.27 1.84
CA ASN D 1009 29.80 -3.18 2.48
C ASN D 1009 28.90 -4.36 2.10
N HIS D 1010 28.92 -4.74 0.81
CA HIS D 1010 28.18 -5.92 0.36
C HIS D 1010 28.69 -7.19 1.03
N ASN D 1011 30.01 -7.32 1.21
CA ASN D 1011 30.56 -8.51 1.82
C ASN D 1011 30.24 -8.59 3.31
N SER D 1012 30.24 -7.44 3.99
CA SER D 1012 29.84 -7.40 5.38
C SER D 1012 28.36 -7.77 5.53
N ARG D 1013 27.52 -7.32 4.60
CA ARG D 1013 26.11 -7.70 4.61
C ARG D 1013 25.94 -9.20 4.37
N ASP D 1014 26.83 -9.76 3.55
CA ASP D 1014 26.75 -11.21 3.22
C ASP D 1014 27.11 -12.05 4.45
N PHE D 1015 28.31 -11.87 5.00
CA PHE D 1015 28.67 -12.74 6.14
C PHE D 1015 27.64 -12.47 7.22
N GLY D 1016 27.23 -11.21 7.36
CA GLY D 1016 26.27 -10.85 8.42
C GLY D 1016 24.95 -11.58 8.22
N GLN D 1017 24.45 -11.64 7.00
CA GLN D 1017 23.21 -12.44 6.80
C GLN D 1017 23.52 -13.90 7.12
N LEU D 1018 24.67 -14.42 6.69
CA LEU D 1018 24.93 -15.87 6.89
C LEU D 1018 25.02 -16.20 8.38
N ALA D 1019 25.68 -15.38 9.18
CA ALA D 1019 25.83 -15.75 10.59
C ALA D 1019 24.45 -15.81 11.21
N VAL D 1020 23.57 -14.88 10.86
CA VAL D 1020 22.24 -14.88 11.54
C VAL D 1020 21.51 -16.17 11.20
N GLU D 1021 21.61 -16.64 9.96
CA GLU D 1021 20.85 -17.85 9.54
C GLU D 1021 21.30 -19.07 10.34
N LEU D 1022 22.61 -19.21 10.59
CA LEU D 1022 23.10 -20.42 11.29
C LEU D 1022 22.43 -20.41 12.65
N LEU D 1023 22.34 -19.23 13.28
CA LEU D 1023 21.66 -19.15 14.60
C LEU D 1023 20.20 -19.54 14.38
N ASP D 1024 19.61 -19.14 13.26
CA ASP D 1024 18.16 -19.45 13.11
C ASP D 1024 18.02 -20.96 13.12
N GLN D 1025 18.88 -21.65 12.39
CA GLN D 1025 18.82 -23.13 12.37
C GLN D 1025 19.21 -23.62 13.76
N SER D 1026 20.29 -23.08 14.34
CA SER D 1026 20.68 -23.63 15.63
C SER D 1026 19.65 -23.36 16.70
N TYR D 1027 18.79 -22.37 16.51
CA TYR D 1027 17.67 -22.21 17.42
C TYR D 1027 16.49 -23.08 17.01
N LYS D 1028 16.32 -23.31 15.71
CA LYS D 1028 15.25 -24.17 15.22
C LYS D 1028 15.46 -25.63 15.63
N GLN D 1029 16.70 -26.05 15.85
CA GLN D 1029 16.89 -27.41 16.32
C GLN D 1029 16.74 -27.55 17.83
N ASP D 1030 17.43 -26.74 18.62
CA ASP D 1030 17.46 -26.90 20.07
C ASP D 1030 17.61 -25.52 20.70
N GLU D 1031 17.51 -25.48 22.02
CA GLU D 1031 17.60 -24.19 22.75
C GLU D 1031 18.64 -24.31 23.86
N GLN D 1032 18.56 -25.34 24.69
CA GLN D 1032 19.48 -25.37 25.85
C GLN D 1032 20.92 -25.40 25.34
N LEU D 1033 21.24 -26.26 24.38
CA LEU D 1033 22.62 -26.22 23.83
C LEU D 1033 22.80 -24.93 23.03
N ALA D 1034 21.72 -24.42 22.45
CA ALA D 1034 21.86 -23.24 21.57
C ALA D 1034 22.39 -22.09 22.41
N MET D 1035 21.85 -21.97 23.62
CA MET D 1035 22.31 -20.89 24.51
C MET D 1035 23.81 -21.12 24.76
N LYS D 1036 24.23 -22.37 24.90
CA LYS D 1036 25.65 -22.59 25.26
C LYS D 1036 26.54 -22.00 24.16
N LEU D 1037 26.14 -22.16 22.91
CA LEU D 1037 27.05 -21.69 21.83
C LEU D 1037 27.29 -20.19 22.01
N LEU D 1038 26.24 -19.42 22.25
CA LEU D 1038 26.51 -17.97 22.33
C LEU D 1038 27.39 -17.68 23.54
N THR D 1039 27.13 -18.31 24.67
CA THR D 1039 27.87 -17.95 25.90
C THR D 1039 29.34 -18.37 25.98
N TYR D 1040 29.73 -19.54 25.46
CA TYR D 1040 31.10 -20.06 25.75
C TYR D 1040 32.19 -19.07 25.36
N GLU D 1041 33.23 -19.02 26.19
CA GLU D 1041 34.34 -18.08 25.90
C GLU D 1041 35.26 -18.74 24.90
N LEU D 1042 35.48 -18.08 23.76
CA LEU D 1042 36.45 -18.67 22.82
C LEU D 1042 37.80 -18.62 23.53
N LYS D 1043 38.62 -19.64 23.38
CA LYS D 1043 39.98 -19.54 23.95
C LYS D 1043 40.95 -19.19 22.82
N ASN D 1044 40.43 -18.96 21.62
CA ASN D 1044 41.32 -18.70 20.48
C ASN D 1044 41.20 -17.24 20.05
N TRP D 1045 39.98 -16.77 19.80
CA TRP D 1045 39.83 -15.40 19.26
C TRP D 1045 39.87 -14.36 20.36
N SER D 1046 41.01 -14.20 21.03
CA SER D 1046 41.20 -13.10 22.02
C SER D 1046 40.16 -13.04 23.14
N ASN D 1047 39.82 -14.16 23.75
CA ASN D 1047 38.96 -14.12 24.96
C ASN D 1047 37.70 -13.25 24.74
N ALA D 1048 36.87 -13.58 23.75
CA ALA D 1048 35.62 -12.83 23.55
C ALA D 1048 34.42 -13.77 23.52
N THR D 1049 33.26 -13.49 23.71
CA THR D 1049 32.10 -14.40 23.57
C THR D 1049 31.32 -13.91 22.40
N CYS D 1050 30.61 -14.64 21.72
CA CYS D 1050 30.04 -14.36 20.41
C CYS D 1050 29.08 -13.17 20.48
N LEU D 1051 28.47 -12.95 21.64
CA LEU D 1051 27.52 -11.87 21.78
C LEU D 1051 28.22 -10.51 21.82
N GLN D 1052 29.38 -10.46 22.48
CA GLN D 1052 30.18 -9.24 22.51
C GLN D 1052 30.72 -8.90 21.13
N LEU D 1053 31.12 -9.90 20.35
CA LEU D 1053 31.54 -9.64 18.98
C LEU D 1053 30.35 -9.26 18.11
N ALA D 1054 29.15 -9.72 18.45
CA ALA D 1054 27.96 -9.29 17.73
C ALA D 1054 27.62 -7.83 17.98
N VAL D 1055 27.73 -7.38 19.23
CA VAL D 1055 27.42 -5.98 19.53
C VAL D 1055 28.54 -5.07 19.05
N ALA D 1056 29.80 -5.50 19.20
CA ALA D 1056 30.93 -4.66 18.82
C ALA D 1056 31.08 -4.49 17.31
N ALA D 1057 30.36 -5.27 16.51
CA ALA D 1057 30.27 -5.02 15.08
C ALA D 1057 29.00 -4.27 14.70
N LYS D 1058 28.20 -3.88 15.69
CA LYS D 1058 27.00 -3.03 15.53
C LYS D 1058 25.98 -3.66 14.59
N HIS D 1059 25.83 -4.97 14.71
CA HIS D 1059 24.93 -5.73 13.85
C HIS D 1059 23.56 -5.79 14.52
N ARG D 1060 22.60 -5.04 13.99
CA ARG D 1060 21.31 -4.90 14.66
C ARG D 1060 20.39 -6.10 14.47
N ASP D 1061 20.73 -7.04 13.58
CA ASP D 1061 19.84 -8.16 13.32
C ASP D 1061 20.09 -9.35 14.24
N PHE D 1062 21.33 -9.60 14.62
CA PHE D 1062 21.66 -10.76 15.46
C PHE D 1062 21.07 -10.62 16.85
N ILE D 1063 21.13 -9.42 17.41
CA ILE D 1063 20.53 -9.18 18.72
C ILE D 1063 19.02 -9.23 18.62
N ALA D 1064 18.47 -8.87 17.47
CA ALA D 1064 17.04 -8.87 17.22
C ALA D 1064 16.44 -10.27 17.18
N HIS D 1065 17.27 -11.30 17.11
CA HIS D 1065 16.77 -12.67 17.15
C HIS D 1065 16.23 -12.99 18.54
N THR D 1066 15.29 -13.94 18.58
CA THR D 1066 14.55 -14.25 19.80
C THR D 1066 15.43 -14.88 20.86
N CYS D 1067 16.40 -15.71 20.45
CA CYS D 1067 17.27 -16.40 21.40
C CYS D 1067 18.16 -15.42 22.15
N SER D 1068 18.62 -14.36 21.46
CA SER D 1068 19.43 -13.35 22.13
C SER D 1068 18.61 -12.56 23.13
N GLN D 1069 17.36 -12.26 22.81
CA GLN D 1069 16.50 -11.56 23.77
C GLN D 1069 16.16 -12.45 24.96
N MET D 1070 15.98 -13.75 24.75
CA MET D 1070 15.74 -14.64 25.89
C MET D 1070 16.96 -14.75 26.79
N LEU D 1071 18.15 -14.79 26.18
CA LEU D 1071 19.38 -14.84 26.97
C LEU D 1071 19.59 -13.54 27.74
N LEU D 1072 19.26 -12.40 27.14
CA LEU D 1072 19.36 -11.13 27.85
C LEU D 1072 18.33 -11.02 28.96
N THR D 1073 17.14 -11.61 28.79
CA THR D 1073 16.16 -11.58 29.87
C THR D 1073 16.59 -12.47 31.03
N ASP D 1074 17.16 -13.64 30.73
CA ASP D 1074 17.72 -14.46 31.80
C ASP D 1074 18.94 -13.84 32.46
N MET D 1075 19.69 -12.99 31.75
CA MET D 1075 20.70 -12.21 32.45
C MET D 1075 20.07 -11.13 33.33
N TRP D 1076 19.00 -10.49 32.84
CA TRP D 1076 18.36 -9.38 33.52
C TRP D 1076 17.73 -9.81 34.83
N MET D 1077 17.03 -10.93 34.86
CA MET D 1077 16.47 -11.40 36.12
C MET D 1077 17.53 -11.88 37.08
N GLY D 1078 18.67 -12.35 36.58
CA GLY D 1078 19.75 -12.74 37.46
C GLY D 1078 19.44 -14.02 38.20
N ARG D 1079 19.54 -13.96 39.53
CA ARG D 1079 19.34 -15.13 40.38
C ARG D 1079 17.94 -15.10 41.00
N LEU D 1080 16.94 -15.17 40.12
CA LEU D 1080 15.54 -15.28 40.53
C LEU D 1080 14.82 -16.24 39.59
N ARG D 1081 13.56 -16.54 39.92
CA ARG D 1081 12.72 -17.35 39.04
C ARG D 1081 11.29 -16.83 38.97
N MET D 1082 11.01 -15.67 39.57
CA MET D 1082 9.65 -15.13 39.64
C MET D 1082 9.33 -14.38 38.34
N ARG D 1083 8.74 -15.12 37.41
CA ARG D 1083 8.50 -14.58 36.07
C ARG D 1083 7.08 -14.06 35.88
N SER D 1086 6.45 -9.01 38.33
CA SER D 1086 7.80 -8.82 38.86
C SER D 1086 7.93 -7.53 39.67
N GLY D 1087 7.25 -6.46 39.23
CA GLY D 1087 7.55 -5.14 39.73
C GLY D 1087 7.10 -4.93 41.17
N LEU D 1088 5.87 -5.35 41.49
CA LEU D 1088 5.37 -5.20 42.85
C LEU D 1088 6.17 -6.06 43.83
N LYS D 1089 6.58 -7.25 43.38
CA LYS D 1089 7.37 -8.13 44.23
C LYS D 1089 8.76 -7.54 44.49
N VAL D 1090 9.41 -7.01 43.45
CA VAL D 1090 10.76 -6.48 43.63
C VAL D 1090 10.76 -5.15 44.38
N ILE D 1091 9.68 -4.37 44.31
CA ILE D 1091 9.65 -3.15 45.10
C ILE D 1091 9.25 -3.45 46.54
N LEU D 1092 8.43 -4.49 46.77
CA LEU D 1092 8.11 -4.89 48.13
C LEU D 1092 9.31 -5.55 48.79
N GLY D 1093 10.19 -6.16 48.00
CA GLY D 1093 11.43 -6.70 48.55
C GLY D 1093 12.33 -5.64 49.13
N ILE D 1094 12.45 -4.50 48.46
CA ILE D 1094 13.24 -3.40 49.01
C ILE D 1094 12.51 -2.77 50.18
N LEU D 1095 11.21 -2.47 50.02
CA LEU D 1095 10.49 -1.77 51.06
C LEU D 1095 10.20 -2.65 52.27
N LEU D 1096 10.22 -3.98 52.11
CA LEU D 1096 10.14 -4.90 53.23
C LEU D 1096 11.33 -5.86 53.15
N PRO D 1097 12.42 -5.56 53.83
CA PRO D 1097 13.64 -6.40 53.73
C PRO D 1097 13.51 -7.80 54.33
N PRO D 1098 12.74 -8.05 55.42
CA PRO D 1098 12.55 -9.46 55.79
C PRO D 1098 11.63 -10.24 54.87
N SER D 1099 10.88 -9.59 53.99
CA SER D 1099 9.90 -10.26 53.14
C SER D 1099 10.51 -10.82 51.85
N ILE D 1100 11.82 -10.76 51.70
CA ILE D 1100 12.45 -11.22 50.46
C ILE D 1100 12.49 -12.74 50.43
N LEU D 1101 12.43 -13.39 51.60
CA LEU D 1101 12.57 -14.83 51.72
C LEU D 1101 11.42 -15.61 51.09
N SER D 1102 10.28 -14.98 50.84
CA SER D 1102 9.14 -15.67 50.25
C SER D 1102 9.29 -15.91 48.75
N LEU D 1103 10.24 -15.27 48.09
CA LEU D 1103 10.40 -15.44 46.65
C LEU D 1103 11.16 -16.72 46.33
N GLU D 1104 11.21 -17.05 45.04
CA GLU D 1104 11.79 -18.30 44.57
C GLU D 1104 13.13 -18.00 43.88
N PHE D 1105 14.19 -18.62 44.38
CA PHE D 1105 15.52 -18.44 43.82
C PHE D 1105 15.76 -19.45 42.70
N LYS D 1106 16.99 -19.49 42.20
CA LYS D 1106 17.45 -20.54 41.31
C LYS D 1106 18.30 -21.54 42.09
N ASN D 1107 18.76 -22.57 41.38
CA ASN D 1107 19.68 -23.55 41.91
C ASN D 1107 20.62 -23.98 40.78
N LYS D 1108 21.90 -24.13 41.10
CA LYS D 1108 22.89 -24.57 40.13
C LYS D 1108 22.68 -26.03 39.75
N LEU D 1173 20.08 -19.87 54.98
CA LEU D 1173 20.00 -18.46 54.63
C LEU D 1173 21.30 -17.78 55.02
N GLY D 1174 21.20 -16.54 55.46
CA GLY D 1174 22.38 -15.79 55.86
C GLY D 1174 23.11 -15.28 54.63
N ARG D 1175 22.83 -15.89 53.49
CA ARG D 1175 23.45 -15.44 52.26
C ARG D 1175 22.42 -15.43 51.18
N LYS D 1176 21.30 -16.09 51.44
CA LYS D 1176 20.31 -16.19 50.41
C LYS D 1176 19.99 -14.80 49.94
N ILE D 1177 20.33 -13.79 50.73
CA ILE D 1177 20.00 -12.42 50.36
C ILE D 1177 21.05 -11.72 49.46
N TYR D 1178 22.31 -11.75 49.83
CA TYR D 1178 23.31 -11.01 49.04
C TYR D 1178 23.18 -11.23 47.57
N GLU D 1179 22.75 -12.43 47.16
CA GLU D 1179 22.47 -12.62 45.73
C GLU D 1179 21.35 -11.68 45.29
N PHE D 1180 20.35 -11.49 46.14
CA PHE D 1180 19.17 -10.68 45.71
C PHE D 1180 19.67 -9.29 45.34
N TYR D 1181 20.58 -8.75 46.14
CA TYR D 1181 21.06 -7.37 45.88
C TYR D 1181 21.81 -7.31 44.54
N ASN D 1182 22.36 -8.41 44.03
CA ASN D 1182 23.16 -8.29 42.78
C ASN D 1182 22.29 -8.52 41.54
N ALA D 1183 21.03 -8.89 41.69
CA ALA D 1183 20.15 -9.00 40.50
C ALA D 1183 20.00 -7.64 39.87
N PRO D 1184 20.37 -7.36 38.60
CA PRO D 1184 20.38 -5.98 38.09
C PRO D 1184 19.02 -5.31 38.08
N ILE D 1185 17.92 -6.08 38.15
CA ILE D 1185 16.62 -5.44 38.25
C ILE D 1185 16.45 -4.82 39.63
N VAL D 1186 17.12 -5.35 40.65
CA VAL D 1186 17.09 -4.75 41.98
C VAL D 1186 17.87 -3.43 41.98
N LYS D 1187 19.09 -3.51 41.51
CA LYS D 1187 19.83 -2.25 41.43
C LYS D 1187 18.90 -1.26 40.74
N PHE D 1188 18.15 -1.66 39.70
CA PHE D 1188 17.35 -0.64 38.95
C PHE D 1188 16.30 -0.03 39.87
N TRP D 1189 15.60 -0.86 40.63
CA TRP D 1189 14.51 -0.26 41.43
C TRP D 1189 15.07 0.41 42.68
N PHE D 1190 16.34 0.21 43.02
CA PHE D 1190 16.93 0.95 44.15
C PHE D 1190 17.86 2.03 43.58
N TYR D 1191 17.89 2.17 42.24
CA TYR D 1191 18.65 3.28 41.63
C TYR D 1191 17.70 4.19 40.87
N THR D 1192 16.44 4.09 41.04
CA THR D 1192 15.50 5.03 40.46
C THR D 1192 14.67 5.53 41.62
N LEU D 1193 14.63 4.78 42.77
CA LEU D 1193 14.02 5.41 43.96
C LEU D 1193 14.98 6.48 44.46
N ALA D 1194 16.30 6.32 44.32
CA ALA D 1194 17.19 7.43 44.70
C ALA D 1194 16.96 8.64 43.80
N TYR D 1195 16.79 8.46 42.50
CA TYR D 1195 16.45 9.63 41.65
C TYR D 1195 15.11 10.22 42.06
N ILE D 1196 14.08 9.42 42.36
CA ILE D 1196 12.77 10.07 42.67
C ILE D 1196 13.01 10.96 43.88
N GLY D 1197 13.81 10.51 44.82
CA GLY D 1197 14.10 11.39 45.96
C GLY D 1197 14.75 12.66 45.47
N TYR D 1198 15.71 12.57 44.57
CA TYR D 1198 16.46 13.79 44.13
C TYR D 1198 15.55 14.77 43.41
N LEU D 1199 14.62 14.41 42.63
CA LEU D 1199 13.79 15.36 41.96
C LEU D 1199 12.69 15.90 42.88
N MET D 1200 12.32 15.21 44.00
CA MET D 1200 11.40 15.87 44.97
C MET D 1200 12.13 16.85 45.87
N LEU D 1201 13.26 16.50 46.46
CA LEU D 1201 13.94 17.52 47.29
C LEU D 1201 14.37 18.73 46.44
N PHE D 1202 14.91 18.56 45.23
CA PHE D 1202 15.39 19.74 44.46
C PHE D 1202 14.22 20.66 44.19
N ASN D 1203 13.04 20.12 43.91
CA ASN D 1203 11.88 21.03 43.73
C ASN D 1203 11.60 21.79 45.03
N TYR D 1204 11.70 21.15 46.20
CA TYR D 1204 11.36 21.85 47.46
C TYR D 1204 12.48 22.83 47.81
N ILE D 1205 13.65 22.76 47.18
CA ILE D 1205 14.66 23.80 47.54
C ILE D 1205 14.59 24.94 46.54
N VAL D 1206 13.61 24.94 45.63
CA VAL D 1206 13.45 26.13 44.73
C VAL D 1206 12.12 26.88 44.99
N LEU D 1207 11.01 26.20 45.30
CA LEU D 1207 9.71 26.90 45.42
C LEU D 1207 9.58 27.48 46.83
N VAL D 1208 10.66 27.54 47.60
CA VAL D 1208 10.59 27.99 49.01
C VAL D 1208 11.63 29.07 49.28
N LYS D 1209 11.53 29.72 50.43
CA LYS D 1209 12.42 30.87 50.73
C LYS D 1209 13.85 30.38 50.83
N MET D 1210 14.80 31.26 50.51
CA MET D 1210 16.20 30.88 50.70
C MET D 1210 16.83 31.77 51.78
N GLU D 1211 17.24 31.16 52.89
CA GLU D 1211 17.90 31.91 54.00
C GLU D 1211 19.36 32.16 53.63
N ARG D 1212 20.08 32.97 54.40
CA ARG D 1212 21.47 33.35 54.03
C ARG D 1212 22.32 32.09 53.94
N TRP D 1213 22.22 31.09 54.52
CA TRP D 1213 23.02 29.91 54.26
C TRP D 1213 22.10 28.84 53.75
N PRO D 1214 22.55 27.83 53.25
CA PRO D 1214 21.76 26.75 52.66
C PRO D 1214 21.10 25.90 53.74
N SER D 1215 19.93 25.36 53.42
CA SER D 1215 19.19 24.53 54.37
C SER D 1215 19.62 23.07 54.21
N THR D 1216 18.98 22.17 54.97
CA THR D 1216 19.39 20.77 55.04
C THR D 1216 19.17 20.05 53.71
N GLN D 1217 18.00 20.24 53.11
CA GLN D 1217 17.68 19.63 51.84
C GLN D 1217 18.54 20.16 50.71
N GLU D 1218 19.08 21.37 50.85
CA GLU D 1218 20.04 21.85 49.87
C GLU D 1218 21.41 21.19 50.02
N TRP D 1219 21.81 20.97 51.27
CA TRP D 1219 23.09 20.26 51.49
C TRP D 1219 22.95 18.83 50.94
N ILE D 1220 21.80 18.16 51.16
CA ILE D 1220 21.59 16.81 50.58
C ILE D 1220 21.52 16.83 49.04
N VAL D 1221 20.77 17.75 48.44
CA VAL D 1221 20.72 17.87 46.96
C VAL D 1221 22.08 18.29 46.39
N ILE D 1222 22.77 19.22 47.04
CA ILE D 1222 24.14 19.54 46.56
C ILE D 1222 24.97 18.26 46.66
N SER D 1223 24.84 17.51 47.75
CA SER D 1223 25.69 16.32 47.91
C SER D 1223 25.40 15.27 46.83
N TYR D 1224 24.14 15.03 46.46
CA TYR D 1224 23.89 13.95 45.48
C TYR D 1224 24.60 14.33 44.20
N ILE D 1225 24.49 15.59 43.81
CA ILE D 1225 25.26 15.96 42.60
C ILE D 1225 26.72 15.68 42.94
N PHE D 1226 27.14 15.87 44.19
CA PHE D 1226 28.60 15.68 44.44
C PHE D 1226 29.02 14.23 44.19
N THR D 1227 28.28 13.27 44.73
CA THR D 1227 28.69 11.86 44.56
C THR D 1227 28.54 11.44 43.11
N LEU D 1228 27.52 11.95 42.42
CA LEU D 1228 27.28 11.48 41.04
C LEU D 1228 28.55 11.80 40.29
N GLY D 1229 29.16 12.93 40.58
CA GLY D 1229 30.35 13.34 39.83
C GLY D 1229 31.49 12.34 39.96
N ILE D 1230 31.77 11.88 41.19
CA ILE D 1230 32.92 10.94 41.39
C ILE D 1230 32.66 9.60 40.69
N GLU D 1231 31.45 9.05 40.78
CA GLU D 1231 31.19 7.79 40.03
C GLU D 1231 31.33 8.06 38.52
N LYS D 1232 30.82 9.18 38.00
CA LYS D 1232 30.86 9.38 36.53
C LYS D 1232 32.31 9.42 36.07
N MET D 1233 33.18 10.14 36.79
CA MET D 1233 34.60 10.10 36.37
C MET D 1233 35.18 8.70 36.54
N ARG D 1234 34.84 8.00 37.62
CA ARG D 1234 35.47 6.68 37.87
C ARG D 1234 35.09 5.76 36.71
N GLU D 1235 33.86 5.87 36.23
CA GLU D 1235 33.47 5.04 35.06
C GLU D 1235 34.40 5.38 33.89
N ILE D 1236 34.72 6.66 33.68
CA ILE D 1236 35.62 6.92 32.53
C ILE D 1236 36.96 6.24 32.80
N LEU D 1237 37.48 6.34 34.03
CA LEU D 1237 38.84 5.79 34.32
C LEU D 1237 38.85 4.32 33.95
N MET D 1238 37.71 3.64 34.09
CA MET D 1238 37.69 2.21 33.85
C MET D 1238 36.96 1.83 32.58
N LEU D 1244 44.56 8.24 27.32
CA LEU D 1244 43.53 8.92 28.07
C LEU D 1244 42.54 9.64 27.15
N LEU D 1245 43.05 10.25 26.07
CA LEU D 1245 42.18 10.96 25.14
C LEU D 1245 41.28 9.99 24.37
N GLN D 1246 41.77 8.78 24.11
CA GLN D 1246 40.91 7.75 23.50
C GLN D 1246 39.77 7.35 24.43
N LYS D 1247 40.07 7.22 25.73
CA LYS D 1247 39.03 6.88 26.70
C LYS D 1247 38.00 7.98 26.82
N VAL D 1248 38.46 9.24 26.83
CA VAL D 1248 37.54 10.38 26.91
C VAL D 1248 36.71 10.48 25.62
N LYS D 1249 37.29 10.12 24.48
CA LYS D 1249 36.53 10.16 23.23
C LYS D 1249 35.48 9.06 23.18
N VAL D 1250 35.81 7.86 23.65
CA VAL D 1250 34.84 6.77 23.72
C VAL D 1250 33.72 7.10 24.70
N TRP D 1251 34.06 7.77 25.81
CA TRP D 1251 33.04 8.19 26.76
C TRP D 1251 32.16 9.30 26.19
N LEU D 1252 32.75 10.20 25.42
CA LEU D 1252 32.00 11.29 24.78
C LEU D 1252 31.46 10.92 23.42
N GLN D 1253 31.45 9.62 23.07
CA GLN D 1253 30.85 9.21 21.81
C GLN D 1253 29.35 9.46 21.77
N GLU D 1254 28.66 9.35 22.90
CA GLU D 1254 27.22 9.57 22.95
C GLU D 1254 26.88 10.85 23.71
N TYR D 1255 25.60 11.20 23.69
CA TYR D 1255 25.17 12.54 24.04
C TYR D 1255 24.85 12.73 25.53
N TRP D 1256 24.36 11.68 26.20
CA TRP D 1256 23.87 11.85 27.56
C TRP D 1256 24.99 12.13 28.55
N ASN D 1257 26.20 11.61 28.29
CA ASN D 1257 27.34 11.97 29.11
C ASN D 1257 27.71 13.43 28.93
N VAL D 1258 27.57 13.89 27.69
CA VAL D 1258 27.89 15.32 27.41
C VAL D 1258 26.85 16.16 28.16
N THR D 1259 25.57 15.83 27.99
CA THR D 1259 24.54 16.68 28.64
C THR D 1259 24.76 16.59 30.15
N ASP D 1260 25.11 15.41 30.63
CA ASP D 1260 25.40 15.26 32.07
C ASP D 1260 26.60 16.15 32.43
N LEU D 1261 27.63 16.20 31.59
CA LEU D 1261 28.82 16.99 31.98
C LEU D 1261 28.43 18.46 32.11
N ILE D 1262 27.61 18.96 31.18
CA ILE D 1262 27.16 20.38 31.27
C ILE D 1262 26.32 20.57 32.54
N ALA D 1263 25.41 19.64 32.83
CA ALA D 1263 24.50 19.83 33.98
C ALA D 1263 25.27 19.87 35.28
N ILE D 1264 26.19 18.95 35.49
CA ILE D 1264 26.87 19.04 36.80
C ILE D 1264 27.59 20.38 36.81
N LEU D 1265 28.16 20.79 35.67
CA LEU D 1265 28.97 22.04 35.69
C LEU D 1265 28.09 23.24 36.02
N LEU D 1266 26.88 23.36 35.48
CA LEU D 1266 26.09 24.52 35.85
C LEU D 1266 25.39 24.39 37.21
N PHE D 1267 25.30 23.22 37.83
CA PHE D 1267 24.71 23.14 39.17
C PHE D 1267 25.88 23.35 40.03
N SER D 1268 27.00 23.58 39.38
CA SER D 1268 28.19 23.89 40.14
C SER D 1268 28.44 25.40 40.13
N VAL D 1269 28.50 26.03 38.97
CA VAL D 1269 28.70 27.45 39.03
C VAL D 1269 27.71 28.03 40.00
N GLY D 1270 26.48 27.54 39.94
CA GLY D 1270 25.47 28.01 40.88
C GLY D 1270 25.78 27.66 42.33
N MET D 1271 26.48 26.54 42.54
CA MET D 1271 26.90 26.12 43.87
C MET D 1271 27.85 27.11 44.50
N ILE D 1272 28.87 27.55 43.74
CA ILE D 1272 29.80 28.51 44.31
C ILE D 1272 29.32 29.95 44.17
N LEU D 1273 28.25 30.21 43.42
CA LEU D 1273 27.63 31.52 43.49
C LEU D 1273 26.55 31.62 44.55
N ARG D 1274 26.16 30.49 45.16
CA ARG D 1274 25.21 30.50 46.29
C ARG D 1274 25.78 31.23 47.50
N LEU D 1275 27.10 31.21 47.67
CA LEU D 1275 27.74 31.59 48.92
C LEU D 1275 28.23 33.03 48.93
N GLN D 1276 27.49 33.95 48.32
CA GLN D 1276 27.82 35.36 48.34
C GLN D 1276 26.65 36.17 48.88
N ASP D 1277 26.69 37.49 48.72
CA ASP D 1277 25.63 38.35 49.20
C ASP D 1277 24.42 38.32 48.26
N GLN D 1278 23.47 39.23 48.53
CA GLN D 1278 22.18 39.35 47.84
C GLN D 1278 22.25 39.53 46.31
N PRO D 1279 22.99 40.54 45.77
CA PRO D 1279 23.02 40.76 44.33
C PRO D 1279 23.34 39.41 43.71
N PHE D 1280 24.41 38.79 44.19
CA PHE D 1280 24.78 37.45 43.69
C PHE D 1280 23.74 36.40 44.07
N ARG D 1281 23.17 36.47 45.27
CA ARG D 1281 22.26 35.37 45.70
C ARG D 1281 21.09 35.34 44.73
N SER D 1282 20.59 36.51 44.37
CA SER D 1282 19.40 36.52 43.48
C SER D 1282 19.84 35.85 42.18
N ASP D 1283 21.07 36.11 41.73
CA ASP D 1283 21.60 35.44 40.51
C ASP D 1283 21.67 33.93 40.77
N GLY D 1284 22.02 33.54 41.98
CA GLY D 1284 22.15 32.10 42.27
C GLY D 1284 20.83 31.45 42.01
N ARG D 1285 19.75 32.12 42.36
CA ARG D 1285 18.45 31.49 42.18
C ARG D 1285 18.33 31.23 40.69
N VAL D 1286 18.96 32.15 39.94
CA VAL D 1286 18.78 32.00 38.54
C VAL D 1286 19.24 30.64 38.07
N ILE D 1287 20.45 30.32 38.28
CA ILE D 1287 20.99 29.06 37.67
C ILE D 1287 20.12 27.89 38.11
N TYR D 1288 19.88 27.72 39.40
CA TYR D 1288 19.02 26.64 39.86
C TYR D 1288 17.68 26.69 39.16
N CYS D 1289 17.11 27.89 39.03
CA CYS D 1289 15.87 28.02 38.33
C CYS D 1289 15.95 27.44 36.93
N VAL D 1290 16.95 27.70 36.21
CA VAL D 1290 17.14 27.29 34.79
C VAL D 1290 17.66 25.86 34.79
N ASN D 1291 18.38 25.48 35.84
CA ASN D 1291 19.00 24.16 35.86
C ASN D 1291 18.01 23.04 36.16
N ILE D 1292 16.84 23.33 36.74
CA ILE D 1292 15.92 22.25 37.08
C ILE D 1292 15.29 21.58 35.86
N ILE D 1293 15.29 22.28 34.73
CA ILE D 1293 14.61 21.71 33.53
C ILE D 1293 15.30 20.40 33.11
N TYR D 1294 16.63 20.37 33.05
CA TYR D 1294 17.31 19.16 32.53
C TYR D 1294 17.04 17.93 33.39
N TRP D 1295 17.10 18.03 34.72
CA TRP D 1295 16.93 16.79 35.51
C TRP D 1295 15.54 16.24 35.23
N TYR D 1296 14.55 17.12 35.15
CA TYR D 1296 13.20 16.63 34.81
C TYR D 1296 13.24 16.00 33.43
N ILE D 1297 13.87 16.59 32.46
CA ILE D 1297 13.80 16.04 31.11
C ILE D 1297 14.65 14.78 30.96
N ARG D 1298 15.26 14.30 32.03
CA ARG D 1298 16.00 13.06 31.94
C ARG D 1298 15.10 11.96 32.27
N LEU D 1299 14.10 12.25 33.06
CA LEU D 1299 13.26 11.17 33.51
C LEU D 1299 13.05 10.35 32.27
N LEU D 1300 12.84 11.02 31.14
CA LEU D 1300 12.55 10.28 29.93
C LEU D 1300 13.34 9.01 29.89
N ASP D 1301 14.65 9.10 30.03
CA ASP D 1301 15.49 7.88 29.86
C ASP D 1301 14.93 6.77 30.76
N ILE D 1302 14.66 7.07 32.03
CA ILE D 1302 14.22 5.98 32.95
C ILE D 1302 12.96 5.37 32.31
N PHE D 1303 12.17 6.21 31.66
CA PHE D 1303 10.91 5.71 31.06
C PHE D 1303 11.26 4.87 29.84
N GLY D 1304 12.48 4.99 29.36
CA GLY D 1304 12.87 4.28 28.13
C GLY D 1304 12.82 2.78 28.30
N VAL D 1305 13.00 2.28 29.52
CA VAL D 1305 13.08 0.81 29.74
C VAL D 1305 11.77 0.11 29.32
N ASN D 1306 10.62 0.70 29.64
CA ASN D 1306 9.33 0.00 29.36
C ASN D 1306 9.27 -0.42 27.90
N LYS D 1307 8.63 -1.56 27.66
CA LYS D 1307 8.59 -2.11 26.31
C LYS D 1307 7.62 -1.39 25.36
N TYR D 1308 7.06 -0.24 25.76
CA TYR D 1308 6.25 0.55 24.85
C TYR D 1308 6.67 2.00 24.75
N LEU D 1309 7.11 2.60 25.86
CA LEU D 1309 7.49 4.00 25.84
C LEU D 1309 8.85 4.26 25.19
N GLY D 1310 9.69 3.23 25.18
CA GLY D 1310 11.04 3.37 24.62
C GLY D 1310 11.00 3.57 23.12
N PRO D 1311 10.28 2.73 22.35
CA PRO D 1311 10.19 2.98 20.94
C PRO D 1311 9.61 4.39 20.75
N TYR D 1312 8.58 4.76 21.50
CA TYR D 1312 7.97 6.08 21.25
C TYR D 1312 9.01 7.18 21.53
N VAL D 1313 9.80 7.06 22.59
CA VAL D 1313 10.75 8.16 22.91
C VAL D 1313 11.73 8.28 21.75
N MET D 1314 12.16 7.15 21.20
CA MET D 1314 13.15 7.17 20.08
C MET D 1314 12.54 7.91 18.91
N MET D 1315 11.25 7.67 18.67
CA MET D 1315 10.57 8.33 17.55
C MET D 1315 10.61 9.84 17.79
N ILE D 1316 10.38 10.29 19.04
CA ILE D 1316 10.33 11.75 19.28
C ILE D 1316 11.70 12.27 18.89
N GLY D 1317 12.74 11.53 19.24
CA GLY D 1317 14.09 12.00 18.94
C GLY D 1317 14.29 12.14 17.44
N LYS D 1318 13.84 11.16 16.66
CA LYS D 1318 14.08 11.21 15.19
C LYS D 1318 13.29 12.34 14.53
N MET D 1319 12.06 12.59 14.98
CA MET D 1319 11.20 13.60 14.32
C MET D 1319 11.80 15.00 14.44
N MET D 1320 12.64 15.24 15.44
CA MET D 1320 13.09 16.64 15.72
C MET D 1320 13.79 17.29 14.53
N ILE D 1321 14.59 16.52 13.74
CA ILE D 1321 15.30 17.22 12.67
C ILE D 1321 14.29 18.04 11.86
N ASP D 1322 13.24 17.46 11.39
CA ASP D 1322 12.21 18.05 10.56
C ASP D 1322 11.56 19.23 11.25
N MET D 1323 11.39 19.13 12.58
CA MET D 1323 10.98 20.28 13.38
C MET D 1323 11.93 21.46 13.22
N MET D 1324 13.23 21.21 13.18
CA MET D 1324 14.21 22.30 13.05
C MET D 1324 14.12 22.98 11.68
N TYR D 1325 14.00 22.18 10.61
CA TYR D 1325 13.91 22.77 9.27
C TYR D 1325 12.64 23.61 9.10
N PHE D 1326 11.51 23.12 9.61
CA PHE D 1326 10.31 23.94 9.44
C PHE D 1326 10.26 25.10 10.44
N VAL D 1327 11.00 25.02 11.55
CA VAL D 1327 11.25 26.19 12.39
C VAL D 1327 12.02 27.26 11.62
N ILE D 1328 13.00 26.87 10.80
CA ILE D 1328 13.74 27.83 9.98
C ILE D 1328 12.83 28.54 8.98
N ILE D 1329 11.96 27.76 8.31
CA ILE D 1329 11.07 28.37 7.31
C ILE D 1329 10.03 29.29 7.97
N MET D 1330 9.43 28.85 9.08
CA MET D 1330 8.49 29.69 9.80
C MET D 1330 9.15 30.94 10.39
N LEU D 1331 10.43 30.84 10.77
CA LEU D 1331 11.14 32.01 11.28
C LEU D 1331 11.35 33.04 10.19
N VAL D 1332 11.70 32.60 8.98
CA VAL D 1332 11.87 33.53 7.85
C VAL D 1332 10.59 34.29 7.58
N VAL D 1333 9.46 33.57 7.46
CA VAL D 1333 8.21 34.22 7.09
C VAL D 1333 7.70 35.11 8.23
N LEU D 1334 7.83 34.64 9.48
CA LEU D 1334 7.39 35.41 10.65
C LEU D 1334 8.18 36.70 10.80
N MET D 1335 9.50 36.62 10.64
CA MET D 1335 10.32 37.82 10.76
C MET D 1335 10.01 38.82 9.64
N SER D 1336 9.69 38.33 8.43
CA SER D 1336 9.37 39.25 7.34
C SER D 1336 8.08 40.02 7.62
N PHE D 1337 7.00 39.32 7.94
CA PHE D 1337 5.73 40.00 8.19
C PHE D 1337 5.79 40.86 9.45
N GLY D 1338 6.58 40.45 10.45
CA GLY D 1338 6.73 41.26 11.64
C GLY D 1338 7.51 42.55 11.40
N VAL D 1339 8.57 42.48 10.60
CA VAL D 1339 9.32 43.67 10.25
C VAL D 1339 8.46 44.65 9.46
N ALA D 1340 7.65 44.15 8.52
CA ALA D 1340 6.77 45.04 7.76
C ALA D 1340 5.73 45.72 8.65
N ARG D 1341 5.04 44.93 9.49
CA ARG D 1341 4.01 45.50 10.35
C ARG D 1341 4.58 46.49 11.36
N GLN D 1342 5.74 46.18 11.94
CA GLN D 1342 6.28 47.11 12.92
C GLN D 1342 6.93 48.30 12.25
N ALA D 1343 7.32 48.18 10.98
CA ALA D 1343 7.96 49.31 10.32
C ALA D 1343 6.96 50.34 9.82
N ILE D 1344 5.73 49.94 9.50
CA ILE D 1344 4.77 50.95 9.05
C ILE D 1344 4.22 51.74 10.24
N LEU D 1345 3.87 51.07 11.33
CA LEU D 1345 3.08 51.69 12.40
C LEU D 1345 3.89 52.52 13.40
N PHE D 1346 5.19 52.70 13.21
CA PHE D 1346 5.99 53.53 14.13
C PHE D 1346 7.04 54.29 13.35
N PRO D 1347 6.65 55.42 12.74
CA PRO D 1347 7.59 56.13 11.85
C PRO D 1347 8.72 56.86 12.57
N ASN D 1348 8.43 57.66 13.59
CA ASN D 1348 9.46 58.46 14.25
C ASN D 1348 9.88 57.72 15.52
N GLU D 1349 10.97 56.96 15.41
CA GLU D 1349 11.51 56.23 16.59
C GLU D 1349 13.02 56.30 16.45
N GLU D 1350 13.66 57.21 17.18
CA GLU D 1350 15.11 57.42 16.97
C GLU D 1350 15.84 56.13 17.33
N PRO D 1351 17.07 55.88 16.81
CA PRO D 1351 17.73 54.60 17.04
C PRO D 1351 17.76 54.38 18.55
N SER D 1352 17.31 53.21 18.98
CA SER D 1352 17.23 52.97 20.44
C SER D 1352 17.47 51.50 20.78
N TRP D 1353 18.04 51.23 21.95
CA TRP D 1353 18.20 49.83 22.41
C TRP D 1353 16.77 49.33 22.63
N LYS D 1354 15.84 50.26 22.83
CA LYS D 1354 14.41 49.90 23.00
C LYS D 1354 13.90 49.24 21.72
N LEU D 1355 14.29 49.70 20.56
CA LEU D 1355 13.85 49.06 19.35
C LEU D 1355 14.36 47.64 19.43
N ALA D 1356 15.64 47.51 19.82
CA ALA D 1356 16.24 46.16 19.91
C ALA D 1356 15.44 45.26 20.86
N LYS D 1357 14.98 45.83 21.96
CA LYS D 1357 14.17 45.03 22.91
C LYS D 1357 12.88 44.61 22.20
N ASN D 1358 12.27 45.51 21.44
CA ASN D 1358 11.08 45.12 20.66
C ASN D 1358 11.51 44.03 19.68
N ILE D 1359 12.71 44.16 19.11
CA ILE D 1359 13.22 43.17 18.11
C ILE D 1359 13.33 41.81 18.79
N THR D 1399 0.50 57.00 9.12
CA THR D 1399 0.87 57.18 7.73
C THR D 1399 0.35 56.01 6.91
N GLY D 1400 -0.95 56.05 6.58
CA GLY D 1400 -1.55 55.05 5.70
C GLY D 1400 -1.57 53.65 6.26
N ALA D 1401 -2.12 53.45 7.46
CA ALA D 1401 -2.02 52.17 8.15
C ALA D 1401 -2.93 51.09 7.58
N TRP D 1402 -3.71 51.39 6.54
CA TRP D 1402 -4.71 50.42 6.09
C TRP D 1402 -4.13 49.26 5.30
N ILE D 1403 -2.85 49.33 4.92
CA ILE D 1403 -2.17 48.15 4.39
C ILE D 1403 -1.89 47.14 5.51
N VAL D 1404 -1.78 47.64 6.76
CA VAL D 1404 -1.44 46.76 7.88
C VAL D 1404 -2.45 45.66 8.17
N PRO D 1405 -3.79 45.87 8.10
CA PRO D 1405 -4.69 44.71 8.30
C PRO D 1405 -4.57 43.62 7.26
N ALA D 1406 -4.60 43.97 5.97
CA ALA D 1406 -4.63 42.98 4.89
C ALA D 1406 -3.40 42.07 4.91
N ILE D 1407 -2.21 42.67 4.94
CA ILE D 1407 -1.00 41.86 4.97
C ILE D 1407 -0.74 41.26 6.35
N MET D 1408 -1.59 41.52 7.34
CA MET D 1408 -1.54 40.67 8.52
C MET D 1408 -2.22 39.34 8.24
N ALA D 1409 -3.40 39.39 7.62
CA ALA D 1409 -4.26 38.21 7.51
C ALA D 1409 -3.65 37.15 6.61
N CYS D 1410 -3.02 37.58 5.51
CA CYS D 1410 -2.34 36.66 4.60
C CYS D 1410 -1.20 35.94 5.31
N TYR D 1411 -0.56 36.59 6.29
CA TYR D 1411 0.44 35.92 7.12
C TYR D 1411 -0.15 34.70 7.81
N LEU D 1412 -1.33 34.84 8.42
CA LEU D 1412 -1.99 33.70 9.03
C LEU D 1412 -2.36 32.66 7.98
N LEU D 1413 -2.68 33.13 6.77
CA LEU D 1413 -3.00 32.24 5.67
C LEU D 1413 -1.79 31.44 5.20
N VAL D 1414 -0.57 31.91 5.49
CA VAL D 1414 0.59 31.09 5.20
C VAL D 1414 1.29 30.65 6.47
N ALA D 1415 0.66 30.85 7.64
CA ALA D 1415 1.26 30.29 8.84
C ALA D 1415 0.45 29.13 9.38
N ASN D 1416 -0.83 29.35 9.64
CA ASN D 1416 -1.66 28.33 10.26
C ASN D 1416 -2.43 27.50 9.26
N ILE D 1417 -2.14 27.62 7.96
CA ILE D 1417 -2.87 26.86 6.95
C ILE D 1417 -1.93 26.00 6.13
N LEU D 1418 -0.89 26.61 5.56
CA LEU D 1418 -0.04 25.91 4.61
C LEU D 1418 1.09 25.13 5.27
N LEU D 1419 1.89 25.54 6.06
CA LEU D 1419 3.01 24.76 6.59
C LEU D 1419 2.58 23.81 7.69
N VAL D 1420 1.53 24.32 8.55
CA VAL D 1420 1.09 23.36 9.56
C VAL D 1420 0.56 22.10 8.90
N ASN D 1421 -0.22 22.26 7.82
CA ASN D 1421 -0.72 21.09 7.11
C ASN D 1421 0.36 20.41 6.29
N LEU D 1422 1.45 21.10 5.98
CA LEU D 1422 2.61 20.42 5.42
C LEU D 1422 3.35 19.62 6.49
N LEU D 1423 3.40 20.14 7.71
CA LEU D 1423 4.03 19.42 8.81
C LEU D 1423 3.25 18.17 9.18
N ILE D 1424 1.92 18.25 9.15
CA ILE D 1424 1.09 17.07 9.44
C ILE D 1424 1.26 16.04 8.34
N ALA D 1425 1.42 16.47 7.08
CA ALA D 1425 1.61 15.53 5.99
C ALA D 1425 2.98 14.86 6.06
N VAL D 1426 3.99 15.57 6.56
CA VAL D 1426 5.33 15.00 6.62
C VAL D 1426 5.65 14.35 7.95
N PHE D 1427 4.66 14.22 8.82
CA PHE D 1427 4.86 13.50 10.08
C PHE D 1427 3.86 12.38 10.11
N ASN D 1428 3.25 12.20 8.85
CA ASN D 1428 2.32 11.11 8.75
C ASN D 1428 2.87 10.12 7.76
N ASN D 1429 3.55 10.48 6.76
CA ASN D 1429 4.14 9.54 5.80
C ASN D 1429 5.61 9.33 6.08
N THR D 1430 6.03 9.56 7.29
CA THR D 1430 7.35 9.17 7.75
C THR D 1430 7.30 8.15 8.86
N PHE D 1431 6.11 7.80 9.33
CA PHE D 1431 5.95 6.92 10.48
C PHE D 1431 6.27 5.48 10.14
N PHE D 1432 5.96 5.06 8.91
CA PHE D 1432 6.03 3.66 8.51
C PHE D 1432 7.47 3.14 8.40
N GLU D 1433 8.46 4.02 8.38
CA GLU D 1433 9.85 3.62 8.42
C GLU D 1433 10.47 3.75 9.81
N VAL D 1434 10.15 4.84 10.52
CA VAL D 1434 10.77 5.08 11.82
C VAL D 1434 10.20 4.11 12.86
N LYS D 1435 8.97 3.62 12.66
CA LYS D 1435 8.42 2.60 13.54
C LYS D 1435 9.16 1.28 13.37
N SER D 1436 9.59 0.96 12.16
CA SER D 1436 10.38 -0.25 11.95
C SER D 1436 11.82 -0.07 12.43
N ILE D 1437 12.35 1.15 12.38
CA ILE D 1437 13.73 1.38 12.82
C ILE D 1437 13.83 1.32 14.34
N SER D 1438 12.93 1.99 15.05
CA SER D 1438 13.03 2.09 16.51
C SER D 1438 12.83 0.75 17.21
N ASN D 1439 12.02 -0.13 16.61
CA ASN D 1439 11.84 -1.48 17.13
C ASN D 1439 13.14 -2.28 17.10
N GLN D 1440 14.00 -2.05 16.11
CA GLN D 1440 15.32 -2.64 16.09
C GLN D 1440 16.26 -1.96 17.08
N VAL D 1441 16.21 -0.62 17.14
CA VAL D 1441 17.20 0.12 17.93
C VAL D 1441 17.00 -0.11 19.42
N TRP D 1442 15.76 -0.28 19.87
CA TRP D 1442 15.51 -0.56 21.29
C TRP D 1442 16.00 -1.95 21.69
N LYS D 1443 15.69 -2.95 20.86
CA LYS D 1443 16.13 -4.33 21.14
C LYS D 1443 17.63 -4.46 21.03
N PHE D 1444 18.29 -3.57 20.27
CA PHE D 1444 19.74 -3.54 20.34
C PHE D 1444 20.23 -2.88 21.61
N GLN D 1445 19.70 -1.71 21.98
CA GLN D 1445 20.29 -0.95 23.06
C GLN D 1445 19.90 -1.45 24.44
N ARG D 1446 19.11 -2.53 24.55
CA ARG D 1446 18.96 -3.15 25.86
C ARG D 1446 20.27 -3.73 26.40
N TYR D 1447 21.16 -4.16 25.50
CA TYR D 1447 22.40 -4.80 25.92
C TYR D 1447 23.32 -3.85 26.67
N GLN D 1448 23.37 -2.59 26.24
CA GLN D 1448 24.20 -1.60 26.90
C GLN D 1448 23.73 -1.36 28.33
N LEU D 1449 22.42 -1.37 28.55
CA LEU D 1449 21.85 -1.21 29.88
C LEU D 1449 22.20 -2.40 30.77
N ILE D 1450 22.05 -3.61 30.23
CA ILE D 1450 22.24 -4.81 31.06
C ILE D 1450 23.72 -4.99 31.41
N MET D 1451 24.63 -4.64 30.50
CA MET D 1451 26.04 -4.70 30.87
C MET D 1451 26.49 -3.45 31.60
N THR D 1452 25.64 -2.42 31.66
CA THR D 1452 25.97 -1.29 32.51
C THR D 1452 25.72 -1.61 33.98
N PHE D 1453 24.92 -1.95 34.56
CA PHE D 1453 24.73 -2.03 36.01
C PHE D 1453 25.40 -3.13 36.78
N HIS D 1454 25.92 -4.24 35.94
CA HIS D 1454 26.77 -5.10 36.80
C HIS D 1454 27.85 -4.27 37.48
N GLU D 1455 28.23 -3.12 36.62
CA GLU D 1455 29.40 -2.31 37.07
C GLU D 1455 29.21 -1.22 38.15
N ARG D 1456 28.00 -0.90 38.51
CA ARG D 1456 27.76 0.21 39.43
C ARG D 1456 27.51 -0.42 40.77
N PRO D 1457 28.06 0.12 41.82
CA PRO D 1457 27.88 -0.52 43.13
C PRO D 1457 26.44 -0.75 43.59
N VAL D 1458 26.23 -1.51 44.68
CA VAL D 1458 24.92 -1.85 45.21
C VAL D 1458 24.32 -0.66 45.97
N LEU D 1459 25.18 0.08 46.65
CA LEU D 1459 24.76 1.17 47.50
C LEU D 1459 24.22 2.34 46.67
N PRO D 1460 23.34 3.16 47.24
CA PRO D 1460 22.81 4.33 46.49
C PRO D 1460 23.89 5.39 46.29
N PRO D 1461 23.70 6.30 45.34
CA PRO D 1461 24.71 7.34 45.08
C PRO D 1461 24.93 8.31 46.24
N PRO D 1462 23.93 8.68 47.07
CA PRO D 1462 24.30 9.42 48.29
C PRO D 1462 24.95 8.58 49.37
N LEU D 1463 25.12 7.27 49.16
CA LEU D 1463 25.86 6.43 50.09
C LEU D 1463 27.00 5.68 49.43
N ILE D 1464 27.33 6.03 48.18
CA ILE D 1464 28.32 5.28 47.41
C ILE D 1464 29.74 5.55 47.89
N ILE D 1465 29.93 6.51 48.80
CA ILE D 1465 31.25 6.87 49.31
C ILE D 1465 31.91 5.71 50.05
N PHE D 1466 31.11 4.83 50.65
CA PHE D 1466 31.65 3.64 51.31
C PHE D 1466 32.28 2.69 50.29
N SER D 1467 31.58 2.43 49.18
CA SER D 1467 32.12 1.52 48.17
C SER D 1467 33.31 2.14 47.45
N HIS D 1468 33.28 3.44 47.18
CA HIS D 1468 34.42 4.11 46.56
C HIS D 1468 35.63 4.11 47.49
N MET D 1469 35.42 4.27 48.79
CA MET D 1469 36.59 4.27 49.67
C MET D 1469 37.10 2.86 49.93
N THR D 1470 36.25 1.84 49.80
CA THR D 1470 36.79 0.48 49.79
C THR D 1470 37.55 0.19 48.50
N MET D 1471 37.35 0.73 47.43
CA MET D 1471 38.19 0.46 46.29
C MET D 1471 39.48 1.20 46.53
N ILE D 1472 39.30 2.57 46.87
CA ILE D 1472 40.55 3.28 47.11
C ILE D 1472 41.40 2.57 48.17
N PHE D 1473 40.76 1.82 49.07
CA PHE D 1473 41.48 1.05 50.09
C PHE D 1473 42.38 0.00 49.46
N GLN D 1474 41.91 -0.65 48.40
CA GLN D 1474 42.75 -1.58 47.64
C GLN D 1474 42.29 -1.66 46.19
N LEU D 1496 31.16 -17.56 30.26
CA LEU D 1496 30.85 -18.85 30.89
C LEU D 1496 32.00 -19.81 30.64
N PHE D 1497 32.74 -20.14 31.68
CA PHE D 1497 33.87 -21.05 31.57
C PHE D 1497 33.34 -22.48 31.47
N ILE D 1498 33.84 -23.23 30.48
CA ILE D 1498 33.37 -24.59 30.24
C ILE D 1498 34.56 -25.55 30.18
N THR D 1499 34.25 -26.83 30.28
CA THR D 1499 35.27 -27.88 30.24
C THR D 1499 35.49 -28.35 28.81
N ASP D 1500 36.19 -29.47 28.64
CA ASP D 1500 36.64 -29.92 27.33
C ASP D 1500 35.66 -30.86 26.64
N ASP D 1501 34.87 -31.62 27.40
CA ASP D 1501 33.95 -32.56 26.77
C ASP D 1501 32.70 -31.87 26.26
N GLU D 1502 32.14 -30.95 27.05
CA GLU D 1502 31.03 -30.13 26.58
C GLU D 1502 31.46 -29.24 25.43
N LEU D 1503 32.73 -28.83 25.40
CA LEU D 1503 33.29 -28.13 24.24
C LEU D 1503 33.21 -28.99 22.98
N LYS D 1504 33.52 -30.28 23.11
CA LYS D 1504 33.44 -31.18 21.96
C LYS D 1504 31.99 -31.40 21.54
N LYS D 1505 31.08 -31.40 22.52
CA LYS D 1505 29.65 -31.43 22.20
C LYS D 1505 29.23 -30.19 21.42
N VAL D 1506 29.77 -29.03 21.80
CA VAL D 1506 29.47 -27.78 21.09
C VAL D 1506 29.99 -27.81 19.67
N HIS D 1507 31.23 -28.31 19.47
CA HIS D 1507 31.80 -28.41 18.13
C HIS D 1507 31.01 -29.37 17.25
N ASP D 1508 30.42 -30.38 17.87
CA ASP D 1508 29.55 -31.29 17.09
C ASP D 1508 28.21 -30.59 16.86
N PHE D 1509 27.70 -29.86 17.84
CA PHE D 1509 26.35 -29.27 17.61
C PHE D 1509 26.45 -28.35 16.41
N GLU D 1510 27.54 -27.59 16.36
CA GLU D 1510 27.74 -26.66 15.22
C GLU D 1510 27.85 -27.48 13.93
N GLU D 1511 28.58 -28.60 13.95
CA GLU D 1511 28.81 -29.36 12.70
C GLU D 1511 27.47 -29.84 12.18
N GLN D 1512 26.60 -30.31 13.07
CA GLN D 1512 25.33 -30.78 12.48
C GLN D 1512 24.67 -29.58 11.84
N CYS D 1513 24.68 -28.44 12.52
CA CYS D 1513 23.93 -27.31 11.94
C CYS D 1513 24.51 -26.82 10.60
N ILE D 1514 25.85 -26.71 10.48
CA ILE D 1514 26.39 -26.10 9.22
C ILE D 1514 25.98 -27.01 8.06
N GLU D 1515 26.18 -28.31 8.19
CA GLU D 1515 25.90 -29.20 7.04
C GLU D 1515 24.40 -29.12 6.76
N GLU D 1516 23.60 -29.10 7.82
CA GLU D 1516 22.14 -29.10 7.60
C GLU D 1516 21.79 -27.83 6.83
N TYR D 1517 22.40 -26.70 7.19
CA TYR D 1517 21.97 -25.46 6.49
C TYR D 1517 22.23 -25.66 5.01
N PHE D 1518 23.42 -26.16 4.67
CA PHE D 1518 23.74 -26.26 3.22
C PHE D 1518 22.76 -27.25 2.59
N ARG D 1519 22.51 -28.36 3.28
CA ARG D 1519 21.65 -29.37 2.63
C ARG D 1519 20.29 -28.72 2.47
N GLU D 1520 19.77 -28.13 3.54
CA GLU D 1520 18.43 -27.57 3.45
C GLU D 1520 18.35 -26.49 2.38
N LYS D 1521 19.44 -25.74 2.19
CA LYS D 1521 19.44 -24.72 1.14
C LYS D 1521 19.37 -25.37 -0.25
N ASP D 1522 20.07 -26.49 -0.42
CA ASP D 1522 20.07 -27.19 -1.70
C ASP D 1522 18.73 -27.84 -1.97
N ASP D 1523 18.10 -28.41 -0.93
CA ASP D 1523 16.78 -29.02 -1.12
C ASP D 1523 15.70 -27.97 -1.35
N ARG D 1524 15.85 -26.78 -0.76
CA ARG D 1524 14.92 -25.71 -1.06
C ARG D 1524 15.17 -25.15 -2.46
N PHE D 1525 16.40 -25.23 -2.95
CA PHE D 1525 16.68 -24.75 -4.30
C PHE D 1525 16.12 -25.69 -5.36
N ASN D 1526 16.49 -26.98 -5.31
CA ASN D 1526 16.19 -27.89 -6.41
C ASN D 1526 14.75 -28.40 -6.42
N SER D 1527 13.86 -27.86 -5.59
CA SER D 1527 12.45 -28.24 -5.60
C SER D 1527 11.60 -27.13 -6.20
N SER D 1528 12.19 -25.97 -6.44
CA SER D 1528 11.49 -24.82 -6.99
C SER D 1528 11.21 -25.04 -8.47
N ASN D 1529 10.29 -24.25 -9.00
CA ASN D 1529 9.88 -24.40 -10.40
C ASN D 1529 10.97 -23.93 -11.35
N ASP D 1530 11.80 -23.00 -10.90
CA ASP D 1530 12.75 -22.31 -11.75
C ASP D 1530 13.93 -23.17 -12.16
N GLU D 1531 14.05 -24.37 -11.60
CA GLU D 1531 15.00 -25.35 -12.09
C GLU D 1531 14.30 -26.52 -12.78
N ARG D 1532 13.10 -26.89 -12.29
CA ARG D 1532 12.31 -27.95 -12.86
C ARG D 1532 11.84 -27.65 -14.28
N ILE D 1533 11.77 -26.38 -14.66
CA ILE D 1533 11.50 -26.05 -16.06
C ILE D 1533 12.77 -26.08 -16.89
N ARG D 1534 13.85 -25.51 -16.37
CA ARG D 1534 15.04 -25.28 -17.18
C ARG D 1534 15.78 -26.57 -17.47
N VAL D 1535 15.69 -27.56 -16.57
CA VAL D 1535 16.33 -28.82 -16.93
C VAL D 1535 15.46 -29.61 -17.92
N THR D 1536 14.12 -29.53 -17.81
CA THR D 1536 13.29 -30.38 -18.64
C THR D 1536 13.21 -29.83 -20.06
N SER D 1537 13.52 -28.55 -20.27
CA SER D 1537 13.57 -28.02 -21.63
C SER D 1537 14.69 -28.69 -22.44
N GLU D 1538 15.90 -28.73 -21.89
CA GLU D 1538 17.00 -29.33 -22.63
C GLU D 1538 16.89 -30.86 -22.66
N ARG D 1539 16.25 -31.46 -21.65
CA ARG D 1539 15.90 -32.88 -21.74
C ARG D 1539 14.99 -33.15 -22.94
N VAL D 1540 14.00 -32.27 -23.16
CA VAL D 1540 13.09 -32.42 -24.29
C VAL D 1540 13.82 -32.32 -25.62
N GLU D 1541 14.71 -31.33 -25.78
CA GLU D 1541 15.37 -31.21 -27.08
C GLU D 1541 16.37 -32.34 -27.33
N ASN D 1542 16.99 -32.87 -26.27
CA ASN D 1542 17.88 -34.01 -26.43
C ASN D 1542 17.12 -35.26 -26.85
N MET D 1543 15.95 -35.50 -26.23
CA MET D 1543 15.14 -36.63 -26.65
C MET D 1543 14.61 -36.48 -28.07
N SER D 1544 14.34 -35.25 -28.52
CA SER D 1544 13.86 -35.08 -29.90
C SER D 1544 14.93 -35.41 -30.92
N MET D 1545 16.18 -34.97 -30.67
CA MET D 1545 17.25 -35.29 -31.61
C MET D 1545 17.55 -36.79 -31.62
N ARG D 1546 17.53 -37.43 -30.45
CA ARG D 1546 17.72 -38.88 -30.41
C ARG D 1546 16.56 -39.61 -31.08
N LEU D 1547 15.35 -39.05 -31.02
CA LEU D 1547 14.21 -39.67 -31.68
C LEU D 1547 14.36 -39.65 -33.19
N GLU D 1548 14.87 -38.54 -33.74
CA GLU D 1548 15.03 -38.51 -35.19
C GLU D 1548 16.19 -39.39 -35.67
N GLU D 1549 17.24 -39.54 -34.85
CA GLU D 1549 18.28 -40.51 -35.20
C GLU D 1549 17.76 -41.95 -35.16
N VAL D 1550 16.91 -42.27 -34.17
CA VAL D 1550 16.25 -43.57 -34.13
C VAL D 1550 15.32 -43.76 -35.34
N ASN D 1551 14.72 -42.67 -35.81
CA ASN D 1551 13.85 -42.73 -36.99
C ASN D 1551 14.62 -43.10 -38.24
N GLU D 1552 15.77 -42.45 -38.49
CA GLU D 1552 16.52 -42.80 -39.70
C GLU D 1552 17.13 -44.20 -39.60
N ARG D 1553 17.52 -44.63 -38.38
CA ARG D 1553 17.98 -46.01 -38.23
C ARG D 1553 16.88 -47.02 -38.49
N GLU D 1554 15.65 -46.74 -38.05
CA GLU D 1554 14.55 -47.66 -38.29
C GLU D 1554 14.18 -47.74 -39.76
N HIS D 1555 14.24 -46.63 -40.49
CA HIS D 1555 13.96 -46.70 -41.92
C HIS D 1555 15.06 -47.44 -42.68
N SER D 1556 16.33 -47.31 -42.26
CA SER D 1556 17.38 -48.09 -42.90
C SER D 1556 17.22 -49.59 -42.63
N MET D 1557 16.79 -49.94 -41.40
CA MET D 1557 16.58 -51.36 -41.10
C MET D 1557 15.37 -51.90 -41.83
N LYS D 1558 14.35 -51.06 -42.07
CA LYS D 1558 13.22 -51.47 -42.88
C LYS D 1558 13.64 -51.71 -44.33
#